data_6VTY
#
_entry.id   6VTY
#
_cell.length_a   92.088
_cell.length_b   97.521
_cell.length_c   186.252
_cell.angle_alpha   90.000
_cell.angle_beta   90.000
_cell.angle_gamma   90.000
#
_symmetry.space_group_name_H-M   'P 21 21 21'
#
loop_
_entity.id
_entity.type
_entity.pdbx_description
1 polymer 'Dihydroorotate dehydrogenase (quinone), mitochondrial'
2 non-polymer 'ethyl 3,5-dimethyl-4-{[4-(trifluoromethyl)phenyl]methyl}-1H-pyrrole-2-carboxylate'
3 non-polymer 'FLAVIN MONONUCLEOTIDE'
4 non-polymer 'OROTIC ACID'
5 water water
#
_entity_poly.entity_id   1
_entity_poly.type   'polypeptide(L)'
_entity_poly.pdbx_seq_one_letter_code
;MGHHHHHHAENLYFQGADPFESYNPEFFLYDIFLKFCLKYIDGEICHDLFLLLGKYNILPYDTSNDSIYACTNIKHLDFI
NPFGVAAGFDKNGVCIDSILKLGFSFIEIGTITPRGQTGNAKPRIFRDVESRSIINSCGFNNMGCDKVTENLILFRKRQE
EDKLLSKHIVGVSIGKNKDTVNIVDDLKYCINKIGRYADYIAINVSSPNTPGLRDNQEAGKLKNIILSVKEEIDNLEKNN
IMNDESTYNEDNKIVEKKNNFNKNNSHMMKDAKDNFLWFNTTKKKPLVFVKLAPDLNQEQKKEIADVLLETNIDGMIISN
TTTQINDIKSFENKKGGVSGAKLKDISTKFICEMYNYTNKQIPIIASGGIFSGLDALEKIEAGASVCQLYSCLVFNGMKS
AVQIKRELNHLLYQRGYYNLKEAIGRKHSKS
;
_entity_poly.pdbx_strand_id   A,B,C,D
#
# COMPACT_ATOMS: atom_id res chain seq x y z
N ALA A 17 24.00 -4.44 33.29
CA ALA A 17 25.19 -4.23 34.13
C ALA A 17 26.12 -3.16 33.52
N ASP A 18 26.90 -2.52 34.37
CA ASP A 18 27.92 -1.60 33.90
C ASP A 18 28.96 -2.37 33.09
N PRO A 19 29.25 -1.97 31.84
CA PRO A 19 30.25 -2.70 31.08
C PRO A 19 31.67 -2.54 31.65
N PHE A 20 31.91 -1.59 32.56
CA PHE A 20 33.27 -1.32 33.01
C PHE A 20 33.54 -1.77 34.43
N GLU A 21 32.48 -1.98 35.24
CA GLU A 21 32.70 -2.21 36.66
C GLU A 21 32.99 -3.66 37.04
N SER A 22 32.71 -4.63 36.17
CA SER A 22 32.59 -6.03 36.57
C SER A 22 32.69 -6.92 35.31
N TYR A 23 33.26 -8.10 35.50
CA TYR A 23 33.26 -9.17 34.52
C TYR A 23 31.88 -9.83 34.39
N ASN A 24 31.10 -9.38 33.45
CA ASN A 24 29.75 -9.88 33.27
C ASN A 24 29.54 -9.97 31.74
N PRO A 25 28.40 -10.45 31.26
CA PRO A 25 28.30 -10.66 29.79
C PRO A 25 28.34 -9.37 29.03
N GLU A 26 28.08 -8.28 29.69
CA GLU A 26 28.16 -7.00 29.05
C GLU A 26 29.53 -6.35 29.15
N PHE A 27 30.56 -7.06 29.67
CA PHE A 27 31.89 -6.49 29.85
C PHE A 27 32.38 -5.84 28.57
N PHE A 28 32.92 -4.61 28.72
CA PHE A 28 33.25 -3.74 27.60
C PHE A 28 34.33 -4.38 26.74
N LEU A 29 35.23 -5.15 27.35
CA LEU A 29 36.37 -5.61 26.57
C LEU A 29 35.92 -6.53 25.45
N TYR A 30 34.87 -7.30 25.68
CA TYR A 30 34.38 -8.18 24.61
C TYR A 30 33.77 -7.39 23.45
N ASP A 31 33.22 -6.21 23.71
CA ASP A 31 32.73 -5.38 22.61
C ASP A 31 33.90 -4.82 21.79
N ILE A 32 35.00 -4.49 22.44
CA ILE A 32 36.20 -4.06 21.71
C ILE A 32 36.73 -5.22 20.85
N PHE A 33 36.79 -6.41 21.41
CA PHE A 33 37.25 -7.54 20.61
C PHE A 33 36.28 -7.82 19.46
N LEU A 34 34.98 -7.74 19.71
CA LEU A 34 33.98 -7.99 18.67
C LEU A 34 34.16 -7.03 17.50
N LYS A 35 34.31 -5.74 17.79
CA LYS A 35 34.47 -4.78 16.69
C LYS A 35 35.73 -5.10 15.86
N PHE A 36 36.82 -5.47 16.53
CA PHE A 36 38.06 -5.81 15.85
C PHE A 36 37.86 -7.03 14.97
N CYS A 37 37.29 -8.09 15.54
CA CYS A 37 36.92 -9.30 14.78
C CYS A 37 36.11 -8.97 13.54
N LEU A 38 35.03 -8.20 13.71
CA LEU A 38 34.13 -7.95 12.57
C LEU A 38 34.82 -7.21 11.43
N LYS A 39 35.78 -6.37 11.77
CA LYS A 39 36.48 -5.57 10.79
C LYS A 39 37.59 -6.36 10.11
N TYR A 40 38.30 -7.20 10.85
CA TYR A 40 39.59 -7.66 10.38
C TYR A 40 39.73 -9.17 10.27
N ILE A 41 38.88 -9.97 10.89
CA ILE A 41 39.21 -11.37 11.05
C ILE A 41 38.18 -12.24 10.33
N ASP A 42 38.67 -13.25 9.60
CA ASP A 42 37.80 -14.22 8.94
C ASP A 42 36.71 -14.74 9.87
N GLY A 43 35.50 -14.91 9.33
CA GLY A 43 34.36 -15.26 10.17
C GLY A 43 34.54 -16.59 10.90
N GLU A 44 34.91 -17.66 10.18
CA GLU A 44 35.07 -18.96 10.86
C GLU A 44 36.18 -18.93 11.92
N ILE A 45 37.27 -18.16 11.70
CA ILE A 45 38.27 -17.98 12.73
C ILE A 45 37.71 -17.22 13.96
N CYS A 46 36.93 -16.15 13.75
CA CYS A 46 36.28 -15.47 14.87
C CYS A 46 35.45 -16.46 15.69
N HIS A 47 34.68 -17.30 14.98
CA HIS A 47 33.80 -18.27 15.62
C HIS A 47 34.61 -19.29 16.40
N ASP A 48 35.67 -19.83 15.79
CA ASP A 48 36.56 -20.75 16.49
C ASP A 48 37.14 -20.08 17.75
N LEU A 49 37.48 -18.79 17.67
CA LEU A 49 38.03 -18.15 18.87
C LEU A 49 36.98 -18.10 19.97
N PHE A 50 35.74 -17.76 19.63
CA PHE A 50 34.68 -17.80 20.62
C PHE A 50 34.57 -19.17 21.25
N LEU A 51 34.58 -20.21 20.44
CA LEU A 51 34.44 -21.53 21.00
C LEU A 51 35.66 -21.90 21.87
N LEU A 52 36.86 -21.43 21.50
CA LEU A 52 38.07 -21.72 22.31
C LEU A 52 37.92 -21.12 23.72
N LEU A 53 37.48 -19.88 23.79
CA LEU A 53 37.26 -19.25 25.08
C LEU A 53 36.19 -19.96 25.87
N GLY A 54 35.10 -20.38 25.22
CA GLY A 54 34.08 -21.10 25.97
C GLY A 54 34.54 -22.45 26.46
N LYS A 55 35.31 -23.17 25.63
CA LYS A 55 35.76 -24.49 26.05
C LYS A 55 36.58 -24.38 27.33
N TYR A 56 37.33 -23.30 27.49
CA TYR A 56 38.14 -23.13 28.70
C TYR A 56 37.46 -22.31 29.78
N ASN A 57 36.16 -22.10 29.65
CA ASN A 57 35.29 -21.56 30.68
C ASN A 57 35.77 -20.17 31.14
N ILE A 58 36.28 -19.40 30.20
CA ILE A 58 36.74 -18.05 30.44
C ILE A 58 35.58 -17.05 30.34
N LEU A 59 34.51 -17.39 29.66
CA LEU A 59 33.52 -16.39 29.28
C LEU A 59 32.67 -16.02 30.48
N PRO A 60 32.13 -14.78 30.51
CA PRO A 60 31.36 -14.38 31.69
C PRO A 60 30.07 -15.19 31.77
N TYR A 61 29.41 -15.15 32.95
CA TYR A 61 28.14 -15.84 33.22
C TYR A 61 27.04 -14.81 33.46
N ASP A 62 25.82 -15.12 33.07
CA ASP A 62 24.61 -14.41 33.52
C ASP A 62 24.02 -15.19 34.70
N THR A 63 24.14 -14.65 35.89
CA THR A 63 23.65 -15.33 37.09
C THR A 63 22.25 -14.81 37.51
N SER A 64 21.60 -13.99 36.69
CA SER A 64 20.30 -13.41 37.03
C SER A 64 19.18 -14.45 37.01
N ASN A 65 18.19 -14.30 37.88
CA ASN A 65 16.90 -14.98 37.74
C ASN A 65 16.21 -14.49 36.48
N ASP A 66 15.89 -15.37 35.59
CA ASP A 66 15.08 -14.87 34.47
C ASP A 66 13.65 -14.53 34.94
N SER A 67 13.01 -13.56 34.28
CA SER A 67 11.64 -13.21 34.63
C SER A 67 10.67 -14.40 34.52
N ILE A 68 9.88 -14.68 35.58
CA ILE A 68 8.94 -15.78 35.45
C ILE A 68 7.87 -15.48 34.39
N TYR A 69 7.69 -14.21 34.04
CA TYR A 69 6.69 -13.83 33.05
C TYR A 69 7.15 -13.99 31.61
N ALA A 70 8.37 -14.47 31.36
CA ALA A 70 8.86 -14.75 30.02
C ALA A 70 9.25 -16.21 29.89
N CYS A 71 8.84 -17.08 30.80
CA CYS A 71 9.10 -18.48 30.55
C CYS A 71 8.14 -18.97 29.45
N THR A 72 8.44 -20.15 28.93
CA THR A 72 7.67 -20.75 27.86
C THR A 72 7.89 -22.26 27.87
N ASN A 73 7.01 -22.96 27.18
CA ASN A 73 7.12 -24.40 27.12
C ASN A 73 6.72 -24.91 25.75
N ILE A 74 7.25 -26.08 25.40
CA ILE A 74 6.66 -26.89 24.34
C ILE A 74 6.41 -28.25 24.95
N LYS A 75 5.13 -28.63 25.14
CA LYS A 75 4.73 -29.78 25.96
C LYS A 75 5.50 -29.74 27.28
N HIS A 76 6.21 -30.81 27.67
CA HIS A 76 6.94 -30.86 28.94
C HIS A 76 8.31 -30.21 28.90
N LEU A 77 8.72 -29.67 27.76
CA LEU A 77 9.93 -28.88 27.72
C LEU A 77 9.67 -27.51 28.31
N ASP A 78 10.25 -27.22 29.47
CA ASP A 78 10.00 -25.98 30.20
C ASP A 78 11.23 -25.11 30.03
N PHE A 79 11.14 -24.12 29.15
CA PHE A 79 12.22 -23.18 28.93
C PHE A 79 12.18 -22.05 29.98
N ILE A 80 13.32 -21.81 30.63
CA ILE A 80 13.35 -20.82 31.69
C ILE A 80 13.28 -19.42 31.15
N ASN A 81 13.62 -19.26 29.88
CA ASN A 81 13.45 -18.01 29.16
C ASN A 81 13.29 -18.38 27.69
N PRO A 82 12.94 -17.43 26.87
CA PRO A 82 12.56 -17.82 25.51
C PRO A 82 13.66 -17.75 24.48
N PHE A 83 14.94 -17.74 24.86
CA PHE A 83 16.02 -17.61 23.90
C PHE A 83 17.00 -18.77 23.99
N GLY A 84 17.21 -19.45 22.87
CA GLY A 84 18.20 -20.49 22.76
C GLY A 84 19.16 -20.15 21.62
N VAL A 85 20.17 -20.99 21.50
CA VAL A 85 21.16 -20.90 20.43
C VAL A 85 20.84 -21.96 19.39
N ALA A 86 20.77 -21.51 18.15
CA ALA A 86 20.43 -22.32 16.99
C ALA A 86 21.51 -23.36 16.70
N ALA A 87 21.11 -24.35 15.89
CA ALA A 87 22.03 -25.33 15.37
C ALA A 87 23.12 -24.67 14.51
N GLY A 88 24.24 -25.37 14.41
CA GLY A 88 25.35 -24.94 13.59
C GLY A 88 26.30 -24.03 14.38
N PHE A 89 25.97 -23.70 15.64
CA PHE A 89 26.77 -22.73 16.41
C PHE A 89 27.84 -23.49 17.22
N ASP A 90 27.41 -24.52 17.91
CA ASP A 90 28.29 -25.50 18.58
C ASP A 90 27.99 -26.85 17.94
N LYS A 91 28.52 -27.04 16.75
CA LYS A 91 28.23 -28.25 15.99
C LYS A 91 28.65 -29.47 16.77
N ASN A 92 29.75 -29.36 17.50
CA ASN A 92 30.33 -30.56 18.12
C ASN A 92 30.09 -30.67 19.62
N GLY A 93 29.27 -29.80 20.18
CA GLY A 93 28.93 -29.87 21.58
C GLY A 93 30.14 -29.62 22.45
N VAL A 94 31.07 -28.79 22.00
CA VAL A 94 32.31 -28.58 22.77
C VAL A 94 32.27 -27.51 23.84
N CYS A 95 31.28 -26.64 23.81
CA CYS A 95 31.14 -25.66 24.87
C CYS A 95 29.73 -25.30 25.22
N ILE A 96 28.97 -26.34 25.45
CA ILE A 96 27.64 -26.23 25.82
C ILE A 96 27.44 -25.38 27.09
N ASP A 97 28.23 -25.70 28.10
CA ASP A 97 28.06 -25.03 29.39
C ASP A 97 28.24 -23.53 29.24
N SER A 98 29.34 -23.11 28.60
CA SER A 98 29.68 -21.68 28.54
C SER A 98 28.69 -20.90 27.71
N ILE A 99 28.19 -21.50 26.64
CA ILE A 99 27.16 -20.85 25.84
C ILE A 99 25.90 -20.66 26.64
N LEU A 100 25.40 -21.74 27.28
CA LEU A 100 24.18 -21.63 28.06
C LEU A 100 24.30 -20.54 29.12
N LYS A 101 25.43 -20.51 29.81
CA LYS A 101 25.68 -19.60 30.93
C LYS A 101 25.83 -18.12 30.50
N LEU A 102 25.89 -17.84 29.21
CA LEU A 102 25.75 -16.45 28.75
C LEU A 102 24.34 -15.92 28.95
N GLY A 103 23.39 -16.79 29.26
CA GLY A 103 22.02 -16.35 29.53
C GLY A 103 20.96 -17.03 28.70
N PHE A 104 21.33 -18.09 27.94
CA PHE A 104 20.38 -18.78 27.09
C PHE A 104 19.68 -19.89 27.86
N SER A 105 18.46 -20.25 27.45
CA SER A 105 17.73 -21.35 28.10
C SER A 105 17.97 -22.72 27.47
N PHE A 106 18.45 -22.73 26.24
CA PHE A 106 18.66 -23.96 25.50
C PHE A 106 19.62 -23.77 24.37
N ILE A 107 20.16 -24.89 23.91
CA ILE A 107 21.02 -24.95 22.74
C ILE A 107 20.70 -26.18 21.94
N GLU A 108 20.77 -26.04 20.61
CA GLU A 108 20.62 -27.10 19.63
C GLU A 108 22.00 -27.38 19.07
N ILE A 109 22.65 -28.48 19.56
CA ILE A 109 23.99 -28.84 19.08
C ILE A 109 23.85 -29.56 17.74
N GLY A 110 24.94 -29.71 17.02
CA GLY A 110 24.86 -30.28 15.69
C GLY A 110 24.69 -29.15 14.70
N THR A 111 24.31 -29.48 13.46
CA THR A 111 23.87 -30.80 13.02
C THR A 111 25.01 -31.82 13.01
N ILE A 112 24.76 -33.01 13.54
CA ILE A 112 25.77 -34.08 13.51
C ILE A 112 25.41 -35.05 12.41
N THR A 113 26.40 -35.86 12.03
CA THR A 113 26.23 -36.98 11.11
C THR A 113 26.86 -38.20 11.72
N PRO A 114 26.55 -39.42 11.21
CA PRO A 114 27.12 -40.61 11.85
C PRO A 114 28.62 -40.62 11.91
N ARG A 115 29.29 -40.32 10.78
CA ARG A 115 30.75 -40.33 10.71
C ARG A 115 31.25 -38.89 10.71
N GLY A 116 32.45 -38.64 11.21
CA GLY A 116 32.98 -37.28 11.16
C GLY A 116 33.24 -36.91 9.71
N GLN A 117 33.11 -35.63 9.37
CA GLN A 117 33.54 -35.17 8.05
C GLN A 117 33.97 -33.72 8.10
N THR A 118 34.77 -33.35 7.11
CA THR A 118 35.39 -32.03 7.11
C THR A 118 34.49 -30.91 6.59
N GLY A 119 33.45 -31.23 5.87
CA GLY A 119 32.72 -30.20 5.18
C GLY A 119 33.43 -29.67 3.95
N ASN A 120 32.95 -28.53 3.46
CA ASN A 120 33.45 -27.93 2.23
C ASN A 120 34.72 -27.12 2.49
N ALA A 121 35.48 -26.88 1.42
CA ALA A 121 36.74 -26.14 1.53
C ALA A 121 36.45 -24.74 2.07
N LYS A 122 37.42 -24.20 2.83
CA LYS A 122 37.38 -22.86 3.40
C LYS A 122 37.97 -21.87 2.41
N PRO A 123 37.56 -20.58 2.38
CA PRO A 123 36.59 -19.94 3.28
C PRO A 123 35.20 -20.33 2.87
N ARG A 124 34.36 -20.57 3.85
CA ARG A 124 32.99 -20.99 3.63
C ARG A 124 31.98 -20.23 4.47
N ILE A 125 32.37 -19.18 5.20
CA ILE A 125 31.46 -18.35 5.98
C ILE A 125 31.87 -16.92 5.70
N PHE A 126 30.90 -16.06 5.37
CA PHE A 126 31.19 -14.66 5.07
C PHE A 126 30.13 -13.78 5.68
N ARG A 127 30.52 -12.60 6.15
CA ARG A 127 29.60 -11.69 6.81
C ARG A 127 29.46 -10.44 5.96
N ASP A 128 28.29 -9.84 6.06
CA ASP A 128 28.05 -8.50 5.53
C ASP A 128 27.59 -7.64 6.71
N VAL A 129 28.49 -6.87 7.31
CA VAL A 129 28.12 -6.13 8.53
C VAL A 129 27.00 -5.13 8.24
N GLU A 130 27.06 -4.44 7.11
CA GLU A 130 26.11 -3.36 6.82
C GLU A 130 24.67 -3.88 6.90
N SER A 131 24.45 -5.10 6.41
CA SER A 131 23.12 -5.70 6.37
C SER A 131 22.89 -6.72 7.47
N ARG A 132 23.83 -6.86 8.41
CA ARG A 132 23.76 -7.86 9.46
C ARG A 132 23.36 -9.22 8.92
N SER A 133 24.02 -9.65 7.83
CA SER A 133 23.70 -10.89 7.15
C SER A 133 24.98 -11.76 7.13
N ILE A 134 24.79 -13.07 6.97
CA ILE A 134 25.85 -14.07 6.89
C ILE A 134 25.47 -14.98 5.74
N ILE A 135 26.48 -15.50 5.00
CA ILE A 135 26.26 -16.59 4.07
C ILE A 135 27.23 -17.69 4.44
N ASN A 136 26.75 -18.93 4.39
CA ASN A 136 27.67 -20.02 4.64
C ASN A 136 27.44 -21.17 3.70
N SER A 137 28.51 -21.92 3.45
CA SER A 137 28.49 -23.17 2.70
C SER A 137 29.29 -24.23 3.44
N CYS A 138 28.99 -24.43 4.72
CA CYS A 138 29.79 -25.29 5.57
C CYS A 138 29.77 -26.73 5.13
N GLY A 139 28.57 -27.29 4.86
CA GLY A 139 28.45 -28.68 4.40
C GLY A 139 28.52 -29.76 5.49
N PHE A 140 27.99 -29.43 6.68
CA PHE A 140 27.91 -30.35 7.82
C PHE A 140 29.30 -30.82 8.29
N ASN A 141 30.21 -29.88 8.50
CA ASN A 141 31.49 -30.20 9.12
C ASN A 141 31.18 -30.59 10.58
N ASN A 142 31.52 -31.80 10.99
CA ASN A 142 31.37 -32.12 12.40
C ASN A 142 32.25 -33.31 12.72
N MET A 143 32.47 -33.55 14.03
CA MET A 143 33.33 -34.63 14.52
C MET A 143 32.67 -35.98 14.45
N GLY A 144 31.36 -36.03 14.16
CA GLY A 144 30.69 -37.30 14.09
C GLY A 144 29.96 -37.67 15.37
N CYS A 145 28.96 -38.51 15.19
CA CYS A 145 28.00 -38.77 16.25
C CYS A 145 28.70 -39.35 17.49
N ASP A 146 29.67 -40.24 17.29
CA ASP A 146 30.26 -40.90 18.46
C ASP A 146 30.98 -39.90 19.38
N LYS A 147 31.80 -39.04 18.80
CA LYS A 147 32.52 -38.05 19.59
C LYS A 147 31.57 -37.00 20.18
N VAL A 148 30.60 -36.54 19.40
CA VAL A 148 29.68 -35.52 19.94
C VAL A 148 28.83 -36.11 21.07
N THR A 149 28.46 -37.40 20.96
CA THR A 149 27.80 -38.10 22.06
C THR A 149 28.64 -38.07 23.32
N GLU A 150 29.95 -38.40 23.19
CA GLU A 150 30.84 -38.32 24.34
C GLU A 150 30.86 -36.93 24.95
N ASN A 151 30.91 -35.90 24.10
CA ASN A 151 30.84 -34.53 24.60
C ASN A 151 29.53 -34.26 25.35
N LEU A 152 28.39 -34.62 24.78
CA LEU A 152 27.13 -34.39 25.47
C LEU A 152 27.04 -35.17 26.78
N ILE A 153 27.60 -36.39 26.83
CA ILE A 153 27.56 -37.16 28.08
C ILE A 153 28.34 -36.45 29.17
N LEU A 154 29.47 -35.85 28.81
CA LEU A 154 30.24 -35.14 29.83
C LEU A 154 29.49 -33.90 30.33
N PHE A 155 28.82 -33.20 29.41
CA PHE A 155 27.96 -32.08 29.81
C PHE A 155 26.90 -32.58 30.79
N ARG A 156 26.27 -33.68 30.47
CA ARG A 156 25.15 -34.10 31.29
C ARG A 156 25.63 -34.43 32.70
N LYS A 157 26.82 -34.99 32.78
CA LYS A 157 27.42 -35.28 34.10
C LYS A 157 27.77 -34.00 34.88
N ARG A 158 28.32 -32.98 34.21
CA ARG A 158 28.53 -31.71 34.88
C ARG A 158 27.20 -31.09 35.29
N GLN A 159 26.18 -31.20 34.43
CA GLN A 159 24.87 -30.60 34.71
C GLN A 159 24.24 -31.15 36.01
N GLU A 160 24.39 -32.45 36.30
CA GLU A 160 23.83 -32.99 37.55
C GLU A 160 24.35 -32.25 38.78
N GLU A 161 25.58 -31.72 38.71
CA GLU A 161 26.28 -31.11 39.83
C GLU A 161 26.28 -29.58 39.79
N ASP A 162 25.43 -28.93 38.98
CA ASP A 162 25.54 -27.49 38.77
C ASP A 162 24.20 -26.76 38.91
N LYS A 163 24.20 -25.86 39.89
CA LYS A 163 23.06 -24.97 40.12
C LYS A 163 22.69 -24.14 38.90
N LEU A 164 23.64 -23.78 38.09
CA LEU A 164 23.35 -22.89 37.00
C LEU A 164 22.75 -23.63 35.81
N LEU A 165 22.93 -24.94 35.73
CA LEU A 165 22.65 -25.68 34.48
C LEU A 165 21.46 -26.62 34.59
N SER A 166 20.95 -26.82 35.80
CA SER A 166 19.95 -27.86 36.16
C SER A 166 18.72 -27.86 35.25
N LYS A 167 18.22 -26.69 34.81
CA LYS A 167 16.99 -26.68 34.02
C LYS A 167 17.21 -26.31 32.55
N HIS A 168 18.44 -26.23 32.12
CA HIS A 168 18.71 -25.89 30.73
C HIS A 168 18.46 -27.08 29.85
N ILE A 169 18.07 -26.79 28.60
CA ILE A 169 17.67 -27.80 27.64
C ILE A 169 18.70 -27.90 26.54
N VAL A 170 18.96 -29.15 26.10
CA VAL A 170 19.85 -29.44 24.96
C VAL A 170 19.13 -30.34 23.95
N GLY A 171 18.97 -29.81 22.77
CA GLY A 171 18.49 -30.61 21.66
C GLY A 171 19.66 -30.98 20.78
N VAL A 172 19.44 -31.96 19.92
CA VAL A 172 20.46 -32.43 18.99
C VAL A 172 19.89 -32.45 17.59
N SER A 173 20.52 -31.71 16.67
CA SER A 173 20.14 -31.70 15.28
C SER A 173 20.88 -32.83 14.54
N ILE A 174 20.15 -33.61 13.75
CA ILE A 174 20.70 -34.78 13.05
C ILE A 174 20.48 -34.66 11.54
N GLY A 175 21.50 -35.08 10.79
CA GLY A 175 21.53 -35.02 9.38
C GLY A 175 22.15 -36.25 8.74
N LYS A 176 22.69 -36.15 7.55
CA LYS A 176 23.27 -37.32 6.92
C LYS A 176 24.66 -36.99 6.41
N ASN A 177 25.50 -38.02 6.36
CA ASN A 177 26.82 -37.87 5.78
C ASN A 177 26.69 -37.58 4.28
N LYS A 178 27.79 -37.03 3.73
CA LYS A 178 27.79 -36.52 2.38
C LYS A 178 27.45 -37.58 1.34
N ASP A 179 27.90 -38.83 1.55
CA ASP A 179 27.65 -39.86 0.54
C ASP A 179 26.55 -40.84 0.94
N THR A 180 25.72 -40.51 1.92
CA THR A 180 24.62 -41.41 2.29
C THR A 180 23.46 -41.32 1.31
N VAL A 181 23.01 -42.48 0.84
CA VAL A 181 21.95 -42.53 -0.14
C VAL A 181 20.60 -42.32 0.52
N ASN A 182 20.34 -43.07 1.59
CA ASN A 182 19.05 -43.02 2.28
C ASN A 182 19.21 -42.37 3.64
N ILE A 183 18.68 -41.17 3.78
CA ILE A 183 18.89 -40.35 4.95
C ILE A 183 18.41 -41.06 6.22
N VAL A 184 17.39 -41.92 6.12
CA VAL A 184 16.87 -42.54 7.34
C VAL A 184 17.92 -43.45 8.02
N ASP A 185 18.80 -44.09 7.24
CA ASP A 185 19.86 -44.88 7.86
C ASP A 185 20.69 -44.03 8.80
N ASP A 186 21.01 -42.81 8.38
CA ASP A 186 21.86 -41.98 9.19
C ASP A 186 21.09 -41.45 10.38
N LEU A 187 19.82 -41.04 10.19
CA LEU A 187 19.06 -40.55 11.34
C LEU A 187 18.92 -41.62 12.41
N LYS A 188 18.69 -42.87 12.00
CA LYS A 188 18.56 -43.93 12.97
C LYS A 188 19.84 -44.16 13.75
N TYR A 189 20.99 -44.17 13.06
CA TYR A 189 22.28 -44.35 13.74
C TYR A 189 22.42 -43.32 14.85
N CYS A 190 22.19 -42.06 14.51
CA CYS A 190 22.37 -40.99 15.49
C CYS A 190 21.41 -41.17 16.64
N ILE A 191 20.14 -41.44 16.36
CA ILE A 191 19.21 -41.63 17.45
C ILE A 191 19.71 -42.69 18.41
N ASN A 192 20.13 -43.84 17.88
CA ASN A 192 20.55 -44.91 18.77
C ASN A 192 21.79 -44.56 19.56
N LYS A 193 22.65 -43.65 19.09
CA LYS A 193 23.85 -43.28 19.85
C LYS A 193 23.60 -42.17 20.88
N ILE A 194 22.83 -41.15 20.50
CA ILE A 194 22.76 -39.90 21.26
C ILE A 194 21.38 -39.60 21.83
N GLY A 195 20.36 -40.35 21.41
CA GLY A 195 18.98 -39.97 21.70
C GLY A 195 18.68 -39.95 23.19
N ARG A 196 19.36 -40.82 23.96
CA ARG A 196 19.10 -40.92 25.39
C ARG A 196 19.56 -39.67 26.13
N TYR A 197 20.42 -38.84 25.52
CA TYR A 197 21.01 -37.66 26.16
C TYR A 197 20.40 -36.36 25.69
N ALA A 198 19.43 -36.43 24.81
CA ALA A 198 18.83 -35.26 24.18
C ALA A 198 17.48 -35.00 24.79
N ASP A 199 17.12 -33.71 24.93
CA ASP A 199 15.78 -33.31 25.34
C ASP A 199 14.81 -33.30 24.16
N TYR A 200 15.35 -33.04 22.98
CA TYR A 200 14.68 -33.15 21.69
C TYR A 200 15.69 -33.42 20.60
N ILE A 201 15.17 -33.96 19.51
CA ILE A 201 15.90 -34.24 18.29
C ILE A 201 15.28 -33.34 17.23
N ALA A 202 16.12 -32.64 16.51
CA ALA A 202 15.73 -31.83 15.41
C ALA A 202 16.14 -32.55 14.12
N ILE A 203 15.19 -32.82 13.26
CA ILE A 203 15.47 -33.46 11.96
C ILE A 203 15.80 -32.39 10.95
N ASN A 204 17.04 -32.41 10.45
CA ASN A 204 17.53 -31.42 9.49
C ASN A 204 17.31 -31.89 8.09
N VAL A 205 16.19 -31.45 7.51
CA VAL A 205 15.91 -31.70 6.10
C VAL A 205 15.95 -30.37 5.36
N SER A 206 16.72 -29.40 5.86
CA SER A 206 16.65 -28.09 5.26
C SER A 206 17.96 -27.37 5.01
N SER A 207 19.11 -28.00 5.25
CA SER A 207 20.36 -27.41 4.83
C SER A 207 20.39 -27.18 3.33
N PRO A 208 20.75 -25.98 2.87
CA PRO A 208 20.98 -25.77 1.45
C PRO A 208 22.32 -26.21 0.96
N ASN A 209 23.16 -26.73 1.84
CA ASN A 209 24.53 -27.04 1.50
C ASN A 209 24.81 -28.50 1.40
N THR A 210 23.78 -29.31 1.46
CA THR A 210 23.91 -30.73 1.20
C THR A 210 23.03 -31.00 0.00
N PRO A 211 23.60 -31.18 -1.18
CA PRO A 211 22.75 -31.31 -2.37
C PRO A 211 21.72 -32.40 -2.21
N GLY A 212 20.45 -32.08 -2.53
CA GLY A 212 19.35 -33.00 -2.46
C GLY A 212 18.70 -33.14 -1.09
N LEU A 213 19.26 -32.55 -0.04
CA LEU A 213 18.70 -32.77 1.29
C LEU A 213 17.27 -32.22 1.37
N ARG A 214 17.05 -31.03 0.81
CA ARG A 214 15.73 -30.40 0.90
C ARG A 214 14.63 -31.13 0.13
N ASP A 215 14.99 -32.02 -0.82
CA ASP A 215 14.02 -32.87 -1.45
C ASP A 215 13.27 -33.70 -0.44
N ASN A 216 13.87 -33.95 0.74
CA ASN A 216 13.19 -34.75 1.74
C ASN A 216 12.04 -33.98 2.44
N GLN A 217 11.81 -32.71 2.13
CA GLN A 217 10.57 -32.06 2.57
C GLN A 217 9.34 -32.41 1.76
N GLU A 218 9.48 -33.08 0.60
CA GLU A 218 8.36 -33.60 -0.11
C GLU A 218 7.54 -34.49 0.80
N ALA A 219 6.21 -34.34 0.71
CA ALA A 219 5.33 -34.88 1.75
C ALA A 219 5.58 -36.35 2.02
N GLY A 220 5.63 -37.17 0.95
CA GLY A 220 5.76 -38.61 1.15
C GLY A 220 7.08 -38.98 1.81
N LYS A 221 8.17 -38.33 1.37
CA LYS A 221 9.49 -38.58 1.96
C LYS A 221 9.55 -38.10 3.39
N LEU A 222 8.98 -36.93 3.65
CA LEU A 222 9.00 -36.35 4.98
C LEU A 222 8.21 -37.17 5.95
N LYS A 223 7.03 -37.64 5.56
CA LYS A 223 6.24 -38.50 6.43
C LYS A 223 7.02 -39.76 6.84
N ASN A 224 7.61 -40.45 5.87
CA ASN A 224 8.38 -41.65 6.20
C ASN A 224 9.55 -41.33 7.12
N ILE A 225 10.19 -40.17 6.93
CA ILE A 225 11.31 -39.79 7.79
C ILE A 225 10.83 -39.58 9.21
N ILE A 226 9.75 -38.83 9.37
CA ILE A 226 9.29 -38.52 10.72
C ILE A 226 8.87 -39.80 11.45
N LEU A 227 8.07 -40.63 10.79
CA LEU A 227 7.61 -41.89 11.39
C LEU A 227 8.80 -42.79 11.74
N SER A 228 9.79 -42.88 10.86
CA SER A 228 11.00 -43.67 11.18
C SER A 228 11.73 -43.13 12.41
N VAL A 229 11.91 -41.81 12.47
CA VAL A 229 12.58 -41.19 13.62
C VAL A 229 11.81 -41.46 14.91
N LYS A 230 10.48 -41.23 14.92
CA LYS A 230 9.67 -41.51 16.12
C LYS A 230 9.74 -42.98 16.52
N GLU A 231 9.68 -43.91 15.55
CA GLU A 231 9.78 -45.33 15.84
C GLU A 231 11.12 -45.66 16.49
N GLU A 232 12.20 -45.06 15.98
CA GLU A 232 13.50 -45.37 16.54
C GLU A 232 13.61 -44.84 17.96
N ILE A 233 13.11 -43.63 18.20
CA ILE A 233 13.13 -43.07 19.55
C ILE A 233 12.30 -43.94 20.48
N ASP A 234 11.10 -44.34 20.02
CA ASP A 234 10.24 -45.22 20.81
C ASP A 234 10.90 -46.53 21.12
N ASN A 235 11.79 -47.03 20.25
CA ASN A 235 12.45 -48.31 20.49
C ASN A 235 13.61 -48.21 21.50
N LEU A 236 14.09 -47.00 21.80
CA LEU A 236 15.18 -46.88 22.77
C LEU A 236 14.82 -47.48 24.11
N GLU A 237 13.59 -47.30 24.57
CA GLU A 237 13.27 -47.93 25.85
C GLU A 237 13.19 -49.45 25.72
N LYS A 238 12.60 -49.95 24.64
CA LYS A 238 12.51 -51.40 24.45
C LYS A 238 13.90 -52.03 24.46
N ASN A 239 14.83 -51.45 23.71
CA ASN A 239 16.14 -52.07 23.58
C ASN A 239 16.95 -51.94 24.86
N ASN A 240 16.68 -50.92 25.66
CA ASN A 240 17.38 -50.69 26.90
C ASN A 240 16.46 -50.90 28.10
N PHE A 276 17.36 -44.01 34.85
CA PHE A 276 18.65 -44.29 34.26
C PHE A 276 18.61 -44.08 32.73
N LEU A 277 17.49 -44.45 32.08
CA LEU A 277 17.48 -44.43 30.62
C LEU A 277 17.67 -43.01 30.11
N TRP A 278 16.86 -42.07 30.58
CA TRP A 278 16.84 -40.74 29.97
C TRP A 278 17.79 -39.87 30.76
N PHE A 279 19.02 -39.74 30.26
CA PHE A 279 20.08 -38.97 30.92
C PHE A 279 20.12 -37.57 30.29
N ASN A 280 19.00 -36.87 30.49
CA ASN A 280 18.76 -35.55 29.90
C ASN A 280 18.07 -34.68 30.95
N THR A 281 17.51 -33.54 30.51
CA THR A 281 16.90 -32.65 31.47
C THR A 281 15.48 -33.05 31.80
N THR A 282 14.72 -33.47 30.79
CA THR A 282 13.31 -33.77 30.95
C THR A 282 13.11 -35.09 31.68
N LYS A 283 14.11 -35.96 31.72
CA LYS A 283 13.96 -37.36 32.16
C LYS A 283 12.88 -38.11 31.39
N LYS A 284 12.69 -37.72 30.14
CA LYS A 284 11.71 -38.34 29.26
C LYS A 284 12.31 -38.50 27.87
N LYS A 285 11.65 -39.33 27.06
CA LYS A 285 12.13 -39.50 25.70
C LYS A 285 12.16 -38.16 24.97
N PRO A 286 13.11 -37.97 24.07
CA PRO A 286 13.22 -36.69 23.36
C PRO A 286 12.01 -36.45 22.49
N LEU A 287 11.57 -35.21 22.48
CA LEU A 287 10.60 -34.75 21.54
C LEU A 287 11.22 -34.70 20.14
N VAL A 288 10.36 -34.65 19.14
CA VAL A 288 10.82 -34.64 17.74
C VAL A 288 10.39 -33.36 17.06
N PHE A 289 11.36 -32.62 16.57
CA PHE A 289 11.10 -31.39 15.80
C PHE A 289 11.63 -31.54 14.36
N VAL A 290 11.03 -30.85 13.41
CA VAL A 290 11.59 -30.81 12.05
C VAL A 290 12.03 -29.38 11.77
N LYS A 291 13.20 -29.18 11.17
CA LYS A 291 13.63 -27.84 10.77
C LYS A 291 13.40 -27.68 9.26
N LEU A 292 12.61 -26.67 8.90
CA LEU A 292 12.16 -26.46 7.53
C LEU A 292 12.90 -25.30 6.86
N ALA A 293 13.00 -25.41 5.53
CA ALA A 293 13.62 -24.46 4.62
C ALA A 293 12.61 -23.38 4.29
N PRO A 294 13.06 -22.15 4.14
CA PRO A 294 12.16 -21.05 3.78
C PRO A 294 11.82 -21.00 2.29
N ASP A 295 12.61 -21.67 1.43
CA ASP A 295 12.44 -21.55 0.00
C ASP A 295 11.49 -22.63 -0.51
N LEU A 296 10.20 -22.34 -0.30
CA LEU A 296 9.07 -23.25 -0.56
C LEU A 296 7.88 -22.46 -1.09
N ASN A 297 7.09 -23.04 -2.01
CA ASN A 297 5.85 -22.38 -2.38
C ASN A 297 4.69 -22.78 -1.48
N GLN A 298 3.55 -22.13 -1.69
CA GLN A 298 2.42 -22.39 -0.80
C GLN A 298 1.92 -23.85 -0.86
N GLU A 299 1.92 -24.47 -2.05
CA GLU A 299 1.51 -25.87 -2.17
C GLU A 299 2.40 -26.77 -1.34
N GLN A 300 3.73 -26.59 -1.40
CA GLN A 300 4.66 -27.33 -0.59
C GLN A 300 4.41 -27.10 0.90
N LYS A 301 4.24 -25.85 1.29
CA LYS A 301 4.01 -25.55 2.70
C LYS A 301 2.77 -26.26 3.22
N LYS A 302 1.72 -26.27 2.40
CA LYS A 302 0.45 -26.86 2.80
C LYS A 302 0.56 -28.37 2.90
N GLU A 303 1.28 -29.03 1.97
CA GLU A 303 1.43 -30.48 2.11
C GLU A 303 2.33 -30.87 3.26
N ILE A 304 3.30 -30.03 3.58
CA ILE A 304 4.15 -30.26 4.74
C ILE A 304 3.31 -30.12 6.01
N ALA A 305 2.50 -29.07 6.09
CA ALA A 305 1.63 -28.92 7.25
C ALA A 305 0.75 -30.15 7.50
N ASP A 306 0.14 -30.67 6.43
CA ASP A 306 -0.70 -31.86 6.55
C ASP A 306 0.10 -33.03 7.12
N VAL A 307 1.32 -33.24 6.63
CA VAL A 307 2.17 -34.31 7.16
C VAL A 307 2.50 -34.09 8.64
N LEU A 308 2.86 -32.86 9.02
CA LEU A 308 3.19 -32.61 10.42
C LEU A 308 2.01 -32.89 11.34
N LEU A 309 0.79 -32.57 10.88
CA LEU A 309 -0.39 -32.85 11.65
C LEU A 309 -0.64 -34.35 11.73
N GLU A 310 -0.48 -35.04 10.59
CA GLU A 310 -0.75 -36.46 10.52
C GLU A 310 0.20 -37.31 11.37
N THR A 311 1.43 -36.84 11.51
CA THR A 311 2.46 -37.59 12.19
C THR A 311 2.59 -37.21 13.65
N ASN A 312 1.85 -36.21 14.11
CA ASN A 312 1.95 -35.74 15.51
C ASN A 312 3.37 -35.33 15.90
N ILE A 313 4.07 -34.67 14.97
CA ILE A 313 5.35 -34.09 15.30
C ILE A 313 5.18 -33.07 16.43
N ASP A 314 6.23 -32.94 17.27
CA ASP A 314 6.12 -32.15 18.49
C ASP A 314 6.36 -30.65 18.27
N GLY A 315 7.02 -30.29 17.18
CA GLY A 315 7.37 -28.92 16.94
C GLY A 315 7.99 -28.76 15.56
N MET A 316 8.00 -27.52 15.09
CA MET A 316 8.65 -27.20 13.85
C MET A 316 9.51 -25.95 14.05
N ILE A 317 10.75 -26.03 13.54
CA ILE A 317 11.73 -24.95 13.62
C ILE A 317 11.64 -24.22 12.29
N ILE A 318 11.25 -22.97 12.35
CA ILE A 318 11.01 -22.14 11.19
C ILE A 318 11.90 -20.92 11.35
N SER A 319 13.00 -20.83 10.58
CA SER A 319 13.41 -21.66 9.50
C SER A 319 14.95 -21.70 9.43
N ASN A 320 15.41 -22.47 8.42
CA ASN A 320 16.80 -22.55 8.05
C ASN A 320 17.13 -21.32 7.17
N THR A 321 18.34 -21.30 6.63
CA THR A 321 18.80 -20.23 5.75
C THR A 321 18.12 -20.26 4.38
N THR A 322 18.22 -19.15 3.68
CA THR A 322 17.60 -19.02 2.37
C THR A 322 18.65 -18.95 1.28
N THR A 323 18.27 -19.42 0.10
CA THR A 323 19.11 -19.28 -1.06
C THR A 323 18.71 -18.11 -1.95
N GLN A 324 17.66 -17.37 -1.57
CA GLN A 324 16.91 -16.47 -2.46
C GLN A 324 17.18 -15.01 -2.19
N ILE A 325 18.24 -14.69 -1.48
CA ILE A 325 18.61 -13.30 -1.25
C ILE A 325 19.78 -13.00 -2.21
N ASN A 326 19.62 -11.95 -3.01
CA ASN A 326 20.57 -11.64 -4.07
C ASN A 326 20.84 -10.16 -4.19
N ASP A 327 20.47 -9.35 -3.19
CA ASP A 327 20.73 -7.92 -3.19
C ASP A 327 21.77 -7.54 -2.13
N ILE A 328 22.69 -8.46 -1.81
CA ILE A 328 23.84 -8.20 -0.95
C ILE A 328 25.09 -8.28 -1.82
N LYS A 329 25.65 -7.14 -2.14
CA LYS A 329 26.64 -7.10 -3.21
C LYS A 329 27.89 -7.89 -2.84
N SER A 330 28.28 -7.86 -1.58
CA SER A 330 29.50 -8.57 -1.18
C SER A 330 29.29 -10.09 -1.16
N PHE A 331 28.05 -10.59 -1.29
CA PHE A 331 27.78 -12.02 -1.42
C PHE A 331 27.63 -12.47 -2.90
N GLU A 332 27.79 -11.57 -3.84
CA GLU A 332 27.35 -11.90 -5.21
C GLU A 332 28.05 -13.12 -5.78
N ASN A 333 29.31 -13.31 -5.49
CA ASN A 333 29.96 -14.49 -6.05
C ASN A 333 29.90 -15.72 -5.14
N LYS A 334 29.08 -15.75 -4.09
CA LYS A 334 29.25 -16.74 -3.04
C LYS A 334 28.13 -17.76 -3.04
N LYS A 335 28.47 -18.98 -2.65
CA LYS A 335 27.54 -20.07 -2.48
C LYS A 335 26.98 -20.11 -1.08
N GLY A 336 25.79 -20.68 -0.98
CA GLY A 336 25.36 -21.11 0.33
C GLY A 336 24.04 -20.52 0.75
N GLY A 337 23.74 -20.60 2.04
CA GLY A 337 22.51 -20.06 2.59
C GLY A 337 22.74 -18.83 3.39
N VAL A 338 21.77 -17.86 3.31
CA VAL A 338 21.87 -16.57 3.96
C VAL A 338 21.06 -16.56 5.26
N SER A 339 21.70 -16.07 6.32
CA SER A 339 21.15 -15.85 7.63
C SER A 339 21.08 -14.35 7.91
N GLY A 340 20.44 -14.01 9.02
CA GLY A 340 20.51 -12.70 9.65
C GLY A 340 19.40 -11.76 9.25
N ALA A 341 19.68 -10.47 9.21
CA ALA A 341 18.59 -9.50 9.14
C ALA A 341 17.81 -9.61 7.82
N LYS A 342 18.46 -9.99 6.72
CA LYS A 342 17.72 -10.14 5.46
C LYS A 342 16.84 -11.39 5.39
N LEU A 343 16.94 -12.29 6.36
CA LEU A 343 16.04 -13.42 6.49
C LEU A 343 14.85 -13.14 7.39
N LYS A 344 14.84 -12.02 8.09
CA LYS A 344 13.87 -11.90 9.15
C LYS A 344 12.44 -11.94 8.58
N ASP A 345 12.14 -11.08 7.60
CA ASP A 345 10.77 -10.95 7.10
C ASP A 345 10.29 -12.24 6.42
N ILE A 346 11.16 -12.86 5.63
CA ILE A 346 10.84 -14.15 5.00
C ILE A 346 10.41 -15.20 6.05
N SER A 347 11.20 -15.33 7.13
CA SER A 347 10.92 -16.37 8.09
C SER A 347 9.75 -16.04 8.99
N THR A 348 9.54 -14.77 9.32
CA THR A 348 8.33 -14.40 10.07
C THR A 348 7.07 -14.68 9.28
N LYS A 349 7.06 -14.31 8.00
CA LYS A 349 5.91 -14.62 7.17
C LYS A 349 5.66 -16.14 7.14
N PHE A 350 6.72 -16.94 6.99
CA PHE A 350 6.59 -18.41 6.96
C PHE A 350 6.04 -18.97 8.28
N ILE A 351 6.46 -18.42 9.42
CA ILE A 351 5.82 -18.72 10.71
C ILE A 351 4.27 -18.50 10.65
N CYS A 352 3.83 -17.32 10.19
CA CYS A 352 2.41 -17.02 10.12
C CYS A 352 1.68 -18.03 9.26
N GLU A 353 2.28 -18.33 8.12
CA GLU A 353 1.67 -19.29 7.21
C GLU A 353 1.50 -20.67 7.87
N MET A 354 2.60 -21.23 8.42
CA MET A 354 2.57 -22.59 9.02
C MET A 354 1.69 -22.63 10.25
N TYR A 355 1.68 -21.54 11.04
CA TYR A 355 0.78 -21.50 12.19
C TYR A 355 -0.66 -21.66 11.73
N ASN A 356 -1.02 -20.96 10.67
CA ASN A 356 -2.38 -21.09 10.14
C ASN A 356 -2.61 -22.47 9.52
N TYR A 357 -1.69 -22.92 8.65
CA TYR A 357 -1.86 -24.17 7.92
C TYR A 357 -1.94 -25.38 8.85
N THR A 358 -1.33 -25.33 10.03
CA THR A 358 -1.43 -26.39 11.03
C THR A 358 -2.46 -26.06 12.12
N ASN A 359 -3.31 -25.09 11.87
CA ASN A 359 -4.41 -24.72 12.80
C ASN A 359 -3.92 -24.55 14.24
N LYS A 360 -2.72 -24.03 14.37
CA LYS A 360 -2.13 -23.64 15.64
C LYS A 360 -1.83 -24.82 16.56
N GLN A 361 -1.79 -26.04 15.99
CA GLN A 361 -1.65 -27.27 16.74
C GLN A 361 -0.22 -27.73 16.83
N ILE A 362 0.72 -27.08 16.15
CA ILE A 362 2.11 -27.54 16.14
C ILE A 362 2.98 -26.41 16.66
N PRO A 363 3.57 -26.54 17.85
CA PRO A 363 4.43 -25.44 18.36
C PRO A 363 5.59 -25.10 17.43
N ILE A 364 5.95 -23.82 17.45
CA ILE A 364 6.94 -23.27 16.54
C ILE A 364 8.14 -22.72 17.29
N ILE A 365 9.32 -23.17 16.89
CA ILE A 365 10.60 -22.56 17.32
C ILE A 365 11.08 -21.61 16.24
N ALA A 366 11.18 -20.33 16.55
CA ALA A 366 11.52 -19.35 15.54
C ALA A 366 13.03 -19.25 15.33
N SER A 367 13.45 -19.19 14.08
CA SER A 367 14.84 -18.89 13.73
C SER A 367 14.87 -18.00 12.49
N GLY A 368 15.62 -16.90 12.54
CA GLY A 368 15.86 -16.08 11.36
C GLY A 368 15.73 -14.59 11.63
N GLY A 369 16.89 -13.97 11.72
CA GLY A 369 16.93 -12.53 11.78
C GLY A 369 16.47 -11.92 13.10
N ILE A 370 16.59 -12.62 14.21
CA ILE A 370 16.20 -12.07 15.52
C ILE A 370 17.43 -11.41 16.14
N PHE A 371 17.37 -10.11 16.31
CA PHE A 371 18.43 -9.30 16.96
C PHE A 371 17.95 -8.57 18.21
N SER A 372 16.74 -8.09 18.20
CA SER A 372 16.21 -7.24 19.27
C SER A 372 14.98 -7.89 19.93
N GLY A 373 14.60 -7.27 21.06
CA GLY A 373 13.36 -7.65 21.74
C GLY A 373 12.14 -7.53 20.86
N LEU A 374 12.06 -6.45 20.09
CA LEU A 374 10.95 -6.29 19.12
C LEU A 374 10.93 -7.41 18.08
N ASP A 375 12.12 -7.80 17.56
CA ASP A 375 12.17 -8.90 16.59
C ASP A 375 11.62 -10.19 17.21
N ALA A 376 11.96 -10.42 18.46
CA ALA A 376 11.49 -11.60 19.16
C ALA A 376 9.98 -11.55 19.36
N LEU A 377 9.47 -10.38 19.75
CA LEU A 377 8.05 -10.27 19.97
C LEU A 377 7.33 -10.50 18.67
N GLU A 378 7.91 -10.01 17.58
CA GLU A 378 7.24 -10.22 16.29
C GLU A 378 7.09 -11.71 15.98
N LYS A 379 8.16 -12.48 16.21
CA LYS A 379 8.14 -13.93 16.03
C LYS A 379 7.08 -14.60 16.92
N ILE A 380 7.02 -14.19 18.17
CA ILE A 380 6.09 -14.77 19.14
C ILE A 380 4.67 -14.47 18.75
N GLU A 381 4.40 -13.20 18.42
CA GLU A 381 3.05 -12.85 18.01
C GLU A 381 2.67 -13.56 16.71
N ALA A 382 3.63 -13.85 15.83
CA ALA A 382 3.34 -14.62 14.59
C ALA A 382 2.98 -16.08 14.85
N GLY A 383 3.32 -16.57 16.01
CA GLY A 383 3.07 -17.96 16.32
C GLY A 383 4.12 -18.75 17.04
N ALA A 384 5.33 -18.19 17.26
CA ALA A 384 6.44 -18.92 17.86
C ALA A 384 6.24 -18.98 19.36
N SER A 385 6.62 -20.12 19.93
CA SER A 385 6.67 -20.26 21.38
C SER A 385 8.03 -19.91 21.96
N VAL A 386 9.10 -20.01 21.19
CA VAL A 386 10.48 -19.81 21.67
C VAL A 386 11.30 -19.40 20.46
N CYS A 387 12.44 -18.73 20.70
CA CYS A 387 13.31 -18.13 19.67
C CYS A 387 14.70 -18.78 19.76
N GLN A 388 15.35 -18.95 18.63
CA GLN A 388 16.75 -19.27 18.56
C GLN A 388 17.51 -18.11 17.92
N LEU A 389 18.68 -17.87 18.46
CA LEU A 389 19.63 -16.88 17.93
C LEU A 389 20.82 -17.56 17.30
N TYR A 390 21.44 -16.87 16.32
CA TYR A 390 22.74 -17.21 15.74
C TYR A 390 23.39 -15.92 15.29
N SER A 391 22.83 -15.28 14.27
CA SER A 391 23.48 -14.06 13.78
C SER A 391 23.56 -12.99 14.86
N CYS A 392 22.59 -12.93 15.76
CA CYS A 392 22.67 -11.94 16.84
C CYS A 392 23.97 -12.08 17.63
N LEU A 393 24.39 -13.33 17.92
CA LEU A 393 25.65 -13.52 18.62
C LEU A 393 26.85 -13.11 17.78
N VAL A 394 26.79 -13.26 16.44
CA VAL A 394 27.89 -12.81 15.58
C VAL A 394 28.04 -11.30 15.62
N PHE A 395 26.93 -10.58 15.59
CA PHE A 395 27.02 -9.14 15.37
C PHE A 395 26.92 -8.37 16.67
N ASN A 396 26.38 -8.97 17.72
CA ASN A 396 26.25 -8.34 19.03
CA ASN A 396 26.30 -8.32 19.02
C ASN A 396 27.10 -9.00 20.13
N GLY A 397 27.62 -10.21 19.92
CA GLY A 397 28.63 -10.75 20.81
C GLY A 397 28.10 -11.29 22.12
N MET A 398 28.98 -11.26 23.12
CA MET A 398 28.77 -11.95 24.38
C MET A 398 27.52 -11.46 25.10
N LYS A 399 27.14 -10.18 24.91
CA LYS A 399 26.04 -9.59 25.64
C LYS A 399 24.67 -9.92 25.06
N SER A 400 24.59 -10.75 24.03
CA SER A 400 23.35 -10.87 23.27
C SER A 400 22.17 -11.35 24.09
N ALA A 401 22.37 -12.37 24.94
CA ALA A 401 21.24 -12.95 25.66
C ALA A 401 20.75 -11.98 26.74
N VAL A 402 21.68 -11.40 27.50
CA VAL A 402 21.28 -10.49 28.56
C VAL A 402 20.51 -9.30 27.96
N GLN A 403 21.03 -8.76 26.85
CA GLN A 403 20.41 -7.60 26.21
C GLN A 403 19.05 -7.93 25.66
N ILE A 404 18.92 -9.02 24.93
CA ILE A 404 17.65 -9.33 24.30
C ILE A 404 16.56 -9.74 25.30
N LYS A 405 16.90 -10.42 26.42
CA LYS A 405 15.90 -10.72 27.45
C LYS A 405 15.34 -9.44 28.04
N ARG A 406 16.22 -8.50 28.37
CA ARG A 406 15.78 -7.24 28.94
C ARG A 406 14.86 -6.51 27.99
N GLU A 407 15.25 -6.41 26.71
CA GLU A 407 14.44 -5.69 25.73
C GLU A 407 13.06 -6.34 25.57
N LEU A 408 13.00 -7.68 25.51
CA LEU A 408 11.69 -8.35 25.45
C LEU A 408 10.87 -8.13 26.72
N ASN A 409 11.49 -8.19 27.90
CA ASN A 409 10.73 -7.96 29.13
C ASN A 409 10.15 -6.55 29.13
N HIS A 410 10.90 -5.56 28.69
CA HIS A 410 10.33 -4.22 28.61
C HIS A 410 9.16 -4.13 27.62
N LEU A 411 9.24 -4.79 26.47
CA LEU A 411 8.13 -4.74 25.52
C LEU A 411 6.91 -5.49 26.03
N LEU A 412 7.08 -6.67 26.62
CA LEU A 412 5.90 -7.35 27.16
C LEU A 412 5.17 -6.45 28.15
N TYR A 413 5.91 -5.70 28.96
CA TYR A 413 5.27 -4.74 29.87
C TYR A 413 4.63 -3.59 29.09
N GLN A 414 5.40 -2.95 28.22
CA GLN A 414 4.87 -1.78 27.53
C GLN A 414 3.64 -2.13 26.70
N ARG A 415 3.60 -3.34 26.13
CA ARG A 415 2.45 -3.76 25.33
C ARG A 415 1.26 -4.25 26.17
N GLY A 416 1.42 -4.45 27.46
CA GLY A 416 0.31 -4.81 28.28
C GLY A 416 0.11 -6.27 28.45
N TYR A 417 1.05 -7.10 28.06
CA TYR A 417 0.92 -8.52 28.26
C TYR A 417 1.25 -8.86 29.69
N TYR A 418 0.49 -9.81 30.24
CA TYR A 418 0.78 -10.36 31.56
C TYR A 418 1.99 -11.26 31.51
N ASN A 419 2.14 -12.06 30.45
CA ASN A 419 3.29 -12.94 30.33
C ASN A 419 3.47 -13.24 28.84
N LEU A 420 4.61 -13.83 28.50
CA LEU A 420 4.88 -14.16 27.10
C LEU A 420 3.85 -15.13 26.49
N LYS A 421 3.40 -16.12 27.26
CA LYS A 421 2.47 -17.09 26.68
C LYS A 421 1.21 -16.40 26.13
N GLU A 422 0.77 -15.32 26.74
CA GLU A 422 -0.42 -14.69 26.16
C GLU A 422 -0.14 -13.94 24.85
N ALA A 423 1.10 -13.71 24.50
CA ALA A 423 1.42 -13.10 23.21
C ALA A 423 1.50 -14.12 22.09
N ILE A 424 1.59 -15.40 22.41
CA ILE A 424 1.92 -16.36 21.37
C ILE A 424 0.79 -16.36 20.37
N GLY A 425 1.11 -16.11 19.11
CA GLY A 425 0.05 -16.17 18.13
C GLY A 425 -0.92 -14.99 18.09
N ARG A 426 -0.64 -13.92 18.84
CA ARG A 426 -1.66 -12.87 18.97
C ARG A 426 -1.89 -12.07 17.69
N LYS A 427 -0.94 -12.07 16.77
CA LYS A 427 -1.17 -11.42 15.49
C LYS A 427 -2.44 -11.94 14.82
N HIS A 428 -2.78 -13.21 15.03
CA HIS A 428 -3.92 -13.88 14.35
C HIS A 428 -5.22 -13.83 15.15
N SER B 22 1.49 9.84 37.11
CA SER B 22 1.95 11.22 37.01
C SER B 22 1.99 11.66 35.55
N TYR B 23 1.62 12.91 35.32
CA TYR B 23 1.40 13.44 33.97
C TYR B 23 2.70 13.98 33.38
N ASN B 24 3.44 13.08 32.77
CA ASN B 24 4.71 13.37 32.11
C ASN B 24 4.68 12.73 30.72
N PRO B 25 5.69 12.94 29.87
CA PRO B 25 5.56 12.40 28.50
C PRO B 25 5.45 10.90 28.49
N GLU B 26 5.83 10.24 29.59
CA GLU B 26 5.73 8.79 29.64
C GLU B 26 4.43 8.36 30.30
N PHE B 27 3.46 9.28 30.40
CA PHE B 27 2.19 9.01 31.03
C PHE B 27 1.53 7.81 30.36
N PHE B 28 1.15 6.81 31.17
CA PHE B 28 0.67 5.55 30.61
C PHE B 28 -0.53 5.77 29.72
N LEU B 29 -1.34 6.79 30.00
CA LEU B 29 -2.60 6.96 29.28
C LEU B 29 -2.36 7.22 27.80
N TYR B 30 -1.43 8.12 27.49
CA TYR B 30 -1.16 8.39 26.09
C TYR B 30 -0.68 7.15 25.34
N ASP B 31 -0.10 6.16 26.04
CA ASP B 31 0.27 4.91 25.37
C ASP B 31 -0.99 4.08 25.07
N ILE B 32 -1.96 4.06 25.99
CA ILE B 32 -3.22 3.41 25.67
C ILE B 32 -3.89 4.09 24.50
N PHE B 33 -3.90 5.42 24.50
CA PHE B 33 -4.50 6.16 23.38
C PHE B 33 -3.75 5.87 22.10
N LEU B 34 -2.42 5.80 22.18
CA LEU B 34 -1.58 5.49 21.02
C LEU B 34 -1.93 4.12 20.44
N LYS B 35 -2.03 3.10 21.30
CA LYS B 35 -2.34 1.76 20.79
C LYS B 35 -3.72 1.74 20.13
N PHE B 36 -4.69 2.46 20.70
CA PHE B 36 -6.00 2.55 20.06
C PHE B 36 -5.90 3.23 18.69
N CYS B 37 -5.25 4.42 18.62
CA CYS B 37 -5.13 5.18 17.37
C CYS B 37 -4.45 4.32 16.32
N LEU B 38 -3.33 3.67 16.68
CA LEU B 38 -2.60 2.86 15.71
C LEU B 38 -3.48 1.73 15.17
N LYS B 39 -4.36 1.20 16.00
CA LYS B 39 -5.17 0.09 15.53
C LYS B 39 -6.35 0.55 14.69
N TYR B 40 -7.02 1.65 15.07
CA TYR B 40 -8.35 1.96 14.57
C TYR B 40 -8.49 3.28 13.82
N ILE B 41 -7.54 4.22 13.90
CA ILE B 41 -7.80 5.59 13.44
C ILE B 41 -6.90 5.93 12.26
N ASP B 42 -7.51 6.57 11.23
CA ASP B 42 -6.77 7.09 10.07
C ASP B 42 -5.55 7.90 10.50
N GLY B 43 -4.45 7.68 9.76
CA GLY B 43 -3.17 8.28 10.15
C GLY B 43 -3.22 9.80 10.20
N GLU B 44 -3.74 10.44 9.15
CA GLU B 44 -3.84 11.90 9.14
C GLU B 44 -4.75 12.42 10.27
N ILE B 45 -5.80 11.67 10.60
CA ILE B 45 -6.66 12.07 11.72
C ILE B 45 -5.91 11.95 13.04
N CYS B 46 -5.16 10.87 13.24
CA CYS B 46 -4.38 10.76 14.47
C CYS B 46 -3.45 11.95 14.60
N HIS B 47 -2.82 12.31 13.48
CA HIS B 47 -1.83 13.38 13.48
C HIS B 47 -2.49 14.71 13.83
N ASP B 48 -3.62 15.02 13.18
CA ASP B 48 -4.33 16.26 13.46
C ASP B 48 -4.82 16.31 14.92
N LEU B 49 -5.11 15.18 15.49
CA LEU B 49 -5.48 15.14 16.91
C LEU B 49 -4.28 15.44 17.82
N PHE B 50 -3.13 14.84 17.53
CA PHE B 50 -1.89 15.22 18.21
C PHE B 50 -1.73 16.72 18.13
N LEU B 51 -1.90 17.29 16.93
CA LEU B 51 -1.63 18.71 16.76
C LEU B 51 -2.66 19.56 17.50
N LEU B 52 -3.89 19.09 17.54
CA LEU B 52 -4.95 19.78 18.30
C LEU B 52 -4.65 19.84 19.81
N LEU B 53 -4.24 18.70 20.38
CA LEU B 53 -3.89 18.66 21.80
C LEU B 53 -2.71 19.57 22.09
N GLY B 54 -1.72 19.61 21.17
CA GLY B 54 -0.60 20.51 21.34
C GLY B 54 -1.00 21.98 21.21
N LYS B 55 -1.89 22.29 20.29
CA LYS B 55 -2.32 23.67 20.12
C LYS B 55 -2.90 24.23 21.42
N TYR B 56 -3.60 23.40 22.18
CA TYR B 56 -4.25 23.82 23.41
C TYR B 56 -3.41 23.52 24.63
N ASN B 57 -2.14 23.21 24.41
CA ASN B 57 -1.14 23.07 25.43
C ASN B 57 -1.54 21.99 26.43
N ILE B 58 -2.24 20.94 25.96
CA ILE B 58 -2.70 19.83 26.81
C ILE B 58 -1.64 18.73 26.97
N LEU B 59 -0.60 18.70 26.15
CA LEU B 59 0.37 17.60 26.15
C LEU B 59 1.36 17.75 27.28
N PRO B 60 1.99 16.66 27.71
CA PRO B 60 2.91 16.73 28.85
C PRO B 60 4.20 17.43 28.44
N TYR B 61 5.01 17.82 29.45
CA TYR B 61 6.27 18.53 29.30
C TYR B 61 7.39 17.65 29.84
N ASP B 62 8.53 17.68 29.16
CA ASP B 62 9.79 17.21 29.72
C ASP B 62 10.51 18.44 30.23
N THR B 63 10.51 18.66 31.53
CA THR B 63 11.25 19.81 32.02
C THR B 63 12.59 19.43 32.64
N SER B 64 13.10 18.23 32.32
CA SER B 64 14.39 17.74 32.80
C SER B 64 15.53 18.52 32.14
N ASN B 65 16.68 18.63 32.85
CA ASN B 65 17.86 19.28 32.26
C ASN B 65 18.48 18.24 31.35
N ASP B 66 18.77 18.58 30.11
CA ASP B 66 19.39 17.60 29.24
C ASP B 66 20.85 17.45 29.59
N SER B 67 21.42 16.26 29.30
CA SER B 67 22.82 16.06 29.61
C SER B 67 23.71 16.98 28.79
N ILE B 68 24.64 17.69 29.46
CA ILE B 68 25.58 18.51 28.73
C ILE B 68 26.48 17.66 27.85
N TYR B 69 26.57 16.36 28.09
CA TYR B 69 27.44 15.57 27.22
C TYR B 69 26.79 15.13 25.93
N ALA B 70 25.50 15.46 25.72
CA ALA B 70 24.81 15.15 24.48
C ALA B 70 24.35 16.38 23.73
N CYS B 71 24.86 17.57 24.09
CA CYS B 71 24.63 18.73 23.26
CA CYS B 71 24.69 18.77 23.28
C CYS B 71 25.41 18.60 21.95
N THR B 72 24.99 19.38 20.95
CA THR B 72 25.65 19.34 19.66
C THR B 72 25.42 20.70 18.99
N ASN B 73 26.12 20.95 17.89
CA ASN B 73 26.05 22.24 17.24
C ASN B 73 26.31 22.07 15.77
N ILE B 74 25.74 22.96 14.97
CA ILE B 74 26.08 23.17 13.58
C ILE B 74 26.46 24.65 13.46
N LYS B 75 27.77 24.94 13.36
CA LYS B 75 28.26 26.34 13.42
C LYS B 75 27.69 26.96 14.68
N HIS B 76 27.01 28.08 14.61
CA HIS B 76 26.48 28.77 15.78
C HIS B 76 25.14 28.26 16.24
N LEU B 77 24.52 27.31 15.52
CA LEU B 77 23.32 26.66 16.06
C LEU B 77 23.72 25.72 17.18
N ASP B 78 23.33 26.05 18.42
CA ASP B 78 23.67 25.27 19.62
C ASP B 78 22.44 24.47 20.03
N PHE B 79 22.44 23.19 19.70
CA PHE B 79 21.31 22.35 20.06
C PHE B 79 21.47 21.88 21.51
N ILE B 80 20.44 22.06 22.33
CA ILE B 80 20.59 21.62 23.73
C ILE B 80 20.61 20.09 23.87
N ASN B 81 20.07 19.38 22.89
CA ASN B 81 20.13 17.93 22.83
C ASN B 81 20.08 17.56 21.36
N PRO B 82 20.32 16.30 21.00
CA PRO B 82 20.54 16.03 19.59
C PRO B 82 19.32 15.59 18.80
N PHE B 83 18.10 15.79 19.36
CA PHE B 83 16.87 15.32 18.73
C PHE B 83 15.89 16.45 18.44
N GLY B 84 15.50 16.53 17.18
CA GLY B 84 14.51 17.50 16.73
C GLY B 84 13.40 16.80 15.96
N VAL B 85 12.41 17.57 15.56
CA VAL B 85 11.32 17.01 14.77
C VAL B 85 11.48 17.43 13.33
N ALA B 86 11.35 16.46 12.42
CA ALA B 86 11.56 16.70 10.99
C ALA B 86 10.42 17.50 10.41
N ALA B 87 10.66 17.99 9.20
CA ALA B 87 9.65 18.68 8.42
C ALA B 87 8.47 17.76 8.11
N GLY B 88 7.33 18.39 7.83
CA GLY B 88 6.14 17.66 7.48
C GLY B 88 5.30 17.28 8.67
N PHE B 89 5.80 17.53 9.90
CA PHE B 89 5.13 17.16 11.15
C PHE B 89 4.20 18.27 11.63
N ASP B 90 4.76 19.47 11.80
CA ASP B 90 4.00 20.70 12.03
C ASP B 90 4.18 21.60 10.79
N LYS B 91 3.47 21.26 9.72
CA LYS B 91 3.63 22.00 8.46
C LYS B 91 3.29 23.48 8.61
N ASN B 92 2.32 23.81 9.47
CA ASN B 92 1.83 25.20 9.56
C ASN B 92 2.32 25.96 10.79
N GLY B 93 3.18 25.33 11.58
CA GLY B 93 3.65 25.97 12.79
C GLY B 93 2.55 26.27 13.78
N VAL B 94 1.63 25.33 13.98
CA VAL B 94 0.51 25.60 14.87
C VAL B 94 0.74 25.08 16.27
N CYS B 95 1.84 24.41 16.48
CA CYS B 95 2.04 23.54 17.64
C CYS B 95 3.49 23.59 18.10
N ILE B 96 4.25 24.64 17.74
CA ILE B 96 5.70 24.62 17.93
C ILE B 96 6.04 24.37 19.39
N ASP B 97 5.44 25.18 20.26
CA ASP B 97 5.81 25.19 21.68
C ASP B 97 5.62 23.81 22.27
N SER B 98 4.43 23.23 22.04
CA SER B 98 4.10 21.97 22.72
C SER B 98 4.95 20.81 22.19
N ILE B 99 5.31 20.84 20.91
CA ILE B 99 6.18 19.81 20.36
C ILE B 99 7.57 19.93 20.97
N LEU B 100 8.17 21.13 20.97
CA LEU B 100 9.48 21.30 21.63
C LEU B 100 9.46 20.83 23.11
N LYS B 101 8.39 21.16 23.83
CA LYS B 101 8.29 20.88 25.26
C LYS B 101 8.09 19.38 25.56
N LEU B 102 7.92 18.54 24.54
CA LEU B 102 8.01 17.10 24.74
C LEU B 102 9.42 16.64 24.98
N GLY B 103 10.41 17.49 24.72
CA GLY B 103 11.77 17.10 25.00
C GLY B 103 12.72 17.33 23.85
N PHE B 104 12.25 17.94 22.77
CA PHE B 104 13.07 18.10 21.59
C PHE B 104 13.87 19.39 21.61
N SER B 105 14.96 19.44 20.86
CA SER B 105 15.74 20.68 20.91
C SER B 105 15.46 21.64 19.77
N PHE B 106 14.79 21.14 18.76
CA PHE B 106 14.45 21.94 17.60
C PHE B 106 13.34 21.29 16.81
N ILE B 107 12.76 22.08 15.89
CA ILE B 107 11.75 21.59 14.96
C ILE B 107 11.95 22.31 13.64
N GLU B 108 11.67 21.60 12.55
CA GLU B 108 11.68 22.16 11.20
C GLU B 108 10.22 22.25 10.77
N ILE B 109 9.67 23.48 10.72
CA ILE B 109 8.28 23.59 10.30
C ILE B 109 8.21 23.64 8.77
N GLY B 110 7.00 23.49 8.21
CA GLY B 110 6.88 23.35 6.79
C GLY B 110 6.83 21.89 6.42
N THR B 111 7.04 21.58 5.14
CA THR B 111 7.43 22.50 4.09
C THR B 111 6.31 23.47 3.73
N ILE B 112 6.61 24.76 3.61
CA ILE B 112 5.62 25.77 3.23
C ILE B 112 5.85 26.21 1.80
N THR B 113 4.82 26.80 1.24
CA THR B 113 4.86 27.30 -0.12
C THR B 113 4.27 28.70 -0.10
N PRO B 114 4.54 29.52 -1.16
CA PRO B 114 4.07 30.92 -1.08
C PRO B 114 2.57 31.04 -0.84
N ARG B 115 1.78 30.33 -1.63
CA ARG B 115 0.33 30.36 -1.44
C ARG B 115 -0.13 29.05 -0.81
N GLY B 116 -1.20 29.12 -0.04
CA GLY B 116 -1.74 27.91 0.56
C GLY B 116 -2.20 26.94 -0.51
N GLN B 117 -2.14 25.66 -0.21
CA GLN B 117 -2.72 24.68 -1.11
C GLN B 117 -3.15 23.47 -0.32
N THR B 118 -4.15 22.79 -0.90
CA THR B 118 -4.82 21.67 -0.26
C THR B 118 -3.98 20.41 -0.29
N GLY B 119 -3.03 20.31 -1.24
CA GLY B 119 -2.33 19.05 -1.45
C GLY B 119 -3.20 18.04 -2.20
N ASN B 120 -2.75 16.78 -2.17
CA ASN B 120 -3.43 15.70 -2.88
C ASN B 120 -4.65 15.22 -2.11
N ALA B 121 -5.57 14.56 -2.81
CA ALA B 121 -6.80 14.10 -2.19
C ALA B 121 -6.46 13.05 -1.12
N LYS B 122 -7.28 13.04 -0.05
CA LYS B 122 -7.22 12.02 0.98
C LYS B 122 -7.97 10.76 0.54
N PRO B 123 -7.56 9.58 1.06
CA PRO B 123 -6.48 9.41 2.05
C PRO B 123 -5.12 9.51 1.40
N ARG B 124 -4.13 9.99 2.12
CA ARG B 124 -2.82 10.24 1.53
C ARG B 124 -1.71 9.95 2.52
N ILE B 125 -2.00 9.32 3.65
CA ILE B 125 -0.99 8.92 4.61
C ILE B 125 -1.38 7.57 5.17
N PHE B 126 -0.48 6.58 5.08
CA PHE B 126 -0.83 5.23 5.50
C PHE B 126 0.27 4.66 6.37
N ARG B 127 -0.12 3.93 7.42
CA ARG B 127 0.89 3.35 8.33
C ARG B 127 0.91 1.84 8.17
N ASP B 128 2.10 1.26 8.27
CA ASP B 128 2.26 -0.19 8.39
C ASP B 128 2.94 -0.46 9.75
N VAL B 129 2.14 -0.84 10.76
CA VAL B 129 2.69 -0.91 12.12
C VAL B 129 3.76 -1.99 12.23
N GLU B 130 3.55 -3.11 11.55
CA GLU B 130 4.44 -4.25 11.62
C GLU B 130 5.83 -3.86 11.23
N SER B 131 5.96 -3.08 10.13
CA SER B 131 7.21 -2.58 9.57
C SER B 131 7.68 -1.28 10.19
N ARG B 132 6.85 -0.65 11.03
CA ARG B 132 7.14 0.69 11.56
C ARG B 132 7.45 1.63 10.40
N SER B 133 6.60 1.59 9.38
CA SER B 133 6.80 2.35 8.17
C SER B 133 5.54 3.13 7.87
N ILE B 134 5.72 4.18 7.05
CA ILE B 134 4.69 5.13 6.67
C ILE B 134 4.90 5.37 5.20
N ILE B 135 3.82 5.61 4.48
CA ILE B 135 3.90 6.10 3.12
C ILE B 135 2.97 7.30 3.00
N ASN B 136 3.36 8.34 2.25
CA ASN B 136 2.52 9.51 2.14
C ASN B 136 2.58 10.10 0.75
N SER B 137 1.46 10.70 0.35
CA SER B 137 1.24 11.42 -0.89
C SER B 137 0.73 12.82 -0.63
N CYS B 138 1.23 13.49 0.42
CA CYS B 138 0.57 14.70 0.90
C CYS B 138 0.54 15.79 -0.17
N GLY B 139 1.67 16.06 -0.80
CA GLY B 139 1.68 17.07 -1.85
C GLY B 139 1.73 18.46 -1.30
N PHE B 140 2.55 18.70 -0.26
CA PHE B 140 2.78 20.05 0.28
C PHE B 140 1.46 20.75 0.62
N ASN B 141 0.55 20.04 1.30
CA ASN B 141 -0.62 20.71 1.87
C ASN B 141 -0.13 21.65 2.97
N ASN B 142 -0.46 22.94 2.89
CA ASN B 142 -0.06 23.89 3.93
C ASN B 142 -0.92 25.12 3.74
N MET B 143 -0.94 25.96 4.76
CA MET B 143 -1.74 27.16 4.77
C MET B 143 -1.11 28.30 3.99
N GLY B 144 0.14 28.14 3.55
CA GLY B 144 0.81 29.16 2.79
C GLY B 144 1.66 30.04 3.68
N CYS B 145 2.62 30.68 3.03
CA CYS B 145 3.71 31.33 3.74
C CYS B 145 3.22 32.48 4.61
N ASP B 146 2.24 33.26 4.14
CA ASP B 146 1.79 34.40 4.94
C ASP B 146 1.26 33.95 6.30
N LYS B 147 0.36 32.97 6.31
CA LYS B 147 -0.21 32.51 7.59
C LYS B 147 0.83 31.83 8.47
N VAL B 148 1.71 31.01 7.87
CA VAL B 148 2.69 30.30 8.69
C VAL B 148 3.66 31.30 9.28
N THR B 149 4.01 32.36 8.54
CA THR B 149 4.83 33.41 9.12
C THR B 149 4.16 34.02 10.34
N GLU B 150 2.87 34.34 10.25
CA GLU B 150 2.19 34.90 11.42
C GLU B 150 2.25 33.90 12.59
N ASN B 151 2.05 32.61 12.34
CA ASN B 151 2.18 31.62 13.43
C ASN B 151 3.57 31.64 14.10
N LEU B 152 4.61 31.70 13.28
CA LEU B 152 5.97 31.68 13.78
C LEU B 152 6.27 32.94 14.53
N ILE B 153 5.76 34.09 14.06
CA ILE B 153 5.93 35.35 14.80
C ILE B 153 5.32 35.21 16.20
N LEU B 154 4.12 34.67 16.29
CA LEU B 154 3.49 34.46 17.60
C LEU B 154 4.35 33.54 18.50
N PHE B 155 4.97 32.54 17.90
CA PHE B 155 5.83 31.66 18.67
C PHE B 155 7.03 32.44 19.19
N ARG B 156 7.69 33.21 18.32
CA ARG B 156 8.86 33.97 18.75
C ARG B 156 8.47 34.89 19.88
N LYS B 157 7.28 35.47 19.81
CA LYS B 157 6.85 36.39 20.88
C LYS B 157 6.65 35.64 22.20
N ARG B 158 6.10 34.43 22.16
CA ARG B 158 5.98 33.66 23.41
C ARG B 158 7.34 33.17 23.91
N GLN B 159 8.27 32.96 22.98
CA GLN B 159 9.56 32.42 23.32
C GLN B 159 10.34 33.42 24.13
N GLU B 160 10.17 34.70 23.82
CA GLU B 160 10.81 35.72 24.64
C GLU B 160 10.46 35.59 26.12
N GLU B 161 9.23 35.16 26.41
CA GLU B 161 8.70 35.15 27.77
C GLU B 161 8.84 33.81 28.47
N ASP B 162 9.06 32.71 27.74
CA ASP B 162 8.90 31.35 28.28
C ASP B 162 10.27 30.77 28.66
N LYS B 163 10.41 30.46 29.95
CA LYS B 163 11.63 29.86 30.48
C LYS B 163 12.04 28.60 29.75
N LEU B 164 11.10 27.84 29.23
CA LEU B 164 11.43 26.55 28.70
C LEU B 164 11.86 26.63 27.25
N LEU B 165 11.52 27.71 26.57
CA LEU B 165 11.79 27.77 25.14
C LEU B 165 13.03 28.59 24.74
N SER B 166 13.81 29.13 25.67
CA SER B 166 14.76 30.20 25.33
C SER B 166 15.86 29.77 24.33
N LYS B 167 16.34 28.53 24.41
CA LYS B 167 17.42 28.07 23.54
C LYS B 167 16.97 27.08 22.43
N HIS B 168 15.68 26.89 22.26
CA HIS B 168 15.21 25.95 21.25
C HIS B 168 15.29 26.62 19.90
N ILE B 169 15.48 25.81 18.86
CA ILE B 169 15.75 26.29 17.50
C ILE B 169 14.56 25.97 16.62
N VAL B 170 14.18 26.89 15.74
CA VAL B 170 13.16 26.59 14.75
C VAL B 170 13.70 26.85 13.35
N GLY B 171 13.74 25.80 12.51
CA GLY B 171 14.01 25.93 11.10
C GLY B 171 12.72 25.98 10.29
N VAL B 172 12.84 26.47 9.05
CA VAL B 172 11.71 26.53 8.14
C VAL B 172 12.13 25.84 6.85
N SER B 173 11.32 24.87 6.42
CA SER B 173 11.51 24.17 5.15
C SER B 173 10.64 24.85 4.10
N ILE B 174 11.23 25.21 2.95
CA ILE B 174 10.51 25.92 1.91
C ILE B 174 10.53 25.14 0.59
N GLY B 175 9.43 25.26 -0.17
CA GLY B 175 9.25 24.57 -1.44
C GLY B 175 8.44 25.38 -2.44
N LYS B 176 7.92 24.75 -3.48
CA LYS B 176 7.18 25.42 -4.54
C LYS B 176 5.73 24.98 -4.55
N ASN B 177 4.85 25.93 -4.89
CA ASN B 177 3.48 25.60 -5.23
C ASN B 177 3.43 24.64 -6.42
N LYS B 178 2.32 23.88 -6.50
CA LYS B 178 2.15 22.78 -7.45
C LYS B 178 2.49 23.17 -8.87
N ASP B 179 1.96 24.29 -9.33
CA ASP B 179 2.12 24.65 -10.75
C ASP B 179 3.10 25.81 -10.99
N THR B 180 3.95 26.11 -10.03
CA THR B 180 4.97 27.11 -10.26
C THR B 180 6.02 26.57 -11.23
N VAL B 181 6.33 27.37 -12.26
CA VAL B 181 7.35 26.97 -13.22
C VAL B 181 8.76 27.00 -12.61
N ASN B 182 9.18 28.16 -12.15
CA ASN B 182 10.51 28.36 -11.59
C ASN B 182 10.46 28.34 -10.06
N ILE B 183 11.00 27.27 -9.50
CA ILE B 183 11.05 27.09 -8.06
C ILE B 183 11.71 28.25 -7.37
N VAL B 184 12.73 28.88 -7.98
CA VAL B 184 13.44 29.99 -7.32
C VAL B 184 12.50 31.16 -6.98
N ASP B 185 11.56 31.47 -7.86
CA ASP B 185 10.60 32.53 -7.54
C ASP B 185 9.85 32.26 -6.23
N ASP B 186 9.46 31.00 -6.01
CA ASP B 186 8.73 30.67 -4.79
C ASP B 186 9.63 30.70 -3.58
N LEU B 187 10.86 30.15 -3.73
CA LEU B 187 11.82 30.14 -2.64
C LEU B 187 12.11 31.55 -2.17
N LYS B 188 12.28 32.47 -3.12
CA LYS B 188 12.52 33.87 -2.78
C LYS B 188 11.34 34.49 -2.04
N TYR B 189 10.12 34.23 -2.47
CA TYR B 189 8.99 34.82 -1.78
C TYR B 189 9.00 34.40 -0.32
N CYS B 190 9.18 33.09 -0.08
CA CYS B 190 9.14 32.56 1.27
C CYS B 190 10.23 33.20 2.13
N ILE B 191 11.43 33.32 1.60
CA ILE B 191 12.56 33.85 2.35
C ILE B 191 12.27 35.30 2.77
N ASN B 192 11.71 36.11 1.84
CA ASN B 192 11.44 37.51 2.16
C ASN B 192 10.34 37.67 3.21
N LYS B 193 9.42 36.72 3.35
CA LYS B 193 8.38 36.84 4.36
C LYS B 193 8.80 36.24 5.71
N ILE B 194 9.42 35.06 5.73
CA ILE B 194 9.64 34.33 6.97
C ILE B 194 11.10 34.25 7.39
N GLY B 195 12.04 34.56 6.50
CA GLY B 195 13.43 34.31 6.82
C GLY B 195 13.92 34.95 8.12
N ARG B 196 13.43 36.17 8.43
CA ARG B 196 13.89 36.88 9.62
C ARG B 196 13.54 36.13 10.90
N TYR B 197 12.62 35.19 10.84
CA TYR B 197 12.17 34.50 12.03
C TYR B 197 12.70 33.09 12.16
N ALA B 198 13.52 32.66 11.22
CA ALA B 198 14.01 31.28 11.14
C ALA B 198 15.46 31.24 11.61
N ASP B 199 15.83 30.16 12.35
CA ASP B 199 17.23 29.89 12.71
C ASP B 199 17.98 29.29 11.52
N TYR B 200 17.25 28.58 10.68
CA TYR B 200 17.78 28.07 9.43
C TYR B 200 16.64 27.84 8.47
N ILE B 201 17.02 27.82 7.20
CA ILE B 201 16.13 27.59 6.07
C ILE B 201 16.57 26.27 5.47
N ALA B 202 15.60 25.33 5.32
CA ALA B 202 15.81 24.07 4.59
C ALA B 202 15.18 24.13 3.20
N ILE B 203 16.00 23.89 2.20
CA ILE B 203 15.58 23.93 0.81
C ILE B 203 15.10 22.56 0.43
N ASN B 204 13.81 22.43 0.21
CA ASN B 204 13.26 21.13 -0.05
C ASN B 204 13.23 20.86 -1.55
N VAL B 205 14.24 20.13 -2.06
CA VAL B 205 14.28 19.70 -3.45
C VAL B 205 14.03 18.18 -3.54
N SER B 206 13.40 17.58 -2.55
CA SER B 206 13.39 16.12 -2.52
C SER B 206 12.06 15.46 -2.17
N SER B 207 10.97 16.23 -2.01
CA SER B 207 9.67 15.59 -1.94
C SER B 207 9.44 14.73 -3.17
N PRO B 208 9.01 13.47 -3.01
CA PRO B 208 8.60 12.67 -4.19
C PRO B 208 7.21 13.02 -4.70
N ASN B 209 6.52 13.96 -4.06
CA ASN B 209 5.09 14.13 -4.30
C ASN B 209 4.72 15.43 -5.01
N THR B 210 5.72 16.16 -5.50
CA THR B 210 5.48 17.32 -6.36
C THR B 210 6.22 17.03 -7.65
N PRO B 211 5.50 16.76 -8.74
CA PRO B 211 6.16 16.34 -9.99
C PRO B 211 7.33 17.25 -10.36
N GLY B 212 8.43 16.63 -10.79
CA GLY B 212 9.63 17.34 -11.21
C GLY B 212 10.47 17.91 -10.07
N LEU B 213 9.98 17.93 -8.85
CA LEU B 213 10.73 18.64 -7.82
C LEU B 213 12.13 18.07 -7.69
N ARG B 214 12.25 16.71 -7.70
CA ARG B 214 13.53 16.03 -7.49
CA ARG B 214 13.53 16.03 -7.49
C ARG B 214 14.51 16.27 -8.64
N ASP B 215 14.02 16.62 -9.84
CA ASP B 215 14.97 16.99 -10.91
C ASP B 215 15.85 18.22 -10.57
N ASN B 216 15.45 19.02 -9.60
CA ASN B 216 16.21 20.15 -9.08
C ASN B 216 17.44 19.71 -8.28
N GLN B 217 17.62 18.41 -8.06
CA GLN B 217 18.87 17.87 -7.50
C GLN B 217 19.97 17.72 -8.55
N GLU B 218 19.63 17.86 -9.81
CA GLU B 218 20.67 17.94 -10.82
C GLU B 218 21.63 19.09 -10.48
N ALA B 219 22.93 18.87 -10.70
CA ALA B 219 23.95 19.74 -10.12
C ALA B 219 23.83 21.21 -10.58
N GLY B 220 23.75 21.47 -11.89
CA GLY B 220 23.58 22.85 -12.36
C GLY B 220 22.38 23.57 -11.75
N LYS B 221 21.22 22.92 -11.72
CA LYS B 221 20.02 23.54 -11.15
C LYS B 221 20.17 23.72 -9.66
N LEU B 222 20.69 22.71 -8.99
CA LEU B 222 20.86 22.82 -7.55
C LEU B 222 21.78 24.00 -7.18
N LYS B 223 22.92 24.13 -7.87
CA LYS B 223 23.80 25.25 -7.57
C LYS B 223 23.08 26.58 -7.71
N ASN B 224 22.34 26.78 -8.82
CA ASN B 224 21.62 28.03 -8.98
C ASN B 224 20.58 28.24 -7.87
N ILE B 225 19.92 27.17 -7.42
CA ILE B 225 18.93 27.32 -6.37
C ILE B 225 19.62 27.75 -5.09
N ILE B 226 20.72 27.06 -4.73
CA ILE B 226 21.40 27.38 -3.47
C ILE B 226 21.89 28.82 -3.48
N LEU B 227 22.58 29.21 -4.56
CA LEU B 227 23.11 30.56 -4.64
C LEU B 227 22.00 31.59 -4.59
N SER B 228 20.83 31.32 -5.23
CA SER B 228 19.70 32.28 -5.16
C SER B 228 19.13 32.43 -3.73
N VAL B 229 18.98 31.30 -3.03
CA VAL B 229 18.50 31.31 -1.65
C VAL B 229 19.45 32.09 -0.76
N LYS B 230 20.76 31.82 -0.86
CA LYS B 230 21.78 32.55 -0.07
C LYS B 230 21.76 34.07 -0.36
N GLU B 231 21.67 34.44 -1.63
CA GLU B 231 21.63 35.87 -1.95
C GLU B 231 20.40 36.52 -1.34
N GLU B 232 19.27 35.84 -1.42
CA GLU B 232 18.04 36.43 -0.89
C GLU B 232 18.12 36.58 0.62
N ILE B 233 18.66 35.57 1.33
CA ILE B 233 18.86 35.72 2.77
C ILE B 233 19.85 36.85 3.05
N ASP B 234 20.95 36.92 2.28
CA ASP B 234 21.95 37.96 2.49
C ASP B 234 21.38 39.36 2.28
N ASN B 235 20.29 39.48 1.52
CA ASN B 235 19.65 40.74 1.18
C ASN B 235 18.50 41.09 2.11
N LEU B 236 18.18 40.25 3.09
CA LEU B 236 17.10 40.58 4.00
C LEU B 236 17.44 41.85 4.76
N GLU B 237 18.70 41.98 5.17
CA GLU B 237 19.09 43.17 5.92
C GLU B 237 18.98 44.43 5.05
N LYS B 238 19.28 44.32 3.77
CA LYS B 238 19.19 45.48 2.89
C LYS B 238 17.75 45.94 2.80
N ASN B 239 16.83 45.01 2.74
CA ASN B 239 15.40 45.27 2.63
C ASN B 239 14.77 45.60 3.98
N ASN B 240 15.54 45.59 5.06
CA ASN B 240 15.13 46.09 6.35
C ASN B 240 13.96 45.32 6.90
N PHE B 276 17.28 43.42 16.42
CA PHE B 276 16.01 43.87 15.82
C PHE B 276 15.68 43.11 14.50
N LEU B 277 16.67 43.00 13.60
CA LEU B 277 16.39 42.34 12.33
C LEU B 277 16.07 40.85 12.56
N TRP B 278 16.91 40.14 13.32
CA TRP B 278 16.80 38.68 13.44
C TRP B 278 15.94 38.35 14.67
N PHE B 279 14.65 38.09 14.44
CA PHE B 279 13.73 37.73 15.51
C PHE B 279 13.61 36.19 15.63
N ASN B 280 14.71 35.61 16.08
CA ASN B 280 14.89 34.14 16.06
C ASN B 280 15.68 33.78 17.30
N THR B 281 16.22 32.56 17.34
CA THR B 281 16.96 32.12 18.53
C THR B 281 18.43 32.57 18.45
N THR B 282 19.02 32.45 17.28
CA THR B 282 20.43 32.74 17.12
C THR B 282 20.73 34.22 17.10
N LYS B 283 19.74 35.07 16.82
CA LYS B 283 19.94 36.51 16.59
C LYS B 283 20.87 36.72 15.40
N LYS B 284 20.91 35.75 14.50
CA LYS B 284 21.76 35.89 13.31
C LYS B 284 20.98 35.48 12.08
N LYS B 285 21.49 35.82 10.88
CA LYS B 285 20.80 35.37 9.67
C LYS B 285 20.70 33.85 9.63
N PRO B 286 19.64 33.33 9.06
CA PRO B 286 19.46 31.87 9.10
C PRO B 286 20.51 31.14 8.29
N LEU B 287 20.95 30.00 8.80
CA LEU B 287 21.79 29.11 7.98
C LEU B 287 20.97 28.49 6.86
N VAL B 288 21.65 27.92 5.85
CA VAL B 288 21.00 27.31 4.70
C VAL B 288 21.34 25.83 4.68
N PHE B 289 20.33 25.00 4.75
CA PHE B 289 20.48 23.57 4.56
C PHE B 289 19.75 23.14 3.31
N VAL B 290 20.17 21.98 2.75
CA VAL B 290 19.49 21.30 1.65
C VAL B 290 19.07 19.91 2.10
N LYS B 291 17.83 19.57 1.76
CA LYS B 291 17.27 18.24 2.10
C LYS B 291 17.26 17.40 0.83
N LEU B 292 17.94 16.25 0.88
CA LEU B 292 18.22 15.42 -0.27
C LEU B 292 17.37 14.14 -0.22
N ALA B 293 17.06 13.65 -1.41
CA ALA B 293 16.35 12.39 -1.57
C ALA B 293 17.36 11.23 -1.66
N PRO B 294 17.00 10.07 -1.14
CA PRO B 294 17.93 8.94 -1.16
C PRO B 294 17.95 8.20 -2.51
N ASP B 295 17.03 8.54 -3.42
CA ASP B 295 16.94 7.83 -4.70
C ASP B 295 17.78 8.51 -5.77
N LEU B 296 19.09 8.36 -5.63
CA LEU B 296 20.09 8.90 -6.55
C LEU B 296 21.16 7.85 -6.81
N ASN B 297 21.79 7.90 -7.99
CA ASN B 297 22.93 7.05 -8.25
C ASN B 297 24.21 7.70 -7.73
N GLN B 298 25.30 6.96 -7.82
CA GLN B 298 26.54 7.44 -7.21
C GLN B 298 27.11 8.65 -7.95
N GLU B 299 27.02 8.67 -9.28
CA GLU B 299 27.46 9.87 -10.03
C GLU B 299 26.70 11.14 -9.59
N GLN B 300 25.38 11.02 -9.41
CA GLN B 300 24.55 12.14 -8.98
C GLN B 300 24.95 12.61 -7.58
N LYS B 301 25.23 11.66 -6.69
CA LYS B 301 25.64 12.00 -5.31
C LYS B 301 26.93 12.79 -5.31
N LYS B 302 27.90 12.33 -6.08
CA LYS B 302 29.19 13.01 -6.14
C LYS B 302 29.05 14.40 -6.75
N GLU B 303 28.22 14.54 -7.79
CA GLU B 303 28.05 15.85 -8.41
C GLU B 303 27.37 16.80 -7.46
N ILE B 304 26.40 16.29 -6.68
CA ILE B 304 25.75 17.08 -5.66
C ILE B 304 26.76 17.46 -4.58
N ALA B 305 27.57 16.51 -4.11
CA ALA B 305 28.58 16.86 -3.10
C ALA B 305 29.46 18.01 -3.56
N ASP B 306 29.89 17.99 -4.82
CA ASP B 306 30.78 19.04 -5.31
C ASP B 306 30.09 20.39 -5.25
N VAL B 307 28.80 20.41 -5.62
CA VAL B 307 28.01 21.65 -5.57
C VAL B 307 27.86 22.16 -4.13
N LEU B 308 27.63 21.25 -3.19
CA LEU B 308 27.47 21.66 -1.79
C LEU B 308 28.77 22.22 -1.25
N LEU B 309 29.91 21.67 -1.68
CA LEU B 309 31.21 22.22 -1.28
C LEU B 309 31.42 23.59 -1.92
N GLU B 310 31.09 23.73 -3.22
CA GLU B 310 31.35 24.97 -3.93
C GLU B 310 30.52 26.14 -3.40
N THR B 311 29.32 25.88 -2.94
CA THR B 311 28.40 26.91 -2.55
C THR B 311 28.45 27.21 -1.06
N ASN B 312 29.26 26.48 -0.28
CA ASN B 312 29.41 26.72 1.16
C ASN B 312 28.08 26.62 1.84
N ILE B 313 27.29 25.64 1.44
CA ILE B 313 26.06 25.37 2.14
C ILE B 313 26.39 24.95 3.59
N ASP B 314 25.48 25.28 4.51
CA ASP B 314 25.80 25.10 5.94
C ASP B 314 25.53 23.70 6.46
N GLY B 315 24.71 22.95 5.75
CA GLY B 315 24.40 21.60 6.17
C GLY B 315 23.55 20.90 5.14
N MET B 316 23.45 19.61 5.33
CA MET B 316 22.60 18.81 4.46
C MET B 316 21.76 17.85 5.31
N ILE B 317 20.48 17.77 4.96
CA ILE B 317 19.51 16.95 5.67
C ILE B 317 19.39 15.68 4.87
N ILE B 318 19.84 14.57 5.46
CA ILE B 318 19.89 13.28 4.79
C ILE B 318 19.07 12.30 5.63
N SER B 319 17.90 11.88 5.17
CA SER B 319 17.36 12.12 3.86
C SER B 319 15.83 12.24 3.95
N ASN B 320 15.23 12.58 2.80
CA ASN B 320 13.79 12.53 2.62
C ASN B 320 13.31 11.09 2.44
N THR B 321 12.04 10.94 2.11
CA THR B 321 11.44 9.63 1.93
C THR B 321 11.95 8.97 0.64
N THR B 322 11.73 7.67 0.52
CA THR B 322 12.20 6.94 -0.64
C THR B 322 11.10 6.31 -1.46
N THR B 323 11.35 6.18 -2.76
CA THR B 323 10.41 5.50 -3.60
C THR B 323 10.89 4.11 -3.95
N GLN B 324 11.96 3.63 -3.34
CA GLN B 324 12.53 2.36 -3.79
C GLN B 324 12.11 1.17 -2.92
N ILE B 325 11.24 1.37 -1.94
CA ILE B 325 10.76 0.24 -1.12
C ILE B 325 9.39 -0.17 -1.65
N ASN B 326 9.35 -1.32 -2.29
CA ASN B 326 8.13 -1.81 -2.92
C ASN B 326 7.73 -3.16 -2.37
N ASP B 327 8.23 -3.55 -1.20
CA ASP B 327 7.97 -4.86 -0.60
C ASP B 327 7.20 -4.74 0.72
N ILE B 328 6.37 -3.72 0.89
CA ILE B 328 5.45 -3.62 2.02
C ILE B 328 4.08 -3.95 1.47
N LYS B 329 3.56 -5.12 1.89
CA LYS B 329 2.32 -5.64 1.30
C LYS B 329 1.24 -4.66 1.45
N SER B 330 1.11 -4.05 2.59
CA SER B 330 0.08 -3.09 2.85
C SER B 330 0.14 -1.80 2.01
N PHE B 331 1.31 -1.45 1.49
CA PHE B 331 1.55 -0.29 0.65
C PHE B 331 1.45 -0.53 -0.88
N GLU B 332 1.31 -1.77 -1.34
CA GLU B 332 1.15 -2.06 -2.77
C GLU B 332 -0.15 -1.39 -3.15
N ASN B 333 -0.18 -0.63 -4.24
CA ASN B 333 -1.34 0.20 -4.69
C ASN B 333 -1.48 1.49 -3.95
N LYS B 334 -0.48 1.86 -3.15
CA LYS B 334 -0.45 3.13 -2.45
C LYS B 334 0.71 3.91 -3.11
N LYS B 335 0.58 5.21 -3.17
CA LYS B 335 1.56 6.04 -3.83
C LYS B 335 2.29 6.96 -2.85
N GLY B 336 3.46 7.46 -3.24
CA GLY B 336 4.18 8.38 -2.41
C GLY B 336 5.49 7.79 -1.92
N GLY B 337 6.10 8.50 -0.97
CA GLY B 337 7.40 8.16 -0.39
C GLY B 337 7.25 7.46 0.95
N VAL B 338 8.18 6.57 1.20
CA VAL B 338 8.20 5.71 2.38
C VAL B 338 9.17 6.23 3.40
N SER B 339 8.70 6.23 4.65
CA SER B 339 9.42 6.64 5.84
C SER B 339 9.50 5.47 6.80
N GLY B 340 10.37 5.65 7.83
CA GLY B 340 10.38 4.71 8.93
C GLY B 340 11.43 3.63 8.93
N ALA B 341 11.12 2.45 9.50
CA ALA B 341 12.17 1.47 9.74
C ALA B 341 12.77 0.94 8.45
N LYS B 342 11.95 0.81 7.40
CA LYS B 342 12.48 0.30 6.15
C LYS B 342 13.35 1.34 5.41
N LEU B 343 13.42 2.56 5.92
CA LEU B 343 14.28 3.60 5.34
C LEU B 343 15.61 3.75 6.09
N LYS B 344 15.73 3.10 7.23
CA LYS B 344 16.89 3.37 8.02
C LYS B 344 18.23 3.03 7.39
N ASP B 345 18.38 1.84 6.87
CA ASP B 345 19.64 1.44 6.30
C ASP B 345 19.99 2.26 5.06
N ILE B 346 19.01 2.54 4.23
CA ILE B 346 19.22 3.32 3.05
C ILE B 346 19.72 4.73 3.42
N SER B 347 19.09 5.34 4.39
CA SER B 347 19.41 6.69 4.87
C SER B 347 20.80 6.70 5.52
N THR B 348 21.12 5.69 6.34
CA THR B 348 22.44 5.64 6.98
C THR B 348 23.56 5.50 5.95
N LYS B 349 23.42 4.55 5.03
CA LYS B 349 24.40 4.38 3.95
C LYS B 349 24.65 5.71 3.22
N PHE B 350 23.59 6.45 2.94
CA PHE B 350 23.68 7.74 2.21
C PHE B 350 24.41 8.80 3.01
N ILE B 351 24.21 8.83 4.33
CA ILE B 351 25.01 9.68 5.20
C ILE B 351 26.48 9.34 5.02
N CYS B 352 26.83 8.04 5.11
CA CYS B 352 28.25 7.68 4.99
C CYS B 352 28.80 8.18 3.68
N GLU B 353 28.05 7.94 2.62
CA GLU B 353 28.49 8.33 1.30
C GLU B 353 28.71 9.82 1.25
N MET B 354 27.72 10.63 1.69
CA MET B 354 27.86 12.08 1.49
C MET B 354 28.91 12.67 2.43
N TYR B 355 29.07 12.09 3.62
CA TYR B 355 30.13 12.53 4.53
C TYR B 355 31.49 12.35 3.90
N ASN B 356 31.71 11.21 3.27
CA ASN B 356 32.94 10.98 2.55
C ASN B 356 33.06 11.87 1.31
N TYR B 357 32.01 11.96 0.48
CA TYR B 357 32.16 12.75 -0.76
C TYR B 357 32.38 14.23 -0.50
N THR B 358 31.93 14.72 0.63
CA THR B 358 32.15 16.09 1.03
C THR B 358 33.34 16.25 2.00
N ASN B 359 34.19 15.22 2.13
CA ASN B 359 35.44 15.34 2.89
C ASN B 359 35.17 15.79 4.32
N LYS B 360 33.97 15.48 4.81
CA LYS B 360 33.56 15.73 6.21
C LYS B 360 33.42 17.22 6.48
N GLN B 361 33.31 18.03 5.44
CA GLN B 361 33.26 19.46 5.62
C GLN B 361 31.85 20.01 5.76
N ILE B 362 30.82 19.20 5.52
CA ILE B 362 29.45 19.74 5.50
C ILE B 362 28.61 19.05 6.57
N PRO B 363 28.21 19.74 7.64
CA PRO B 363 27.47 19.05 8.71
C PRO B 363 26.19 18.42 8.21
N ILE B 364 25.86 17.29 8.85
CA ILE B 364 24.75 16.46 8.43
C ILE B 364 23.67 16.41 9.51
N ILE B 365 22.44 16.63 9.10
CA ILE B 365 21.24 16.39 9.92
C ILE B 365 20.64 15.07 9.49
N ALA B 366 20.53 14.09 10.38
CA ALA B 366 20.07 12.76 9.97
C ALA B 366 18.56 12.69 10.03
N SER B 367 17.96 12.07 9.02
CA SER B 367 16.54 11.79 9.02
C SER B 367 16.32 10.46 8.31
N GLY B 368 15.68 9.53 8.96
CA GLY B 368 15.26 8.28 8.32
C GLY B 368 15.37 7.09 9.24
N GLY B 369 14.22 6.68 9.77
CA GLY B 369 14.14 5.44 10.51
C GLY B 369 14.80 5.44 11.86
N ILE B 370 14.92 6.59 12.53
CA ILE B 370 15.50 6.67 13.87
C ILE B 370 14.39 6.45 14.90
N PHE B 371 14.52 5.35 15.65
CA PHE B 371 13.56 5.01 16.70
C PHE B 371 14.20 4.84 18.07
N SER B 372 15.47 4.46 18.15
CA SER B 372 16.11 4.10 19.40
C SER B 372 17.41 4.87 19.55
N GLY B 373 17.98 4.78 20.75
CA GLY B 373 19.28 5.38 20.95
C GLY B 373 20.33 4.71 20.10
N LEU B 374 20.21 3.39 19.91
CA LEU B 374 21.13 2.70 18.99
C LEU B 374 21.05 3.28 17.59
N ASP B 375 19.81 3.48 17.08
CA ASP B 375 19.61 4.00 15.73
C ASP B 375 20.22 5.39 15.64
N ALA B 376 20.11 6.18 16.72
CA ALA B 376 20.66 7.54 16.66
C ALA B 376 22.18 7.54 16.68
N LEU B 377 22.76 6.67 17.49
CA LEU B 377 24.20 6.56 17.54
C LEU B 377 24.74 6.09 16.19
N GLU B 378 24.05 5.19 15.51
CA GLU B 378 24.50 4.72 14.21
C GLU B 378 24.57 5.91 13.23
N LYS B 379 23.55 6.77 13.26
CA LYS B 379 23.55 7.93 12.39
C LYS B 379 24.68 8.88 12.73
N ILE B 380 24.90 9.10 14.00
CA ILE B 380 25.95 9.98 14.42
C ILE B 380 27.34 9.45 14.04
N GLU B 381 27.58 8.18 14.34
CA GLU B 381 28.86 7.58 13.96
C GLU B 381 29.03 7.59 12.43
N ALA B 382 27.92 7.55 11.69
CA ALA B 382 28.02 7.60 10.21
C ALA B 382 28.41 8.96 9.67
N GLY B 383 28.25 9.99 10.50
CA GLY B 383 28.54 11.38 10.15
C GLY B 383 27.59 12.50 10.52
N ALA B 384 26.43 12.14 11.11
CA ALA B 384 25.48 13.15 11.47
C ALA B 384 25.91 13.88 12.75
N SER B 385 25.60 15.18 12.81
CA SER B 385 25.71 16.00 14.02
C SER B 385 24.46 16.02 14.87
N VAL B 386 23.30 15.84 14.26
CA VAL B 386 22.04 15.94 14.97
C VAL B 386 21.06 15.05 14.23
N CYS B 387 19.99 14.65 14.93
CA CYS B 387 18.97 13.74 14.44
C CYS B 387 17.60 14.41 14.42
N GLN B 388 16.77 14.05 13.44
CA GLN B 388 15.36 14.45 13.35
C GLN B 388 14.50 13.20 13.40
N LEU B 389 13.44 13.25 14.17
CA LEU B 389 12.45 12.17 14.28
C LEU B 389 11.16 12.58 13.56
N TYR B 390 10.46 11.57 13.04
CA TYR B 390 9.09 11.69 12.56
C TYR B 390 8.37 10.37 12.86
N SER B 391 8.74 9.29 12.15
CA SER B 391 8.05 8.02 12.38
C SER B 391 8.11 7.61 13.86
N CYS B 392 9.22 7.92 14.54
CA CYS B 392 9.33 7.54 15.95
C CYS B 392 8.15 8.09 16.75
N LEU B 393 7.77 9.35 16.51
CA LEU B 393 6.65 9.94 17.22
C LEU B 393 5.36 9.23 16.86
N VAL B 394 5.21 8.81 15.60
CA VAL B 394 4.00 8.11 15.20
C VAL B 394 3.86 6.79 15.94
N PHE B 395 4.95 6.00 16.02
CA PHE B 395 4.81 4.65 16.54
C PHE B 395 5.10 4.56 18.02
N ASN B 396 5.78 5.56 18.58
CA ASN B 396 6.09 5.59 20.00
C ASN B 396 5.42 6.71 20.77
N GLY B 397 4.89 7.72 20.09
CA GLY B 397 4.00 8.65 20.79
C GLY B 397 4.71 9.66 21.68
N MET B 398 3.95 10.15 22.67
CA MET B 398 4.39 11.24 23.54
C MET B 398 5.74 10.99 24.22
N LYS B 399 6.05 9.75 24.57
CA LYS B 399 7.29 9.48 25.30
C LYS B 399 8.57 9.52 24.46
N SER B 400 8.47 9.77 23.14
CA SER B 400 9.57 9.49 22.22
C SER B 400 10.85 10.21 22.59
N ALA B 401 10.79 11.53 22.86
CA ALA B 401 12.03 12.27 23.13
C ALA B 401 12.66 11.86 24.45
N VAL B 402 11.86 11.76 25.52
CA VAL B 402 12.40 11.37 26.82
C VAL B 402 13.11 10.02 26.66
N GLN B 403 12.46 9.08 25.97
CA GLN B 403 12.99 7.72 25.93
C GLN B 403 14.29 7.65 25.14
N ILE B 404 14.32 8.27 23.96
CA ILE B 404 15.48 8.19 23.10
C ILE B 404 16.63 8.99 23.68
N LYS B 405 16.39 10.11 24.36
CA LYS B 405 17.51 10.79 24.98
C LYS B 405 18.16 9.90 26.03
N ARG B 406 17.33 9.26 26.88
CA ARG B 406 17.88 8.37 27.92
C ARG B 406 18.67 7.23 27.28
N GLU B 407 18.12 6.64 26.21
CA GLU B 407 18.80 5.50 25.57
C GLU B 407 20.15 5.95 25.00
N LEU B 408 20.19 7.14 24.40
CA LEU B 408 21.43 7.58 23.80
C LEU B 408 22.46 7.92 24.86
N ASN B 409 22.03 8.56 25.97
CA ASN B 409 22.99 8.87 27.04
C ASN B 409 23.59 7.61 27.61
N HIS B 410 22.81 6.56 27.78
CA HIS B 410 23.39 5.29 28.29
C HIS B 410 24.36 4.68 27.28
N LEU B 411 24.04 4.76 26.00
CA LEU B 411 24.86 4.12 24.98
C LEU B 411 26.15 4.87 24.83
N LEU B 412 26.10 6.18 24.92
CA LEU B 412 27.34 6.94 24.81
C LEU B 412 28.29 6.51 25.91
N TYR B 413 27.77 6.32 27.12
CA TYR B 413 28.58 5.85 28.24
C TYR B 413 29.08 4.42 27.99
N GLN B 414 28.17 3.55 27.56
CA GLN B 414 28.54 2.15 27.30
C GLN B 414 29.65 2.04 26.24
N ARG B 415 29.58 2.84 25.18
CA ARG B 415 30.59 2.81 24.12
C ARG B 415 31.87 3.58 24.46
N GLY B 416 31.93 4.23 25.61
CA GLY B 416 33.15 4.88 26.03
C GLY B 416 33.34 6.30 25.55
N TYR B 417 32.30 6.94 25.02
CA TYR B 417 32.45 8.29 24.53
C TYR B 417 32.37 9.25 25.70
N TYR B 418 33.20 10.29 25.66
CA TYR B 418 33.08 11.35 26.67
C TYR B 418 31.85 12.22 26.40
N ASN B 419 31.57 12.47 25.12
CA ASN B 419 30.42 13.28 24.73
C ASN B 419 30.03 12.92 23.30
N LEU B 420 28.89 13.45 22.90
CA LEU B 420 28.33 13.10 21.60
C LEU B 420 29.22 13.56 20.47
N LYS B 421 29.76 14.78 20.60
CA LYS B 421 30.66 15.30 19.58
C LYS B 421 31.78 14.30 19.25
N GLU B 422 32.27 13.58 20.24
CA GLU B 422 33.37 12.64 19.97
C GLU B 422 32.96 11.52 19.02
N ALA B 423 31.67 11.25 18.93
CA ALA B 423 31.20 10.13 18.14
C ALA B 423 30.92 10.49 16.70
N ILE B 424 30.79 11.78 16.40
CA ILE B 424 30.38 12.20 15.07
C ILE B 424 31.37 11.67 14.04
N GLY B 425 30.89 10.88 13.07
CA GLY B 425 31.82 10.42 12.04
C GLY B 425 32.75 9.28 12.43
N ARG B 426 32.57 8.71 13.62
CA ARG B 426 33.60 7.79 14.16
C ARG B 426 33.61 6.46 13.44
N LYS B 427 32.57 6.14 12.68
CA LYS B 427 32.61 4.94 11.88
C LYS B 427 33.75 5.02 10.86
N HIS B 428 34.19 6.22 10.46
CA HIS B 428 35.21 6.35 9.40
C HIS B 428 36.67 6.58 9.88
N PHE C 28 -29.52 17.56 26.33
CA PHE C 28 -28.85 18.61 27.13
C PHE C 28 -27.49 19.02 26.49
N LEU C 29 -26.44 18.44 27.09
CA LEU C 29 -25.06 18.56 26.63
C LEU C 29 -24.80 17.77 25.35
N TYR C 30 -25.58 16.74 25.09
CA TYR C 30 -25.31 15.93 23.90
C TYR C 30 -25.42 16.73 22.60
N ASP C 31 -26.25 17.76 22.58
CA ASP C 31 -26.26 18.66 21.43
C ASP C 31 -24.93 19.39 21.29
N ILE C 32 -24.24 19.66 22.39
CA ILE C 32 -22.97 20.36 22.30
C ILE C 32 -21.91 19.48 21.64
N PHE C 33 -21.85 18.21 22.01
CA PHE C 33 -20.85 17.35 21.38
C PHE C 33 -21.17 17.18 19.89
N LEU C 34 -22.46 17.06 19.59
CA LEU C 34 -22.91 16.90 18.21
C LEU C 34 -22.41 18.06 17.35
N LYS C 35 -22.61 19.29 17.83
CA LYS C 35 -22.17 20.46 17.06
C LYS C 35 -20.67 20.45 16.84
N PHE C 36 -19.88 20.04 17.84
CA PHE C 36 -18.44 19.93 17.61
C PHE C 36 -18.12 18.81 16.62
N CYS C 37 -18.79 17.67 16.76
CA CYS C 37 -18.59 16.56 15.82
C CYS C 37 -18.85 17.00 14.38
N LEU C 38 -20.01 17.59 14.14
CA LEU C 38 -20.35 18.01 12.78
C LEU C 38 -19.38 19.03 12.22
N LYS C 39 -18.75 19.81 13.08
CA LYS C 39 -17.87 20.82 12.54
C LYS C 39 -16.49 20.26 12.21
N TYR C 40 -16.02 19.29 13.00
CA TYR C 40 -14.60 18.99 13.05
C TYR C 40 -14.21 17.55 12.82
N ILE C 41 -15.08 16.58 13.05
CA ILE C 41 -14.69 15.19 13.18
C ILE C 41 -15.19 14.37 11.98
N ASP C 42 -14.29 13.57 11.45
CA ASP C 42 -14.59 12.61 10.40
C ASP C 42 -15.92 11.90 10.68
N GLY C 43 -16.72 11.68 9.62
CA GLY C 43 -18.09 11.20 9.81
C GLY C 43 -18.12 9.81 10.39
N GLU C 44 -17.23 8.93 9.89
CA GLU C 44 -17.30 7.55 10.36
C GLU C 44 -16.79 7.42 11.80
N ILE C 45 -15.81 8.23 12.19
CA ILE C 45 -15.36 8.25 13.57
C ILE C 45 -16.49 8.73 14.47
N CYS C 46 -17.21 9.76 14.04
CA CYS C 46 -18.36 10.23 14.84
C CYS C 46 -19.37 9.10 15.05
N HIS C 47 -19.67 8.39 13.96
CA HIS C 47 -20.63 7.29 14.05
C HIS C 47 -20.11 6.20 14.96
N ASP C 48 -18.85 5.83 14.83
CA ASP C 48 -18.34 4.81 15.73
C ASP C 48 -18.31 5.30 17.19
N LEU C 49 -18.08 6.59 17.43
CA LEU C 49 -18.15 7.09 18.78
C LEU C 49 -19.54 6.91 19.35
N PHE C 50 -20.57 7.31 18.60
CA PHE C 50 -21.96 7.05 18.96
C PHE C 50 -22.20 5.59 19.32
N LEU C 51 -21.76 4.65 18.48
CA LEU C 51 -21.97 3.24 18.81
C LEU C 51 -21.21 2.81 20.05
N LEU C 52 -20.02 3.38 20.27
CA LEU C 52 -19.22 3.11 21.47
C LEU C 52 -20.01 3.51 22.70
N LEU C 53 -20.62 4.70 22.66
CA LEU C 53 -21.41 5.17 23.81
C LEU C 53 -22.62 4.27 24.03
N GLY C 54 -23.28 3.90 22.93
CA GLY C 54 -24.40 2.98 22.96
C GLY C 54 -24.02 1.62 23.53
N LYS C 55 -22.88 1.07 23.12
CA LYS C 55 -22.45 -0.22 23.65
C LYS C 55 -22.22 -0.15 25.15
N TYR C 56 -21.61 0.94 25.63
CA TYR C 56 -21.41 1.08 27.06
C TYR C 56 -22.65 1.57 27.80
N ASN C 57 -23.73 1.75 27.09
CA ASN C 57 -25.03 2.04 27.68
C ASN C 57 -25.03 3.39 28.40
N ILE C 58 -24.38 4.41 27.81
CA ILE C 58 -24.41 5.71 28.44
C ILE C 58 -25.16 6.75 27.58
N LEU C 59 -26.03 6.32 26.71
CA LEU C 59 -26.86 7.25 25.97
C LEU C 59 -28.12 7.54 26.77
N PRO C 60 -28.78 8.68 26.54
CA PRO C 60 -30.02 8.98 27.25
C PRO C 60 -31.11 7.99 26.86
N TYR C 61 -32.14 7.93 27.69
CA TYR C 61 -33.23 6.97 27.60
C TYR C 61 -34.50 7.78 27.51
N ASP C 62 -35.40 7.40 26.60
CA ASP C 62 -36.79 7.85 26.61
C ASP C 62 -37.71 6.83 27.28
N THR C 63 -38.17 7.10 28.51
CA THR C 63 -39.03 6.17 29.24
C THR C 63 -40.46 6.66 29.27
N SER C 64 -40.81 7.64 28.42
CA SER C 64 -42.17 8.12 28.32
C SER C 64 -43.04 7.07 27.66
N ASN C 65 -44.32 7.14 27.91
CA ASN C 65 -45.24 6.33 27.16
C ASN C 65 -45.60 7.03 25.85
N ASP C 66 -45.38 6.36 24.75
CA ASP C 66 -45.78 6.86 23.45
C ASP C 66 -47.29 6.97 23.31
N SER C 67 -47.72 7.98 22.54
CA SER C 67 -49.13 8.13 22.27
C SER C 67 -49.70 6.85 21.64
N ILE C 68 -50.81 6.33 22.19
CA ILE C 68 -51.44 5.18 21.54
C ILE C 68 -52.07 5.54 20.20
N TYR C 69 -52.28 6.82 19.91
CA TYR C 69 -52.85 7.20 18.63
C TYR C 69 -51.82 7.27 17.53
N ALA C 70 -50.55 7.03 17.87
CA ALA C 70 -49.50 7.03 16.84
C ALA C 70 -48.86 5.66 16.68
N CYS C 71 -49.47 4.62 17.23
CA CYS C 71 -48.96 3.29 16.92
CA CYS C 71 -49.05 3.25 16.93
C CYS C 71 -49.32 2.95 15.46
N THR C 72 -48.67 1.91 14.95
CA THR C 72 -48.90 1.51 13.58
C THR C 72 -48.55 0.01 13.46
N ASN C 73 -48.93 -0.60 12.34
CA ASN C 73 -48.66 -2.03 12.22
C ASN C 73 -48.36 -2.34 10.76
N ILE C 74 -47.62 -3.42 10.54
CA ILE C 74 -47.48 -4.03 9.21
C ILE C 74 -47.80 -5.50 9.44
N LYS C 75 -48.90 -5.95 8.87
CA LYS C 75 -49.46 -7.26 9.22
C LYS C 75 -49.46 -7.41 10.72
N HIS C 76 -48.88 -8.48 11.24
CA HIS C 76 -48.93 -8.74 12.69
C HIS C 76 -47.86 -7.97 13.46
N LEU C 77 -47.01 -7.22 12.78
CA LEU C 77 -45.97 -6.46 13.49
C LEU C 77 -46.61 -5.21 14.06
N ASP C 78 -46.65 -5.08 15.38
CA ASP C 78 -47.22 -3.91 16.04
C ASP C 78 -46.12 -2.95 16.52
N PHE C 79 -46.03 -1.81 15.88
CA PHE C 79 -45.01 -0.83 16.27
C PHE C 79 -45.56 0.10 17.33
N ILE C 80 -44.85 0.29 18.44
CA ILE C 80 -45.39 1.13 19.48
C ILE C 80 -45.43 2.62 19.09
N ASN C 81 -44.63 2.96 18.08
CA ASN C 81 -44.59 4.31 17.53
C ASN C 81 -44.04 4.17 16.15
N PRO C 82 -44.15 5.21 15.33
CA PRO C 82 -43.90 4.98 13.89
C PRO C 82 -42.49 5.18 13.42
N PHE C 83 -41.52 5.17 14.35
CA PHE C 83 -40.16 5.56 13.99
C PHE C 83 -39.15 4.48 14.37
N GLY C 84 -38.40 4.06 13.38
CA GLY C 84 -37.31 3.14 13.59
C GLY C 84 -36.01 3.68 13.01
N VAL C 85 -34.94 2.89 13.22
CA VAL C 85 -33.63 3.21 12.71
C VAL C 85 -33.37 2.29 11.52
N ALA C 86 -33.04 2.93 10.40
CA ALA C 86 -32.74 2.25 9.13
C ALA C 86 -31.48 1.39 9.23
N ALA C 87 -31.35 0.49 8.25
CA ALA C 87 -30.20 -0.39 8.10
C ALA C 87 -28.96 0.44 7.88
N GLY C 88 -27.81 -0.16 8.23
CA GLY C 88 -26.52 0.42 8.04
C GLY C 88 -26.09 1.31 9.18
N PHE C 89 -26.97 1.51 10.19
CA PHE C 89 -26.70 2.36 11.36
C PHE C 89 -25.98 1.55 12.43
N ASP C 90 -26.56 0.41 12.81
CA ASP C 90 -25.93 -0.61 13.61
C ASP C 90 -25.74 -1.88 12.77
N LYS C 91 -24.73 -1.84 11.88
CA LYS C 91 -24.50 -2.94 10.94
CA LYS C 91 -24.48 -2.93 10.95
C LYS C 91 -24.29 -4.25 11.68
N ASN C 92 -23.63 -4.22 12.83
CA ASN C 92 -23.27 -5.47 13.49
C ASN C 92 -24.12 -5.82 14.71
N GLY C 93 -25.13 -5.02 15.01
CA GLY C 93 -25.96 -5.30 16.14
C GLY C 93 -25.28 -5.16 17.48
N VAL C 94 -24.38 -4.20 17.61
CA VAL C 94 -23.62 -4.08 18.82
C VAL C 94 -24.27 -3.21 19.88
N CYS C 95 -25.24 -2.38 19.53
CA CYS C 95 -25.93 -1.67 20.58
C CYS C 95 -27.40 -1.44 20.28
N ILE C 96 -28.08 -2.52 20.05
CA ILE C 96 -29.47 -2.49 19.73
C ILE C 96 -30.31 -1.89 20.86
N ASP C 97 -30.02 -2.32 22.08
CA ASP C 97 -30.77 -1.85 23.20
C ASP C 97 -30.68 -0.33 23.36
N SER C 98 -29.49 0.20 23.27
CA SER C 98 -29.29 1.61 23.52
C SER C 98 -29.94 2.51 22.49
N ILE C 99 -29.80 2.11 21.25
CA ILE C 99 -30.41 2.83 20.18
C ILE C 99 -31.92 2.79 20.33
N LEU C 100 -32.48 1.64 20.61
CA LEU C 100 -33.94 1.57 20.76
C LEU C 100 -34.40 2.50 21.91
N LYS C 101 -33.63 2.54 22.98
CA LYS C 101 -34.03 3.28 24.18
C LYS C 101 -33.93 4.78 23.97
N LEU C 102 -33.40 5.21 22.84
CA LEU C 102 -33.51 6.63 22.54
C LEU C 102 -34.94 7.05 22.20
N GLY C 103 -35.84 6.08 22.00
CA GLY C 103 -37.23 6.40 21.72
C GLY C 103 -37.79 5.78 20.45
N PHE C 104 -37.02 4.95 19.74
CA PHE C 104 -37.48 4.28 18.53
C PHE C 104 -38.26 3.00 18.84
N SER C 105 -39.17 2.63 17.94
CA SER C 105 -39.94 1.40 18.10
C SER C 105 -39.28 0.17 17.47
N PHE C 106 -38.30 0.36 16.59
CA PHE C 106 -37.66 -0.74 15.91
C PHE C 106 -36.33 -0.30 15.35
N ILE C 107 -35.55 -1.31 14.97
CA ILE C 107 -34.28 -1.09 14.26
C ILE C 107 -34.13 -2.25 13.28
N GLU C 108 -33.48 -1.94 12.13
CA GLU C 108 -33.11 -2.92 11.13
C GLU C 108 -31.60 -3.05 11.20
N ILE C 109 -31.10 -4.16 11.74
CA ILE C 109 -29.65 -4.30 11.79
C ILE C 109 -29.10 -4.78 10.45
N GLY C 110 -27.80 -4.84 10.35
CA GLY C 110 -27.20 -5.13 9.03
C GLY C 110 -27.06 -3.87 8.20
N THR C 111 -26.87 -4.03 6.87
CA THR C 111 -26.88 -5.30 6.17
C THR C 111 -25.71 -6.20 6.51
N ILE C 112 -26.02 -7.46 6.73
CA ILE C 112 -25.00 -8.45 6.95
C ILE C 112 -24.73 -9.27 5.67
N THR C 113 -23.56 -9.85 5.60
CA THR C 113 -23.20 -10.83 4.57
C THR C 113 -22.70 -12.07 5.24
N PRO C 114 -22.67 -13.22 4.54
CA PRO C 114 -22.30 -14.46 5.22
C PRO C 114 -20.92 -14.38 5.86
N ARG C 115 -19.94 -13.90 5.11
CA ARG C 115 -18.57 -13.77 5.57
C ARG C 115 -18.38 -12.32 5.96
N GLY C 116 -17.61 -12.09 7.01
CA GLY C 116 -17.28 -10.73 7.38
C GLY C 116 -16.43 -10.08 6.29
N GLN C 117 -16.51 -8.77 6.19
CA GLN C 117 -15.62 -8.08 5.26
C GLN C 117 -15.39 -6.65 5.76
N THR C 118 -14.28 -6.07 5.31
CA THR C 118 -13.85 -4.74 5.74
C THR C 118 -14.59 -3.59 5.05
N GLY C 119 -15.22 -3.86 3.85
CA GLY C 119 -15.81 -2.81 3.01
C GLY C 119 -14.75 -2.07 2.24
N ASN C 120 -15.19 -1.00 1.57
CA ASN C 120 -14.32 -0.17 0.74
C ASN C 120 -13.41 0.74 1.56
N ALA C 121 -12.47 1.36 0.85
CA ALA C 121 -11.39 2.07 1.49
C ALA C 121 -11.92 3.31 2.17
N LYS C 122 -11.36 3.61 3.36
CA LYS C 122 -11.74 4.83 4.06
C LYS C 122 -10.86 5.97 3.57
N PRO C 123 -11.28 7.24 3.76
CA PRO C 123 -12.64 7.67 4.17
C PRO C 123 -13.71 7.38 3.11
N ARG C 124 -14.87 6.98 3.60
CA ARG C 124 -15.98 6.53 2.76
C ARG C 124 -17.33 7.04 3.21
N ILE C 125 -17.37 8.02 4.11
CA ILE C 125 -18.61 8.64 4.53
C ILE C 125 -18.34 10.13 4.62
N PHE C 126 -19.18 10.96 3.99
CA PHE C 126 -18.96 12.41 4.04
C PHE C 126 -20.30 13.10 4.24
N ARG C 127 -20.30 14.17 5.06
CA ARG C 127 -21.48 14.98 5.36
C ARG C 127 -21.38 16.28 4.58
N ASP C 128 -22.52 16.77 4.10
CA ASP C 128 -22.69 18.17 3.70
C ASP C 128 -23.70 18.83 4.64
N VAL C 129 -23.21 19.57 5.64
CA VAL C 129 -24.11 20.05 6.69
C VAL C 129 -25.12 21.04 6.14
N GLU C 130 -24.71 21.85 5.15
CA GLU C 130 -25.61 22.88 4.62
C GLU C 130 -26.86 22.29 3.99
N SER C 131 -26.74 21.17 3.28
CA SER C 131 -27.88 20.52 2.64
C SER C 131 -28.45 19.34 3.43
N ARG C 132 -27.96 19.09 4.66
CA ARG C 132 -28.30 17.95 5.52
C ARG C 132 -28.26 16.67 4.70
N SER C 133 -27.18 16.53 3.94
CA SER C 133 -27.00 15.34 3.11
C SER C 133 -25.73 14.56 3.49
N ILE C 134 -25.73 13.27 3.15
CA ILE C 134 -24.61 12.35 3.36
C ILE C 134 -24.32 11.58 2.07
N ILE C 135 -23.06 11.29 1.81
CA ILE C 135 -22.72 10.32 0.77
C ILE C 135 -21.87 9.24 1.41
N ASN C 136 -22.07 8.00 1.01
CA ASN C 136 -21.26 6.93 1.55
C ASN C 136 -20.93 5.91 0.48
N SER C 137 -19.78 5.30 0.63
CA SER C 137 -19.36 4.14 -0.21
C SER C 137 -18.88 3.00 0.70
N CYS C 138 -19.63 2.65 1.74
CA CYS C 138 -19.10 1.70 2.74
C CYS C 138 -18.77 0.33 2.14
N GLY C 139 -19.69 -0.23 1.36
CA GLY C 139 -19.45 -1.55 0.76
C GLY C 139 -19.73 -2.77 1.64
N PHE C 140 -20.78 -2.71 2.49
CA PHE C 140 -21.19 -3.80 3.39
C PHE C 140 -20.05 -4.25 4.34
N ASN C 141 -19.42 -3.27 5.00
CA ASN C 141 -18.48 -3.57 6.09
C ASN C 141 -19.30 -4.19 7.21
N ASN C 142 -19.00 -5.41 7.61
CA ASN C 142 -19.75 -5.98 8.72
C ASN C 142 -18.95 -7.17 9.21
N MET C 143 -19.26 -7.59 10.43
CA MET C 143 -18.52 -8.69 11.05
C MET C 143 -18.92 -10.06 10.51
N GLY C 144 -19.91 -10.14 9.65
CA GLY C 144 -20.31 -11.43 9.13
C GLY C 144 -21.48 -12.03 9.89
N CYS C 145 -22.22 -12.88 9.19
CA CYS C 145 -23.50 -13.35 9.68
C CYS C 145 -23.35 -14.07 11.03
N ASP C 146 -22.31 -14.89 11.21
CA ASP C 146 -22.21 -15.69 12.42
C ASP C 146 -22.02 -14.80 13.68
N LYS C 147 -21.12 -13.85 13.61
CA LYS C 147 -20.92 -12.94 14.73
C LYS C 147 -22.15 -12.05 14.97
N VAL C 148 -22.70 -11.48 13.91
CA VAL C 148 -23.88 -10.64 14.13
C VAL C 148 -25.02 -11.46 14.73
N THR C 149 -25.16 -12.72 14.31
CA THR C 149 -26.16 -13.59 14.93
C THR C 149 -25.93 -13.71 16.43
N GLU C 150 -24.68 -13.94 16.84
CA GLU C 150 -24.39 -14.01 18.28
C GLU C 150 -24.81 -12.73 18.99
N ASN C 151 -24.54 -11.57 18.37
CA ASN C 151 -24.95 -10.31 18.99
C ASN C 151 -26.46 -10.24 19.12
N LEU C 152 -27.19 -10.65 18.09
CA LEU C 152 -28.65 -10.59 18.14
C LEU C 152 -29.24 -11.57 19.16
N ILE C 153 -28.67 -12.76 19.27
CA ILE C 153 -29.11 -13.71 20.29
C ILE C 153 -28.93 -13.13 21.69
N LEU C 154 -27.78 -12.52 21.93
CA LEU C 154 -27.56 -11.91 23.23
C LEU C 154 -28.56 -10.79 23.49
N PHE C 155 -28.87 -10.00 22.45
CA PHE C 155 -29.93 -9.02 22.58
C PHE C 155 -31.28 -9.66 22.96
N ARG C 156 -31.66 -10.75 22.28
CA ARG C 156 -32.95 -11.38 22.53
C ARG C 156 -33.01 -11.92 23.93
N LYS C 157 -31.87 -12.40 24.43
CA LYS C 157 -31.85 -12.82 25.82
C LYS C 157 -32.01 -11.64 26.79
N ARG C 158 -31.34 -10.50 26.54
CA ARG C 158 -31.56 -9.34 27.41
C ARG C 158 -33.01 -8.85 27.29
N GLN C 159 -33.54 -8.87 26.07
CA GLN C 159 -34.86 -8.35 25.83
C GLN C 159 -35.91 -9.11 26.62
N GLU C 160 -35.74 -10.43 26.75
CA GLU C 160 -36.70 -11.21 27.51
C GLU C 160 -36.81 -10.71 28.94
N GLU C 161 -35.71 -10.20 29.47
CA GLU C 161 -35.65 -9.72 30.86
C GLU C 161 -35.77 -8.20 31.04
N ASP C 162 -35.98 -7.43 29.96
CA ASP C 162 -35.84 -5.97 30.00
C ASP C 162 -37.21 -5.33 29.93
N LYS C 163 -37.54 -4.53 30.95
CA LYS C 163 -38.87 -3.92 31.10
C LYS C 163 -39.14 -2.94 29.97
N LEU C 164 -38.09 -2.37 29.36
CA LEU C 164 -38.31 -1.32 28.38
C LEU C 164 -38.48 -1.85 26.96
N LEU C 165 -38.04 -3.07 26.67
CA LEU C 165 -37.86 -3.50 25.27
C LEU C 165 -38.79 -4.58 24.80
N SER C 166 -39.78 -4.96 25.60
CA SER C 166 -40.49 -6.18 25.32
C SER C 166 -41.28 -6.13 24.02
N LYS C 167 -41.70 -4.97 23.56
CA LYS C 167 -42.49 -4.90 22.34
C LYS C 167 -41.73 -4.28 21.18
N HIS C 168 -40.46 -3.98 21.37
CA HIS C 168 -39.65 -3.42 20.30
C HIS C 168 -39.29 -4.48 19.31
N ILE C 169 -39.17 -4.05 18.07
CA ILE C 169 -39.00 -4.92 16.91
C ILE C 169 -37.58 -4.83 16.35
N VAL C 170 -37.03 -5.96 15.94
CA VAL C 170 -35.74 -5.96 15.31
C VAL C 170 -35.81 -6.74 14.01
N GLY C 171 -35.47 -6.04 12.94
CA GLY C 171 -35.36 -6.63 11.63
C GLY C 171 -33.89 -6.83 11.28
N VAL C 172 -33.64 -7.74 10.31
CA VAL C 172 -32.29 -8.02 9.81
C VAL C 172 -32.26 -7.85 8.30
N SER C 173 -31.38 -6.97 7.85
CA SER C 173 -31.10 -6.76 6.45
C SER C 173 -29.96 -7.67 6.02
N ILE C 174 -30.18 -8.36 4.90
CA ILE C 174 -29.26 -9.37 4.40
C ILE C 174 -28.87 -9.06 2.95
N GLY C 175 -27.63 -9.38 2.66
CA GLY C 175 -27.06 -9.03 1.37
C GLY C 175 -26.09 -10.07 0.91
N LYS C 176 -25.22 -9.74 -0.04
CA LYS C 176 -24.22 -10.70 -0.49
C LYS C 176 -22.79 -10.21 -0.36
N ASN C 177 -21.87 -11.16 -0.18
CA ASN C 177 -20.46 -10.85 -0.27
C ASN C 177 -20.11 -10.40 -1.69
N LYS C 178 -19.05 -9.62 -1.77
CA LYS C 178 -18.70 -8.94 -3.02
C LYS C 178 -18.56 -9.92 -4.16
N ASP C 179 -17.82 -11.01 -3.92
CA ASP C 179 -17.45 -11.96 -4.97
C ASP C 179 -18.42 -13.13 -5.18
N THR C 180 -19.51 -13.17 -4.45
CA THR C 180 -20.45 -14.30 -4.57
C THR C 180 -21.14 -14.26 -5.93
N VAL C 181 -21.18 -15.39 -6.61
CA VAL C 181 -21.78 -15.44 -7.95
C VAL C 181 -23.30 -15.46 -7.87
N ASN C 182 -23.89 -16.23 -6.96
CA ASN C 182 -25.34 -16.36 -6.91
C ASN C 182 -25.80 -15.80 -5.56
N ILE C 183 -26.46 -14.67 -5.61
CA ILE C 183 -26.85 -13.98 -4.40
C ILE C 183 -27.68 -14.88 -3.51
N VAL C 184 -28.49 -15.78 -4.10
CA VAL C 184 -29.43 -16.59 -3.32
C VAL C 184 -28.69 -17.45 -2.33
N ASP C 185 -27.50 -17.94 -2.72
CA ASP C 185 -26.71 -18.77 -1.84
C ASP C 185 -26.39 -18.05 -0.53
N ASP C 186 -25.98 -16.76 -0.63
CA ASP C 186 -25.66 -15.92 0.51
C ASP C 186 -26.89 -15.60 1.33
N LEU C 187 -28.02 -15.34 0.66
CA LEU C 187 -29.24 -15.05 1.40
C LEU C 187 -29.70 -16.27 2.18
N LYS C 188 -29.59 -17.43 1.57
CA LYS C 188 -30.01 -18.64 2.26
C LYS C 188 -29.15 -18.90 3.48
N TYR C 189 -27.84 -18.72 3.36
CA TYR C 189 -26.99 -18.92 4.52
C TYR C 189 -27.45 -18.03 5.67
N CYS C 190 -27.67 -16.74 5.37
CA CYS C 190 -28.07 -15.79 6.42
C CYS C 190 -29.38 -16.21 7.04
N ILE C 191 -30.37 -16.61 6.24
CA ILE C 191 -31.64 -17.04 6.83
C ILE C 191 -31.45 -18.22 7.77
N ASN C 192 -30.64 -19.18 7.36
CA ASN C 192 -30.53 -20.37 8.17
C ASN C 192 -29.79 -20.10 9.46
N LYS C 193 -29.04 -19.03 9.53
CA LYS C 193 -28.33 -18.73 10.77
C LYS C 193 -29.07 -17.75 11.66
N ILE C 194 -29.62 -16.67 11.10
CA ILE C 194 -30.16 -15.58 11.88
C ILE C 194 -31.68 -15.48 11.80
N GLY C 195 -32.33 -16.13 10.84
CA GLY C 195 -33.76 -15.89 10.58
C GLY C 195 -34.66 -16.10 11.81
N ARG C 196 -34.33 -17.09 12.63
CA ARG C 196 -35.11 -17.45 13.81
C ARG C 196 -35.18 -16.33 14.83
N TYR C 197 -34.22 -15.40 14.78
CA TYR C 197 -34.10 -14.31 15.75
C TYR C 197 -34.61 -12.97 15.23
N ALA C 198 -35.12 -12.95 13.99
CA ALA C 198 -35.57 -11.75 13.33
C ALA C 198 -37.09 -11.65 13.39
N ASP C 199 -37.58 -10.44 13.61
CA ASP C 199 -39.03 -10.16 13.42
C ASP C 199 -39.39 -10.02 11.93
N TYR C 200 -38.46 -9.50 11.15
CA TYR C 200 -38.56 -9.44 9.70
C TYR C 200 -37.17 -9.52 9.08
N ILE C 201 -37.15 -9.89 7.82
CA ILE C 201 -35.93 -9.98 7.01
C ILE C 201 -36.09 -8.97 5.89
N ALA C 202 -35.09 -8.08 5.75
CA ALA C 202 -35.07 -7.15 4.61
C ALA C 202 -34.07 -7.66 3.59
N ILE C 203 -34.52 -7.82 2.34
CA ILE C 203 -33.67 -8.30 1.27
C ILE C 203 -33.03 -7.07 0.64
N ASN C 204 -31.74 -6.95 0.77
CA ASN C 204 -31.06 -5.75 0.26
C ASN C 204 -30.50 -5.98 -1.14
N VAL C 205 -31.27 -5.56 -2.16
CA VAL C 205 -30.84 -5.63 -3.56
C VAL C 205 -30.58 -4.22 -4.09
N SER C 206 -30.40 -3.27 -3.18
CA SER C 206 -30.31 -1.89 -3.62
C SER C 206 -29.11 -1.06 -3.16
N SER C 207 -28.15 -1.64 -2.48
CA SER C 207 -26.92 -0.89 -2.19
C SER C 207 -26.24 -0.46 -3.49
N PRO C 208 -25.81 0.80 -3.62
CA PRO C 208 -25.04 1.18 -4.82
C PRO C 208 -23.57 0.85 -4.72
N ASN C 209 -23.14 0.32 -3.59
CA ASN C 209 -21.73 0.23 -3.26
C ASN C 209 -21.16 -1.17 -3.36
N THR C 210 -21.95 -2.15 -3.82
CA THR C 210 -21.40 -3.48 -4.15
C THR C 210 -21.63 -3.70 -5.65
N PRO C 211 -20.59 -3.82 -6.46
CA PRO C 211 -20.79 -4.00 -7.91
C PRO C 211 -21.70 -5.18 -8.23
N GLY C 212 -22.67 -4.92 -9.14
CA GLY C 212 -23.61 -5.93 -9.58
C GLY C 212 -24.84 -6.11 -8.73
N LEU C 213 -24.94 -5.50 -7.52
CA LEU C 213 -26.02 -5.96 -6.64
C LEU C 213 -27.37 -5.47 -7.14
N ARG C 214 -27.34 -4.20 -7.49
CA ARG C 214 -28.55 -3.55 -7.99
CA ARG C 214 -28.64 -3.57 -8.00
C ARG C 214 -29.30 -4.28 -9.26
N ASP C 215 -28.42 -5.02 -9.97
CA ASP C 215 -28.94 -5.81 -11.09
C ASP C 215 -29.97 -6.84 -10.61
N ASN C 216 -29.94 -7.20 -9.31
CA ASN C 216 -30.89 -8.17 -8.80
C ASN C 216 -32.27 -7.58 -8.63
N GLN C 217 -32.47 -6.26 -8.89
CA GLN C 217 -33.81 -5.70 -8.89
C GLN C 217 -34.55 -6.02 -10.19
N GLU C 218 -33.81 -6.51 -11.16
CA GLU C 218 -34.41 -6.94 -12.44
C GLU C 218 -35.54 -7.94 -12.12
N ALA C 219 -36.69 -7.79 -12.78
CA ALA C 219 -37.89 -8.37 -12.15
C ALA C 219 -37.86 -9.90 -12.16
N GLY C 220 -37.21 -10.51 -13.15
CA GLY C 220 -37.11 -11.97 -13.19
C GLY C 220 -36.23 -12.50 -12.06
N LYS C 221 -35.04 -11.88 -11.89
CA LYS C 221 -34.15 -12.21 -10.78
C LYS C 221 -34.82 -11.94 -9.46
N LEU C 222 -35.50 -10.79 -9.34
CA LEU C 222 -36.08 -10.42 -8.07
C LEU C 222 -37.17 -11.38 -7.63
N LYS C 223 -38.00 -11.84 -8.58
CA LYS C 223 -38.99 -12.83 -8.24
C LYS C 223 -38.33 -14.08 -7.67
N ASN C 224 -37.29 -14.56 -8.35
CA ASN C 224 -36.63 -15.76 -7.89
C ASN C 224 -36.03 -15.57 -6.49
N ILE C 225 -35.41 -14.41 -6.24
CA ILE C 225 -34.84 -14.12 -4.91
C ILE C 225 -35.90 -14.17 -3.84
N ILE C 226 -36.99 -13.50 -4.08
CA ILE C 226 -38.03 -13.42 -3.06
C ILE C 226 -38.60 -14.81 -2.77
N LEU C 227 -38.91 -15.58 -3.82
CA LEU C 227 -39.46 -16.93 -3.59
C LEU C 227 -38.46 -17.82 -2.85
N SER C 228 -37.18 -17.70 -3.18
CA SER C 228 -36.14 -18.50 -2.51
C SER C 228 -36.03 -18.16 -1.03
N VAL C 229 -36.11 -16.86 -0.69
CA VAL C 229 -36.03 -16.39 0.70
C VAL C 229 -37.23 -16.87 1.47
N LYS C 230 -38.44 -16.75 0.86
CA LYS C 230 -39.66 -17.20 1.53
C LYS C 230 -39.62 -18.70 1.77
N GLU C 231 -39.14 -19.46 0.79
CA GLU C 231 -39.06 -20.92 0.94
C GLU C 231 -38.07 -21.29 2.04
N GLU C 232 -36.96 -20.59 2.12
CA GLU C 232 -35.96 -20.92 3.13
C GLU C 232 -36.49 -20.63 4.53
N ILE C 233 -37.19 -19.52 4.69
CA ILE C 233 -37.79 -19.20 5.98
C ILE C 233 -38.85 -20.25 6.31
N ASP C 234 -39.67 -20.66 5.32
CA ASP C 234 -40.69 -21.68 5.56
C ASP C 234 -40.06 -23.02 5.94
N ASN C 235 -38.92 -23.33 5.37
CA ASN C 235 -38.23 -24.57 5.71
C ASN C 235 -37.62 -24.57 7.12
N LEU C 236 -37.42 -23.38 7.71
CA LEU C 236 -36.95 -23.37 9.09
C LEU C 236 -37.91 -24.11 10.01
N GLU C 237 -39.23 -23.96 9.80
CA GLU C 237 -40.19 -24.64 10.65
C GLU C 237 -40.20 -26.13 10.39
N LYS C 238 -40.38 -26.50 9.12
CA LYS C 238 -40.43 -27.90 8.77
C LYS C 238 -39.24 -28.65 9.35
N ASN C 239 -38.05 -28.05 9.28
CA ASN C 239 -36.85 -28.77 9.73
C ASN C 239 -36.60 -28.67 11.23
N ASN C 240 -37.32 -27.80 11.93
CA ASN C 240 -37.15 -27.62 13.37
C ASN C 240 -38.49 -27.74 14.11
N PHE C 276 -38.38 -23.15 21.72
CA PHE C 276 -39.33 -22.56 20.77
C PHE C 276 -38.62 -21.92 19.55
N LEU C 277 -39.14 -22.17 18.35
CA LEU C 277 -38.39 -21.82 17.15
C LEU C 277 -38.15 -20.33 17.03
N TRP C 278 -39.20 -19.51 17.18
CA TRP C 278 -39.08 -18.10 16.88
C TRP C 278 -38.68 -17.35 18.15
N PHE C 279 -37.40 -17.07 18.24
CA PHE C 279 -36.79 -16.39 19.38
C PHE C 279 -36.68 -14.90 19.03
N ASN C 280 -37.86 -14.28 18.92
CA ASN C 280 -37.99 -12.90 18.45
C ASN C 280 -39.11 -12.23 19.25
N THR C 281 -39.53 -11.04 18.76
CA THR C 281 -40.58 -10.29 19.45
C THR C 281 -41.95 -10.86 19.18
N THR C 282 -42.20 -11.24 17.95
CA THR C 282 -43.53 -11.70 17.53
C THR C 282 -43.83 -13.13 17.96
N LYS C 283 -42.81 -13.94 18.14
CA LYS C 283 -42.92 -15.39 18.25
C LYS C 283 -43.56 -16.02 17.00
N LYS C 284 -43.37 -15.35 15.87
CA LYS C 284 -43.82 -15.80 14.57
C LYS C 284 -42.71 -15.72 13.54
N LYS C 285 -42.95 -16.43 12.45
CA LYS C 285 -42.03 -16.42 11.33
C LYS C 285 -41.75 -14.98 10.95
N PRO C 286 -40.50 -14.64 10.61
CA PRO C 286 -40.19 -13.29 10.15
C PRO C 286 -40.93 -12.96 8.87
N LEU C 287 -41.45 -11.76 8.82
CA LEU C 287 -41.96 -11.20 7.59
C LEU C 287 -40.79 -10.90 6.63
N VAL C 288 -41.13 -10.77 5.33
CA VAL C 288 -40.14 -10.57 4.27
C VAL C 288 -40.43 -9.22 3.63
N PHE C 289 -39.44 -8.35 3.64
CA PHE C 289 -39.49 -7.04 2.98
C PHE C 289 -38.40 -7.01 1.91
N VAL C 290 -38.53 -6.13 0.91
CA VAL C 290 -37.47 -5.82 -0.06
C VAL C 290 -37.17 -4.33 0.03
N LYS C 291 -35.91 -4.01 -0.02
CA LYS C 291 -35.48 -2.61 -0.07
C LYS C 291 -35.04 -2.28 -1.47
N LEU C 292 -35.70 -1.32 -2.06
CA LEU C 292 -35.49 -0.86 -3.40
C LEU C 292 -34.70 0.43 -3.51
N ALA C 293 -34.03 0.58 -4.63
CA ALA C 293 -33.26 1.77 -5.01
C ALA C 293 -34.22 2.78 -5.64
N PRO C 294 -34.00 4.06 -5.42
CA PRO C 294 -34.79 5.06 -6.09
C PRO C 294 -34.37 5.30 -7.53
N ASP C 295 -33.27 4.70 -7.98
CA ASP C 295 -32.72 4.91 -9.32
C ASP C 295 -33.18 3.81 -10.28
N LEU C 296 -34.47 3.78 -10.45
CA LEU C 296 -35.14 2.78 -11.28
C LEU C 296 -35.99 3.56 -12.24
N ASN C 297 -36.14 3.03 -13.46
CA ASN C 297 -37.07 3.70 -14.35
C ASN C 297 -38.52 3.18 -14.16
N GLN C 298 -39.48 3.86 -14.81
CA GLN C 298 -40.87 3.51 -14.50
C GLN C 298 -41.25 2.08 -14.97
N GLU C 299 -40.70 1.62 -16.11
CA GLU C 299 -40.97 0.27 -16.57
C GLU C 299 -40.53 -0.73 -15.54
N GLN C 300 -39.36 -0.49 -14.93
CA GLN C 300 -38.87 -1.40 -13.91
C GLN C 300 -39.76 -1.34 -12.68
N LYS C 301 -40.10 -0.15 -12.26
CA LYS C 301 -41.01 -0.01 -11.11
C LYS C 301 -42.32 -0.79 -11.32
N LYS C 302 -42.91 -0.71 -12.49
CA LYS C 302 -44.15 -1.44 -12.74
C LYS C 302 -43.94 -2.95 -12.69
N GLU C 303 -42.86 -3.43 -13.33
CA GLU C 303 -42.57 -4.86 -13.28
C GLU C 303 -42.32 -5.33 -11.85
N ILE C 304 -41.53 -4.56 -11.09
CA ILE C 304 -41.30 -4.89 -9.68
C ILE C 304 -42.59 -4.91 -8.88
N ALA C 305 -43.49 -3.95 -9.10
CA ALA C 305 -44.75 -3.97 -8.38
C ALA C 305 -45.52 -5.30 -8.62
N ASP C 306 -45.57 -5.77 -9.88
CA ASP C 306 -46.23 -7.03 -10.21
C ASP C 306 -45.55 -8.20 -9.50
N VAL C 307 -44.25 -8.17 -9.44
CA VAL C 307 -43.57 -9.25 -8.70
C VAL C 307 -43.94 -9.23 -7.22
N LEU C 308 -43.93 -8.06 -6.60
CA LEU C 308 -44.21 -7.96 -5.16
C LEU C 308 -45.62 -8.46 -4.88
N LEU C 309 -46.58 -8.12 -5.74
CA LEU C 309 -47.93 -8.64 -5.62
C LEU C 309 -47.96 -10.18 -5.82
N GLU C 310 -47.31 -10.68 -6.89
CA GLU C 310 -47.34 -12.13 -7.23
C GLU C 310 -46.73 -12.99 -6.13
N THR C 311 -45.68 -12.49 -5.49
CA THR C 311 -44.96 -13.28 -4.50
C THR C 311 -45.52 -13.06 -3.09
N ASN C 312 -46.49 -12.16 -2.94
CA ASN C 312 -47.11 -11.85 -1.63
CA ASN C 312 -47.11 -11.87 -1.62
C ASN C 312 -46.05 -11.41 -0.63
N ILE C 313 -45.18 -10.53 -1.08
CA ILE C 313 -44.20 -9.93 -0.17
C ILE C 313 -44.92 -9.14 0.94
N ASP C 314 -44.33 -9.10 2.15
CA ASP C 314 -45.01 -8.44 3.28
C ASP C 314 -44.89 -6.94 3.32
N GLY C 315 -43.88 -6.37 2.65
CA GLY C 315 -43.65 -4.97 2.71
C GLY C 315 -42.51 -4.57 1.79
N MET C 316 -42.45 -3.28 1.49
CA MET C 316 -41.37 -2.78 0.67
C MET C 316 -40.81 -1.54 1.38
N ILE C 317 -39.47 -1.42 1.38
CA ILE C 317 -38.74 -0.34 2.02
C ILE C 317 -38.29 0.59 0.93
N ILE C 318 -38.91 1.76 0.91
CA ILE C 318 -38.73 2.76 -0.11
C ILE C 318 -38.16 3.98 0.59
N SER C 319 -36.86 4.28 0.40
CA SER C 319 -35.91 3.64 -0.52
C SER C 319 -34.50 3.70 0.07
N ASN C 320 -33.55 3.13 -0.67
CA ASN C 320 -32.13 3.18 -0.38
C ASN C 320 -31.62 4.54 -0.89
N THR C 321 -30.32 4.70 -0.87
CA THR C 321 -29.67 5.92 -1.30
C THR C 321 -29.68 6.07 -2.83
N THR C 322 -29.45 7.30 -3.30
CA THR C 322 -29.47 7.59 -4.74
C THR C 322 -28.09 7.94 -5.28
N THR C 323 -27.84 7.53 -6.54
CA THR C 323 -26.65 7.89 -7.27
C THR C 323 -26.94 9.02 -8.26
N GLN C 324 -28.08 9.67 -8.15
CA GLN C 324 -28.52 10.60 -9.20
C GLN C 324 -28.39 12.06 -8.77
N ILE C 325 -27.80 12.32 -7.61
CA ILE C 325 -27.68 13.69 -7.11
C ILE C 325 -26.26 14.15 -7.42
N ASN C 326 -26.13 15.21 -8.21
CA ASN C 326 -24.84 15.75 -8.62
C ASN C 326 -24.69 17.25 -8.34
N ASP C 327 -25.61 17.88 -7.60
CA ASP C 327 -25.49 19.32 -7.37
C ASP C 327 -25.10 19.64 -5.92
N ILE C 328 -24.40 18.74 -5.26
CA ILE C 328 -23.77 19.01 -3.97
C ILE C 328 -22.29 19.18 -4.20
N LYS C 329 -21.79 20.41 -4.02
CA LYS C 329 -20.43 20.74 -4.45
C LYS C 329 -19.39 19.93 -3.71
N SER C 330 -19.57 19.74 -2.43
CA SER C 330 -18.60 19.01 -1.68
C SER C 330 -18.57 17.55 -2.02
N PHE C 331 -19.58 17.02 -2.69
CA PHE C 331 -19.61 15.62 -3.07
C PHE C 331 -19.06 15.34 -4.46
N GLU C 332 -18.61 16.39 -5.16
CA GLU C 332 -17.98 16.20 -6.46
C GLU C 332 -16.65 15.51 -6.14
N ASN C 333 -16.30 14.52 -6.93
CA ASN C 333 -15.11 13.66 -6.76
C ASN C 333 -15.35 12.65 -5.63
N LYS C 334 -16.59 12.48 -5.17
CA LYS C 334 -16.90 11.50 -4.14
C LYS C 334 -17.75 10.38 -4.74
N LYS C 335 -17.51 9.15 -4.37
CA LYS C 335 -18.25 8.03 -4.88
C LYS C 335 -19.34 7.57 -3.87
N GLY C 336 -20.38 6.91 -4.33
CA GLY C 336 -21.37 6.35 -3.44
C GLY C 336 -22.81 6.82 -3.54
N GLY C 337 -23.59 6.51 -2.52
CA GLY C 337 -25.00 6.87 -2.50
C GLY C 337 -25.26 8.04 -1.59
N VAL C 338 -26.24 8.85 -1.98
CA VAL C 338 -26.59 10.04 -1.22
C VAL C 338 -27.86 9.76 -0.43
N SER C 339 -27.83 10.20 0.83
CA SER C 339 -28.87 10.13 1.86
C SER C 339 -29.22 11.56 2.30
N GLY C 340 -30.33 11.69 2.99
CA GLY C 340 -30.62 12.92 3.67
C GLY C 340 -31.56 13.88 2.94
N ALA C 341 -31.42 15.17 3.17
CA ALA C 341 -32.53 16.05 2.75
C ALA C 341 -32.72 16.05 1.23
N LYS C 342 -31.65 15.96 0.49
CA LYS C 342 -31.76 15.94 -0.97
C LYS C 342 -32.37 14.65 -1.55
N LEU C 343 -32.55 13.64 -0.72
CA LEU C 343 -33.22 12.44 -1.16
C LEU C 343 -34.72 12.47 -0.89
N LYS C 344 -35.20 13.43 -0.09
CA LYS C 344 -36.57 13.33 0.44
C LYS C 344 -37.58 13.30 -0.71
N ASP C 345 -37.49 14.25 -1.60
CA ASP C 345 -38.57 14.38 -2.58
C ASP C 345 -38.57 13.21 -3.56
N ILE C 346 -37.39 12.78 -3.96
CA ILE C 346 -37.22 11.60 -4.82
C ILE C 346 -37.93 10.41 -4.19
N SER C 347 -37.61 10.16 -2.94
CA SER C 347 -38.10 8.96 -2.29
C SER C 347 -39.57 9.08 -1.95
N THR C 348 -40.07 10.27 -1.64
CA THR C 348 -41.51 10.38 -1.42
C THR C 348 -42.27 10.12 -2.73
N LYS C 349 -41.84 10.68 -3.83
CA LYS C 349 -42.49 10.40 -5.10
C LYS C 349 -42.50 8.89 -5.41
N PHE C 350 -41.40 8.22 -5.13
CA PHE C 350 -41.31 6.77 -5.35
C PHE C 350 -42.30 6.00 -4.47
N ILE C 351 -42.52 6.46 -3.24
CA ILE C 351 -43.60 5.90 -2.45
C ILE C 351 -44.94 6.04 -3.15
N CYS C 352 -45.28 7.26 -3.58
CA CYS C 352 -46.55 7.46 -4.27
C CYS C 352 -46.68 6.51 -5.43
N GLU C 353 -45.63 6.37 -6.22
CA GLU C 353 -45.74 5.54 -7.40
C GLU C 353 -45.97 4.07 -7.05
N MET C 354 -45.17 3.53 -6.12
CA MET C 354 -45.25 2.12 -5.77
C MET C 354 -46.54 1.84 -5.04
N TYR C 355 -47.04 2.78 -4.24
CA TYR C 355 -48.36 2.58 -3.63
C TYR C 355 -49.46 2.42 -4.67
N ASN C 356 -49.46 3.29 -5.68
CA ASN C 356 -50.37 3.17 -6.82
C ASN C 356 -50.15 1.87 -7.60
N TYR C 357 -48.89 1.56 -7.97
CA TYR C 357 -48.69 0.45 -8.88
C TYR C 357 -48.99 -0.89 -8.22
N THR C 358 -48.93 -0.96 -6.90
CA THR C 358 -49.30 -2.16 -6.14
C THR C 358 -50.74 -2.11 -5.62
N ASN C 359 -51.50 -1.14 -6.05
CA ASN C 359 -52.91 -1.05 -5.70
C ASN C 359 -53.11 -0.98 -4.19
N LYS C 360 -52.15 -0.39 -3.49
CA LYS C 360 -52.26 -0.15 -2.06
C LYS C 360 -52.25 -1.43 -1.25
N GLN C 361 -51.85 -2.52 -1.87
CA GLN C 361 -51.91 -3.83 -1.23
CA GLN C 361 -51.92 -3.83 -1.22
C GLN C 361 -50.64 -4.23 -0.53
N ILE C 362 -49.56 -3.45 -0.66
CA ILE C 362 -48.26 -3.83 -0.13
C ILE C 362 -47.77 -2.76 0.83
N PRO C 363 -47.68 -3.06 2.11
CA PRO C 363 -47.28 -2.03 3.07
C PRO C 363 -45.92 -1.45 2.73
N ILE C 364 -45.75 -0.19 3.07
CA ILE C 364 -44.54 0.56 2.78
C ILE C 364 -43.82 1.00 4.05
N ILE C 365 -42.49 0.84 4.07
CA ILE C 365 -41.62 1.36 5.14
C ILE C 365 -40.86 2.51 4.48
N ALA C 366 -41.03 3.73 4.92
CA ALA C 366 -40.40 4.88 4.28
C ALA C 366 -38.97 5.09 4.81
N SER C 367 -38.06 5.38 3.90
CA SER C 367 -36.69 5.75 4.22
C SER C 367 -36.23 6.79 3.21
N GLY C 368 -35.76 7.93 3.69
CA GLY C 368 -35.19 8.93 2.80
C GLY C 368 -35.54 10.35 3.19
N GLY C 369 -34.61 11.09 3.79
CA GLY C 369 -34.78 12.52 4.05
C GLY C 369 -35.82 12.89 5.09
N ILE C 370 -36.09 12.00 6.06
CA ILE C 370 -37.02 12.28 7.15
C ILE C 370 -36.29 12.89 8.35
N PHE C 371 -36.56 14.16 8.61
CA PHE C 371 -35.98 14.91 9.73
C PHE C 371 -37.03 15.41 10.71
N SER C 372 -38.23 15.73 10.23
CA SER C 372 -39.21 16.45 11.05
C SER C 372 -40.51 15.68 11.04
N GLY C 373 -41.42 16.05 11.94
CA GLY C 373 -42.74 15.47 11.91
C GLY C 373 -43.44 15.77 10.59
N LEU C 374 -43.18 16.95 10.02
CA LEU C 374 -43.74 17.28 8.70
CA LEU C 374 -43.76 17.27 8.71
C LEU C 374 -43.30 16.27 7.65
N ASP C 375 -41.99 15.97 7.61
CA ASP C 375 -41.45 15.00 6.67
C ASP C 375 -42.08 13.64 6.89
N ALA C 376 -42.29 13.27 8.15
CA ALA C 376 -42.86 11.96 8.44
C ALA C 376 -44.31 11.90 7.94
N LEU C 377 -45.08 12.94 8.22
CA LEU C 377 -46.45 13.00 7.76
C LEU C 377 -46.52 12.91 6.25
N GLU C 378 -45.67 13.67 5.55
CA GLU C 378 -45.65 13.49 4.09
C GLU C 378 -45.48 12.02 3.66
N LYS C 379 -44.51 11.30 4.25
CA LYS C 379 -44.24 9.91 3.88
C LYS C 379 -45.48 9.04 4.15
N ILE C 380 -46.13 9.26 5.31
CA ILE C 380 -47.33 8.50 5.69
C ILE C 380 -48.49 8.81 4.75
N GLU C 381 -48.79 10.09 4.48
CA GLU C 381 -49.92 10.42 3.63
C GLU C 381 -49.65 9.93 2.20
N ALA C 382 -48.37 9.81 1.82
CA ALA C 382 -47.99 9.27 0.49
C ALA C 382 -48.22 7.77 0.37
N GLY C 383 -48.32 7.06 1.50
CA GLY C 383 -48.61 5.64 1.55
C GLY C 383 -47.80 4.80 2.53
N ALA C 384 -46.84 5.39 3.25
CA ALA C 384 -46.03 4.64 4.21
C ALA C 384 -46.81 4.35 5.52
N SER C 385 -46.53 3.21 6.10
CA SER C 385 -47.10 2.84 7.38
C SER C 385 -46.18 3.18 8.52
N VAL C 386 -44.87 3.22 8.26
CA VAL C 386 -43.87 3.42 9.30
C VAL C 386 -42.66 4.10 8.64
N CYS C 387 -41.87 4.83 9.45
CA CYS C 387 -40.71 5.59 8.97
C CYS C 387 -39.43 5.08 9.61
N GLN C 388 -38.35 5.09 8.84
CA GLN C 388 -37.00 4.82 9.29
C GLN C 388 -36.13 6.07 9.16
N LEU C 389 -35.34 6.34 10.20
CA LEU C 389 -34.43 7.48 10.26
C LEU C 389 -33.00 6.94 10.15
N TYR C 390 -32.15 7.77 9.58
CA TYR C 390 -30.68 7.65 9.60
C TYR C 390 -30.07 9.03 9.63
N SER C 391 -30.17 9.76 8.51
CA SER C 391 -29.60 11.08 8.45
C SER C 391 -30.11 11.98 9.57
N CYS C 392 -31.34 11.82 10.01
CA CYS C 392 -31.82 12.64 11.14
C CYS C 392 -30.95 12.46 12.39
N LEU C 393 -30.52 11.24 12.68
CA LEU C 393 -29.69 11.03 13.88
C LEU C 393 -28.32 11.68 13.72
N VAL C 394 -27.84 11.75 12.49
CA VAL C 394 -26.53 12.35 12.22
C VAL C 394 -26.57 13.83 12.48
N PHE C 395 -27.66 14.48 12.08
CA PHE C 395 -27.64 15.92 12.10
C PHE C 395 -28.40 16.48 13.29
N ASN C 396 -29.31 15.69 13.88
CA ASN C 396 -30.09 16.11 15.04
C ASN C 396 -29.69 15.37 16.31
N GLY C 397 -28.93 14.30 16.23
CA GLY C 397 -28.39 13.74 17.46
C GLY C 397 -29.38 12.95 18.31
N MET C 398 -29.07 12.91 19.59
CA MET C 398 -29.74 12.01 20.53
C MET C 398 -31.23 12.32 20.68
N LYS C 399 -31.62 13.57 20.48
CA LYS C 399 -33.00 13.94 20.69
C LYS C 399 -33.89 13.60 19.53
N SER C 400 -33.36 12.96 18.48
CA SER C 400 -34.09 12.78 17.21
C SER C 400 -35.45 12.09 17.40
N ALA C 401 -35.49 10.99 18.15
CA ALA C 401 -36.76 10.27 18.32
C ALA C 401 -37.76 11.08 19.14
N VAL C 402 -37.31 11.65 20.27
CA VAL C 402 -38.26 12.33 21.14
C VAL C 402 -38.88 13.48 20.40
N GLN C 403 -38.04 14.20 19.70
CA GLN C 403 -38.47 15.40 19.01
C GLN C 403 -39.45 15.06 17.91
N ILE C 404 -39.09 14.11 17.05
CA ILE C 404 -39.90 13.81 15.87
C ILE C 404 -41.23 13.17 16.26
N LYS C 405 -41.25 12.41 17.35
CA LYS C 405 -42.52 11.86 17.82
C LYS C 405 -43.46 12.97 18.27
N ARG C 406 -42.95 13.95 19.00
CA ARG C 406 -43.81 15.06 19.45
C ARG C 406 -44.31 15.86 18.24
N GLU C 407 -43.42 16.15 17.29
CA GLU C 407 -43.81 16.96 16.14
C GLU C 407 -44.89 16.24 15.35
N LEU C 408 -44.77 14.93 15.18
CA LEU C 408 -45.77 14.23 14.41
C LEU C 408 -47.11 14.21 15.15
N ASN C 409 -47.08 13.99 16.47
CA ASN C 409 -48.35 14.02 17.19
C ASN C 409 -49.07 15.34 16.97
N HIS C 410 -48.35 16.45 17.10
CA HIS C 410 -48.98 17.76 16.92
C HIS C 410 -49.58 17.90 15.53
N LEU C 411 -48.95 17.31 14.51
CA LEU C 411 -49.51 17.50 13.19
C LEU C 411 -50.71 16.60 12.90
N LEU C 412 -50.71 15.42 13.51
CA LEU C 412 -51.87 14.54 13.39
C LEU C 412 -53.08 15.25 13.98
N TYR C 413 -52.85 15.93 15.08
CA TYR C 413 -53.93 16.69 15.70
C TYR C 413 -54.35 17.85 14.81
N GLN C 414 -53.37 18.54 14.21
CA GLN C 414 -53.67 19.64 13.31
C GLN C 414 -54.55 19.21 12.16
N ARG C 415 -54.24 18.05 11.56
CA ARG C 415 -55.01 17.52 10.45
C ARG C 415 -56.42 17.10 10.86
N GLY C 416 -56.69 16.93 12.16
CA GLY C 416 -57.95 16.34 12.57
C GLY C 416 -57.97 14.82 12.54
N TYR C 417 -56.86 14.15 12.35
CA TYR C 417 -56.89 12.69 12.37
C TYR C 417 -57.11 12.13 13.77
N TYR C 418 -57.87 11.04 13.86
CA TYR C 418 -58.03 10.40 15.17
C TYR C 418 -56.77 9.63 15.54
N ASN C 419 -56.14 9.02 14.56
CA ASN C 419 -54.92 8.26 14.80
C ASN C 419 -54.09 8.21 13.52
N LEU C 420 -52.86 7.69 13.65
CA LEU C 420 -51.96 7.67 12.51
C LEU C 420 -52.46 6.80 11.37
N LYS C 421 -53.11 5.70 11.69
CA LYS C 421 -53.56 4.82 10.65
C LYS C 421 -54.53 5.51 9.68
N GLU C 422 -55.31 6.50 10.17
CA GLU C 422 -56.22 7.27 9.30
CA GLU C 422 -56.22 7.26 9.30
C GLU C 422 -55.46 8.06 8.24
N ALA C 423 -54.21 8.38 8.50
CA ALA C 423 -53.42 9.26 7.63
C ALA C 423 -52.78 8.47 6.50
N ILE C 424 -52.67 7.16 6.63
CA ILE C 424 -51.88 6.40 5.66
C ILE C 424 -52.52 6.48 4.30
N GLY C 425 -51.74 6.93 3.32
CA GLY C 425 -52.19 6.97 1.96
C GLY C 425 -53.19 8.05 1.68
N ARG C 426 -53.41 9.00 2.61
CA ARG C 426 -54.47 10.00 2.41
C ARG C 426 -54.17 11.00 1.31
N LYS C 427 -52.95 11.11 0.84
CA LYS C 427 -52.72 11.97 -0.30
C LYS C 427 -53.45 11.48 -1.53
N HIS C 428 -53.79 10.19 -1.59
CA HIS C 428 -54.37 9.61 -2.80
C HIS C 428 -55.90 9.48 -2.82
N PRO D 25 5.11 -2.34 -55.16
CA PRO D 25 5.89 -1.82 -54.03
C PRO D 25 7.20 -2.55 -53.87
N GLU D 26 7.24 -3.80 -54.29
CA GLU D 26 8.46 -4.55 -54.25
C GLU D 26 9.37 -4.26 -55.46
N PHE D 27 9.14 -3.17 -56.16
CA PHE D 27 9.88 -2.90 -57.39
C PHE D 27 11.37 -2.72 -57.10
N PHE D 28 12.20 -3.40 -57.89
CA PHE D 28 13.58 -3.57 -57.49
C PHE D 28 14.31 -2.24 -57.41
N LEU D 29 13.93 -1.27 -58.25
CA LEU D 29 14.76 -0.08 -58.34
C LEU D 29 14.68 0.76 -57.07
N TYR D 30 13.51 0.78 -56.42
CA TYR D 30 13.40 1.47 -55.14
C TYR D 30 14.28 0.84 -54.06
N ASP D 31 14.62 -0.45 -54.18
CA ASP D 31 15.62 -1.03 -53.27
C ASP D 31 17.01 -0.50 -53.60
N ILE D 32 17.29 -0.30 -54.88
CA ILE D 32 18.60 0.22 -55.25
C ILE D 32 18.80 1.61 -54.66
N PHE D 33 17.83 2.51 -54.92
CA PHE D 33 17.88 3.84 -54.34
C PHE D 33 18.01 3.77 -52.82
N LEU D 34 17.18 2.94 -52.18
CA LEU D 34 17.23 2.83 -50.71
C LEU D 34 18.65 2.55 -50.23
N LYS D 35 19.34 1.63 -50.91
CA LYS D 35 20.68 1.26 -50.45
C LYS D 35 21.63 2.43 -50.60
N PHE D 36 21.51 3.17 -51.70
CA PHE D 36 22.34 4.37 -51.87
C PHE D 36 22.05 5.36 -50.75
N CYS D 37 20.77 5.61 -50.48
CA CYS D 37 20.41 6.61 -49.49
C CYS D 37 20.92 6.21 -48.11
N LEU D 38 20.72 4.95 -47.71
CA LEU D 38 21.17 4.50 -46.39
C LEU D 38 22.68 4.64 -46.23
N LYS D 39 23.42 4.44 -47.30
CA LYS D 39 24.87 4.48 -47.15
C LYS D 39 25.44 5.90 -47.19
N TYR D 40 24.74 6.83 -47.84
CA TYR D 40 25.35 8.09 -48.19
C TYR D 40 24.57 9.34 -47.84
N ILE D 41 23.26 9.30 -47.66
CA ILE D 41 22.49 10.55 -47.66
C ILE D 41 21.92 10.79 -46.27
N ASP D 42 22.01 12.06 -45.82
CA ASP D 42 21.42 12.50 -44.56
C ASP D 42 20.01 11.94 -44.38
N GLY D 43 19.69 11.54 -43.15
CA GLY D 43 18.45 10.82 -42.92
C GLY D 43 17.21 11.67 -43.17
N GLU D 44 17.18 12.89 -42.66
CA GLU D 44 15.99 13.70 -42.91
C GLU D 44 15.82 14.07 -44.38
N ILE D 45 16.92 14.21 -45.11
CA ILE D 45 16.83 14.44 -46.55
C ILE D 45 16.16 13.25 -47.25
N CYS D 46 16.61 12.03 -46.91
CA CYS D 46 15.99 10.83 -47.48
C CYS D 46 14.51 10.82 -47.19
N HIS D 47 14.14 11.14 -45.95
CA HIS D 47 12.73 11.14 -45.51
C HIS D 47 11.93 12.14 -46.32
N ASP D 48 12.46 13.36 -46.45
CA ASP D 48 11.79 14.39 -47.22
C ASP D 48 11.69 14.00 -48.69
N LEU D 49 12.68 13.27 -49.22
CA LEU D 49 12.54 12.82 -50.60
C LEU D 49 11.40 11.82 -50.74
N PHE D 50 11.32 10.89 -49.81
CA PHE D 50 10.20 9.95 -49.80
C PHE D 50 8.88 10.68 -49.78
N LEU D 51 8.75 11.65 -48.89
CA LEU D 51 7.51 12.42 -48.86
C LEU D 51 7.25 13.16 -50.19
N LEU D 52 8.30 13.73 -50.80
CA LEU D 52 8.13 14.41 -52.08
C LEU D 52 7.62 13.46 -53.18
N LEU D 53 8.21 12.26 -53.27
CA LEU D 53 7.69 11.31 -54.24
C LEU D 53 6.22 10.94 -53.92
N GLY D 54 5.90 10.78 -52.62
CA GLY D 54 4.52 10.52 -52.24
C GLY D 54 3.59 11.65 -52.63
N LYS D 55 4.00 12.89 -52.39
CA LYS D 55 3.12 14.01 -52.71
C LYS D 55 2.84 14.08 -54.21
N TYR D 56 3.80 13.67 -55.04
CA TYR D 56 3.59 13.66 -56.47
C TYR D 56 3.00 12.36 -56.96
N ASN D 57 2.65 11.48 -56.05
CA ASN D 57 1.91 10.26 -56.37
C ASN D 57 2.68 9.36 -57.35
N ILE D 58 4.01 9.30 -57.19
CA ILE D 58 4.80 8.43 -58.06
C ILE D 58 5.29 7.20 -57.34
N LEU D 59 4.83 6.95 -56.11
CA LEU D 59 5.21 5.73 -55.45
C LEU D 59 4.32 4.59 -55.95
N PRO D 60 4.78 3.36 -55.81
CA PRO D 60 3.97 2.18 -56.16
C PRO D 60 2.78 2.01 -55.23
N TYR D 61 1.75 1.34 -55.76
CA TYR D 61 0.52 1.01 -55.07
C TYR D 61 0.51 -0.50 -54.82
N ASP D 62 -0.03 -0.89 -53.68
CA ASP D 62 -0.48 -2.26 -53.44
C ASP D 62 -1.98 -2.23 -53.59
N THR D 63 -2.50 -2.78 -54.68
CA THR D 63 -3.94 -2.84 -54.87
C THR D 63 -4.49 -4.24 -54.67
N SER D 64 -3.68 -5.13 -54.09
CA SER D 64 -4.12 -6.50 -53.83
C SER D 64 -5.15 -6.53 -52.71
N ASN D 65 -5.95 -7.58 -52.71
CA ASN D 65 -6.93 -7.75 -51.65
C ASN D 65 -6.22 -8.28 -50.40
N ASP D 66 -6.36 -7.59 -49.28
CA ASP D 66 -5.75 -8.11 -48.06
C ASP D 66 -6.53 -9.33 -47.56
N SER D 67 -5.84 -10.22 -46.86
CA SER D 67 -6.53 -11.38 -46.36
C SER D 67 -7.60 -10.97 -45.34
N ILE D 68 -8.81 -11.51 -45.48
CA ILE D 68 -9.84 -11.25 -44.49
C ILE D 68 -9.50 -11.86 -43.13
N TYR D 69 -8.58 -12.86 -43.09
CA TYR D 69 -8.24 -13.45 -41.80
C TYR D 69 -7.21 -12.66 -41.02
N ALA D 70 -6.66 -11.57 -41.57
CA ALA D 70 -5.76 -10.70 -40.83
C ALA D 70 -6.34 -9.31 -40.58
N CYS D 71 -7.66 -9.15 -40.73
CA CYS D 71 -8.21 -7.87 -40.32
CA CYS D 71 -8.32 -7.92 -40.32
C CYS D 71 -8.25 -7.80 -38.81
N THR D 72 -8.46 -6.60 -38.31
CA THR D 72 -8.54 -6.45 -36.86
C THR D 72 -9.35 -5.20 -36.56
N ASN D 73 -9.63 -4.96 -35.28
CA ASN D 73 -10.43 -3.82 -34.83
C ASN D 73 -10.06 -3.38 -33.43
N ILE D 74 -10.30 -2.10 -33.17
CA ILE D 74 -10.27 -1.51 -31.85
C ILE D 74 -11.61 -0.84 -31.71
N LYS D 75 -12.49 -1.43 -30.90
CA LYS D 75 -13.85 -0.99 -30.75
C LYS D 75 -14.44 -0.93 -32.15
N HIS D 76 -15.09 0.15 -32.55
CA HIS D 76 -15.72 0.15 -33.86
C HIS D 76 -14.77 0.40 -35.02
N LEU D 77 -13.49 0.70 -34.77
CA LEU D 77 -12.52 0.98 -35.82
C LEU D 77 -12.12 -0.33 -36.45
N ASP D 78 -12.46 -0.56 -37.72
CA ASP D 78 -12.17 -1.81 -38.46
C ASP D 78 -10.96 -1.61 -39.40
N PHE D 79 -9.85 -2.22 -39.06
CA PHE D 79 -8.61 -2.06 -39.84
C PHE D 79 -8.62 -3.18 -40.87
N ILE D 80 -8.39 -2.84 -42.14
CA ILE D 80 -8.45 -3.85 -43.19
C ILE D 80 -7.26 -4.82 -43.14
N ASN D 81 -6.18 -4.41 -42.49
CA ASN D 81 -5.00 -5.25 -42.20
C ASN D 81 -4.36 -4.65 -40.97
N PRO D 82 -3.46 -5.35 -40.35
CA PRO D 82 -3.03 -4.93 -39.02
C PRO D 82 -1.81 -4.02 -39.00
N PHE D 83 -1.47 -3.38 -40.12
CA PHE D 83 -0.25 -2.56 -40.20
C PHE D 83 -0.54 -1.12 -40.59
N GLY D 84 -0.13 -0.21 -39.70
CA GLY D 84 -0.20 1.22 -39.97
C GLY D 84 1.19 1.86 -39.91
N VAL D 85 1.19 3.17 -40.20
CA VAL D 85 2.37 4.01 -40.07
C VAL D 85 2.24 4.89 -38.83
N ALA D 86 3.27 4.83 -37.99
CA ALA D 86 3.31 5.54 -36.73
C ALA D 86 3.42 7.03 -36.94
N ALA D 87 3.18 7.74 -35.85
CA ALA D 87 3.30 9.18 -35.86
C ALA D 87 4.74 9.57 -36.11
N GLY D 88 4.93 10.82 -36.56
CA GLY D 88 6.24 11.32 -36.87
C GLY D 88 6.69 11.05 -38.27
N PHE D 89 5.96 10.24 -39.01
CA PHE D 89 6.36 9.85 -40.35
C PHE D 89 5.85 10.84 -41.39
N ASP D 90 4.55 11.10 -41.36
CA ASP D 90 3.98 12.25 -42.05
C ASP D 90 3.45 13.25 -41.02
N LYS D 91 4.36 14.05 -40.48
CA LYS D 91 3.99 14.98 -39.40
C LYS D 91 2.90 15.95 -39.86
N ASN D 92 2.92 16.37 -41.13
CA ASN D 92 2.01 17.42 -41.62
C ASN D 92 0.84 16.91 -42.46
N GLY D 93 0.79 15.62 -42.72
CA GLY D 93 -0.28 15.06 -43.52
C GLY D 93 -0.21 15.48 -44.98
N VAL D 94 0.99 15.50 -45.50
CA VAL D 94 1.19 15.92 -46.86
C VAL D 94 1.13 14.83 -47.87
N CYS D 95 1.23 13.58 -47.48
CA CYS D 95 1.06 12.51 -48.46
C CYS D 95 0.42 11.24 -47.87
N ILE D 96 -0.68 11.47 -47.22
CA ILE D 96 -1.47 10.46 -46.60
C ILE D 96 -1.87 9.40 -47.61
N ASP D 97 -2.39 9.83 -48.73
CA ASP D 97 -2.86 8.91 -49.73
C ASP D 97 -1.79 7.93 -50.19
N SER D 98 -0.66 8.45 -50.60
CA SER D 98 0.39 7.59 -51.16
C SER D 98 0.99 6.66 -50.13
N ILE D 99 1.14 7.15 -48.88
CA ILE D 99 1.64 6.26 -47.86
C ILE D 99 0.65 5.11 -47.64
N LEU D 100 -0.63 5.41 -47.53
CA LEU D 100 -1.60 4.34 -47.32
C LEU D 100 -1.58 3.31 -48.47
N LYS D 101 -1.49 3.79 -49.72
CA LYS D 101 -1.51 2.97 -50.94
C LYS D 101 -0.29 2.08 -51.12
N LEU D 102 0.72 2.24 -50.25
CA LEU D 102 1.78 1.26 -50.18
C LEU D 102 1.30 -0.07 -49.62
N GLY D 103 0.14 -0.10 -48.99
CA GLY D 103 -0.34 -1.32 -48.36
C GLY D 103 -0.73 -1.29 -46.89
N PHE D 104 -0.64 -0.11 -46.28
CA PHE D 104 -1.07 0.08 -44.89
C PHE D 104 -2.59 0.28 -44.74
N SER D 105 -3.12 -0.07 -43.55
CA SER D 105 -4.55 0.13 -43.26
C SER D 105 -4.82 1.45 -42.57
N PHE D 106 -3.78 2.05 -42.02
CA PHE D 106 -3.96 3.33 -41.33
C PHE D 106 -2.66 4.09 -41.19
N ILE D 107 -2.80 5.36 -40.82
CA ILE D 107 -1.66 6.22 -40.54
C ILE D 107 -2.06 7.18 -39.43
N GLU D 108 -1.12 7.49 -38.55
CA GLU D 108 -1.26 8.45 -37.47
C GLU D 108 -0.44 9.68 -37.87
N ILE D 109 -1.09 10.76 -38.27
CA ILE D 109 -0.31 11.93 -38.69
C ILE D 109 0.02 12.74 -37.44
N GLY D 110 0.82 13.79 -37.59
CA GLY D 110 1.39 14.50 -36.43
C GLY D 110 2.68 13.87 -35.94
N THR D 111 3.10 14.22 -34.72
CA THR D 111 2.38 14.99 -33.76
C THR D 111 2.32 16.42 -34.19
N ILE D 112 1.14 17.01 -34.09
CA ILE D 112 0.97 18.44 -34.40
C ILE D 112 0.88 19.22 -33.09
N THR D 113 1.09 20.53 -33.19
CA THR D 113 0.97 21.48 -32.11
C THR D 113 0.09 22.63 -32.60
N PRO D 114 -0.51 23.40 -31.69
CA PRO D 114 -1.42 24.46 -32.17
C PRO D 114 -0.74 25.41 -33.13
N ARG D 115 0.48 25.82 -32.84
CA ARG D 115 1.22 26.74 -33.69
C ARG D 115 2.32 25.96 -34.38
N GLY D 116 2.59 26.27 -35.64
CA GLY D 116 3.80 25.80 -36.28
C GLY D 116 5.10 25.97 -35.51
N GLN D 117 6.07 25.10 -35.77
CA GLN D 117 7.33 25.03 -35.03
C GLN D 117 8.38 24.46 -35.97
N THR D 118 9.58 25.05 -35.97
CA THR D 118 10.70 24.51 -36.75
C THR D 118 11.36 23.29 -36.11
N GLY D 119 11.22 23.13 -34.79
CA GLY D 119 11.90 22.06 -34.09
C GLY D 119 13.38 22.39 -33.92
N ASN D 120 14.17 21.37 -33.64
CA ASN D 120 15.58 21.58 -33.31
C ASN D 120 16.48 21.68 -34.54
N ALA D 121 17.71 22.15 -34.31
CA ALA D 121 18.62 22.39 -35.42
C ALA D 121 18.95 21.07 -36.13
N LYS D 122 18.92 21.09 -37.46
CA LYS D 122 19.45 20.00 -38.27
C LYS D 122 20.99 19.97 -38.16
N PRO D 123 21.62 18.78 -38.37
CA PRO D 123 21.00 17.45 -38.50
C PRO D 123 20.49 16.91 -37.17
N ARG D 124 19.33 16.26 -37.16
CA ARG D 124 18.72 15.87 -35.90
C ARG D 124 18.17 14.47 -36.00
N ILE D 125 18.47 13.73 -37.08
CA ILE D 125 18.04 12.36 -37.26
C ILE D 125 19.25 11.57 -37.77
N PHE D 126 19.51 10.43 -37.15
CA PHE D 126 20.69 9.65 -37.51
C PHE D 126 20.32 8.17 -37.44
N ARG D 127 20.89 7.42 -38.38
CA ARG D 127 20.64 6.00 -38.51
C ARG D 127 21.90 5.22 -38.19
N ASP D 128 21.73 4.00 -37.69
CA ASP D 128 22.84 3.07 -37.52
C ASP D 128 22.35 1.82 -38.23
N VAL D 129 22.78 1.67 -39.47
CA VAL D 129 22.23 0.61 -40.32
C VAL D 129 22.51 -0.76 -39.73
N GLU D 130 23.66 -0.93 -39.05
CA GLU D 130 24.06 -2.26 -38.62
C GLU D 130 23.13 -2.79 -37.53
N SER D 131 22.68 -1.90 -36.62
CA SER D 131 21.70 -2.31 -35.61
C SER D 131 20.26 -2.00 -36.00
N ARG D 132 20.02 -1.40 -37.17
CA ARG D 132 18.68 -1.01 -37.64
C ARG D 132 17.99 -0.12 -36.59
N SER D 133 18.69 0.88 -36.15
CA SER D 133 18.13 1.77 -35.14
C SER D 133 18.31 3.22 -35.56
N ILE D 134 17.52 4.08 -34.97
CA ILE D 134 17.43 5.46 -35.36
C ILE D 134 17.47 6.22 -34.06
N ILE D 135 18.08 7.40 -34.09
CA ILE D 135 17.95 8.36 -33.02
C ILE D 135 17.50 9.70 -33.60
N ASN D 136 16.62 10.38 -32.88
CA ASN D 136 16.10 11.64 -33.39
C ASN D 136 15.88 12.62 -32.26
N SER D 137 16.10 13.89 -32.56
CA SER D 137 15.93 15.05 -31.69
C SER D 137 15.11 16.11 -32.45
N CYS D 138 13.97 15.70 -33.04
CA CYS D 138 13.24 16.62 -33.92
C CYS D 138 12.62 17.77 -33.14
N GLY D 139 11.92 17.47 -32.06
CA GLY D 139 11.34 18.53 -31.25
C GLY D 139 10.04 19.04 -31.82
N PHE D 140 9.19 18.14 -32.28
CA PHE D 140 7.84 18.48 -32.77
C PHE D 140 7.88 19.54 -33.90
N ASN D 141 8.74 19.32 -34.89
CA ASN D 141 8.70 20.16 -36.08
C ASN D 141 7.41 19.87 -36.85
N ASN D 142 6.62 20.89 -37.10
CA ASN D 142 5.38 20.70 -37.85
C ASN D 142 4.83 22.04 -38.28
N MET D 143 3.98 22.00 -39.29
CA MET D 143 3.41 23.22 -39.84
C MET D 143 2.28 23.80 -39.01
N GLY D 144 1.87 23.16 -37.93
CA GLY D 144 0.85 23.78 -37.09
C GLY D 144 -0.57 23.27 -37.33
N CYS D 145 -1.35 23.24 -36.25
CA CYS D 145 -2.63 22.55 -36.36
C CYS D 145 -3.54 23.13 -37.48
N ASP D 146 -3.54 24.44 -37.68
CA ASP D 146 -4.43 25.00 -38.69
C ASP D 146 -4.07 24.48 -40.07
N LYS D 147 -2.77 24.45 -40.39
CA LYS D 147 -2.39 24.03 -41.73
C LYS D 147 -2.57 22.51 -41.87
N VAL D 148 -2.13 21.77 -40.89
CA VAL D 148 -2.33 20.32 -41.01
C VAL D 148 -3.83 19.97 -41.10
N THR D 149 -4.69 20.68 -40.38
CA THR D 149 -6.13 20.46 -40.55
C THR D 149 -6.53 20.67 -42.02
N GLU D 150 -6.04 21.71 -42.67
CA GLU D 150 -6.42 21.90 -44.06
C GLU D 150 -5.96 20.72 -44.92
N ASN D 151 -4.75 20.21 -44.67
CA ASN D 151 -4.24 19.04 -45.40
C ASN D 151 -5.15 17.84 -45.18
N LEU D 152 -5.60 17.65 -43.96
CA LEU D 152 -6.40 16.48 -43.67
C LEU D 152 -7.77 16.63 -44.30
N ILE D 153 -8.33 17.84 -44.32
CA ILE D 153 -9.62 18.02 -44.97
C ILE D 153 -9.52 17.70 -46.46
N LEU D 154 -8.42 18.12 -47.08
CA LEU D 154 -8.23 17.81 -48.51
C LEU D 154 -8.13 16.29 -48.71
N PHE D 155 -7.44 15.60 -47.80
CA PHE D 155 -7.40 14.14 -47.90
C PHE D 155 -8.80 13.57 -47.78
N ARG D 156 -9.57 14.07 -46.82
CA ARG D 156 -10.90 13.49 -46.63
C ARG D 156 -11.76 13.69 -47.88
N LYS D 157 -11.62 14.83 -48.55
CA LYS D 157 -12.38 15.06 -49.78
C LYS D 157 -11.96 14.10 -50.90
N ARG D 158 -10.65 13.83 -51.03
CA ARG D 158 -10.19 12.83 -52.00
C ARG D 158 -10.70 11.46 -51.64
N GLN D 159 -10.65 11.15 -50.34
CA GLN D 159 -11.03 9.83 -49.93
C GLN D 159 -12.47 9.52 -50.30
N GLU D 160 -13.35 10.50 -50.21
CA GLU D 160 -14.75 10.24 -50.58
C GLU D 160 -14.86 9.72 -52.01
N GLU D 161 -13.97 10.14 -52.88
CA GLU D 161 -14.02 9.80 -54.30
C GLU D 161 -13.06 8.69 -54.75
N ASP D 162 -12.17 8.20 -53.89
CA ASP D 162 -11.09 7.26 -54.26
C ASP D 162 -11.49 5.87 -53.85
N LYS D 163 -11.52 4.94 -54.82
CA LYS D 163 -11.95 3.57 -54.54
C LYS D 163 -10.94 2.80 -53.69
N LEU D 164 -9.69 3.25 -53.63
CA LEU D 164 -8.75 2.53 -52.79
C LEU D 164 -8.81 2.92 -51.31
N LEU D 165 -9.41 4.04 -50.95
CA LEU D 165 -9.11 4.63 -49.65
C LEU D 165 -10.28 4.60 -48.68
N SER D 166 -11.40 4.03 -49.13
CA SER D 166 -12.69 4.18 -48.46
C SER D 166 -12.69 3.72 -47.01
N LYS D 167 -11.98 2.65 -46.70
CA LYS D 167 -11.96 2.05 -45.37
C LYS D 167 -10.67 2.29 -44.61
N HIS D 168 -9.79 3.15 -45.13
CA HIS D 168 -8.53 3.40 -44.46
C HIS D 168 -8.74 4.40 -43.35
N ILE D 169 -7.97 4.25 -42.28
CA ILE D 169 -8.15 5.01 -41.04
C ILE D 169 -7.04 6.05 -40.92
N VAL D 170 -7.41 7.25 -40.46
CA VAL D 170 -6.39 8.28 -40.16
C VAL D 170 -6.58 8.75 -38.72
N GLY D 171 -5.54 8.56 -37.90
CA GLY D 171 -5.48 9.19 -36.61
C GLY D 171 -4.62 10.44 -36.63
N VAL D 172 -4.78 11.24 -35.58
CA VAL D 172 -4.04 12.45 -35.38
C VAL D 172 -3.41 12.42 -34.00
N SER D 173 -2.10 12.55 -33.96
CA SER D 173 -1.36 12.72 -32.71
C SER D 173 -1.21 14.19 -32.36
N ILE D 174 -1.50 14.57 -31.10
CA ILE D 174 -1.53 15.97 -30.70
C ILE D 174 -0.62 16.16 -29.52
N GLY D 175 0.04 17.32 -29.46
CA GLY D 175 0.96 17.65 -28.40
C GLY D 175 1.05 19.14 -28.13
N LYS D 176 2.09 19.60 -27.46
CA LYS D 176 2.13 20.98 -27.03
C LYS D 176 3.32 21.69 -27.67
N ASN D 177 3.14 22.99 -27.93
CA ASN D 177 4.23 23.85 -28.35
C ASN D 177 5.24 23.95 -27.23
N LYS D 178 6.49 24.21 -27.64
CA LYS D 178 7.60 24.14 -26.72
C LYS D 178 7.38 25.11 -25.58
N ASP D 179 6.82 26.29 -25.89
CA ASP D 179 6.67 27.41 -24.95
C ASP D 179 5.51 27.21 -23.97
N THR D 180 4.57 26.33 -24.27
CA THR D 180 3.27 26.32 -23.61
C THR D 180 3.40 25.82 -22.18
N VAL D 181 2.81 26.55 -21.23
CA VAL D 181 2.89 26.18 -19.82
C VAL D 181 1.99 24.97 -19.52
N ASN D 182 0.70 25.04 -19.87
CA ASN D 182 -0.27 23.97 -19.61
C ASN D 182 -0.56 23.23 -20.91
N ILE D 183 -0.18 21.96 -20.95
CA ILE D 183 -0.37 21.14 -22.14
C ILE D 183 -1.86 21.09 -22.52
N VAL D 184 -2.75 21.02 -21.52
CA VAL D 184 -4.15 20.79 -21.82
C VAL D 184 -4.70 21.87 -22.75
N ASP D 185 -4.26 23.13 -22.58
CA ASP D 185 -4.69 24.21 -23.45
C ASP D 185 -4.37 23.91 -24.92
N ASP D 186 -3.17 23.40 -25.20
CA ASP D 186 -2.81 23.08 -26.57
C ASP D 186 -3.63 21.89 -27.08
N LEU D 187 -3.83 20.88 -26.24
CA LEU D 187 -4.62 19.73 -26.67
C LEU D 187 -6.03 20.15 -27.03
N LYS D 188 -6.64 21.05 -26.24
CA LYS D 188 -8.01 21.42 -26.53
C LYS D 188 -8.09 22.23 -27.83
N TYR D 189 -7.12 23.13 -28.06
CA TYR D 189 -7.10 23.84 -29.32
C TYR D 189 -7.12 22.86 -30.49
N CYS D 190 -6.22 21.87 -30.46
CA CYS D 190 -6.12 20.92 -31.55
C CYS D 190 -7.41 20.15 -31.71
N ILE D 191 -8.01 19.68 -30.61
CA ILE D 191 -9.27 18.93 -30.72
C ILE D 191 -10.32 19.78 -31.42
N ASN D 192 -10.50 21.02 -30.99
CA ASN D 192 -11.54 21.85 -31.61
C ASN D 192 -11.24 22.18 -33.07
N LYS D 193 -9.99 22.15 -33.51
CA LYS D 193 -9.70 22.42 -34.92
C LYS D 193 -9.78 21.15 -35.79
N ILE D 194 -9.13 20.07 -35.37
CA ILE D 194 -8.96 18.89 -36.24
C ILE D 194 -9.80 17.69 -35.80
N GLY D 195 -10.45 17.76 -34.66
CA GLY D 195 -10.98 16.53 -34.12
C GLY D 195 -12.03 15.92 -35.03
N ARG D 196 -12.88 16.77 -35.63
CA ARG D 196 -13.97 16.34 -36.50
C ARG D 196 -13.51 15.52 -37.70
N TYR D 197 -12.22 15.58 -38.04
CA TYR D 197 -11.69 14.90 -39.22
C TYR D 197 -10.87 13.67 -38.91
N ALA D 198 -10.71 13.33 -37.64
CA ALA D 198 -9.84 12.27 -37.18
C ALA D 198 -10.68 11.05 -36.86
N ASP D 199 -10.14 9.85 -37.13
CA ASP D 199 -10.81 8.63 -36.71
C ASP D 199 -10.52 8.31 -35.25
N TYR D 200 -9.34 8.75 -34.77
CA TYR D 200 -8.92 8.68 -33.40
C TYR D 200 -7.95 9.81 -33.16
N ILE D 201 -7.78 10.13 -31.89
CA ILE D 201 -6.82 11.12 -31.43
C ILE D 201 -5.80 10.40 -30.54
N ALA D 202 -4.52 10.56 -30.83
CA ALA D 202 -3.45 10.03 -29.98
C ALA D 202 -2.89 11.16 -29.12
N ILE D 203 -2.99 11.01 -27.82
CA ILE D 203 -2.42 12.00 -26.91
C ILE D 203 -0.95 11.71 -26.72
N ASN D 204 -0.06 12.64 -27.10
CA ASN D 204 1.38 12.38 -27.02
C ASN D 204 1.98 12.98 -25.74
N VAL D 205 2.12 12.15 -24.71
CA VAL D 205 2.77 12.53 -23.45
C VAL D 205 4.14 11.88 -23.34
N SER D 206 4.68 11.39 -24.44
CA SER D 206 5.90 10.60 -24.31
C SER D 206 7.07 10.97 -25.22
N SER D 207 7.00 12.03 -25.99
CA SER D 207 8.18 12.43 -26.73
C SER D 207 9.33 12.71 -25.76
N PRO D 208 10.54 12.19 -25.99
CA PRO D 208 11.68 12.56 -25.12
C PRO D 208 12.32 13.88 -25.49
N ASN D 209 11.78 14.60 -26.46
CA ASN D 209 12.45 15.74 -27.03
C ASN D 209 11.71 17.04 -26.77
N THR D 210 10.70 17.04 -25.92
CA THR D 210 10.13 18.31 -25.43
C THR D 210 10.27 18.33 -23.91
N PRO D 211 11.05 19.29 -23.38
CA PRO D 211 11.29 19.32 -21.92
C PRO D 211 9.99 19.29 -21.14
N GLY D 212 9.98 18.48 -20.07
CA GLY D 212 8.83 18.31 -19.19
C GLY D 212 7.68 17.49 -19.72
N LEU D 213 7.67 17.17 -21.01
CA LEU D 213 6.50 16.50 -21.57
C LEU D 213 6.21 15.19 -20.84
N ARG D 214 7.24 14.42 -20.52
CA ARG D 214 6.99 13.06 -20.04
C ARG D 214 6.56 13.03 -18.57
N ASP D 215 6.76 14.11 -17.80
CA ASP D 215 6.19 14.13 -16.46
C ASP D 215 4.65 14.20 -16.48
N ASN D 216 4.05 14.43 -17.65
CA ASN D 216 2.61 14.30 -17.77
C ASN D 216 2.14 12.85 -17.76
N GLN D 217 3.06 11.89 -17.71
CA GLN D 217 2.68 10.49 -17.48
C GLN D 217 2.44 10.15 -16.01
N GLU D 218 2.80 11.06 -15.09
CA GLU D 218 2.39 10.92 -13.70
C GLU D 218 0.87 10.83 -13.61
N ALA D 219 0.39 9.91 -12.77
CA ALA D 219 -1.01 9.48 -12.78
C ALA D 219 -1.94 10.68 -12.73
N GLY D 220 -1.72 11.56 -11.76
CA GLY D 220 -2.53 12.74 -11.54
C GLY D 220 -2.64 13.59 -12.78
N LYS D 221 -1.50 14.07 -13.31
CA LYS D 221 -1.56 14.89 -14.51
C LYS D 221 -2.22 14.13 -15.65
N LEU D 222 -1.88 12.84 -15.80
CA LEU D 222 -2.37 12.10 -16.97
C LEU D 222 -3.90 11.97 -16.94
N LYS D 223 -4.47 11.70 -15.74
CA LYS D 223 -5.92 11.56 -15.64
C LYS D 223 -6.63 12.87 -15.98
N ASN D 224 -6.12 13.98 -15.48
CA ASN D 224 -6.69 15.28 -15.89
C ASN D 224 -6.60 15.48 -17.40
N ILE D 225 -5.48 15.02 -18.00
CA ILE D 225 -5.28 15.25 -19.44
C ILE D 225 -6.30 14.43 -20.20
N ILE D 226 -6.43 13.16 -19.85
CA ILE D 226 -7.31 12.30 -20.60
C ILE D 226 -8.76 12.80 -20.50
N LEU D 227 -9.19 13.18 -19.28
CA LEU D 227 -10.56 13.63 -19.08
C LEU D 227 -10.87 14.90 -19.85
N SER D 228 -9.95 15.88 -19.83
CA SER D 228 -10.15 17.11 -20.58
C SER D 228 -10.24 16.83 -22.08
N VAL D 229 -9.39 15.94 -22.58
CA VAL D 229 -9.45 15.61 -23.99
C VAL D 229 -10.81 14.98 -24.33
N LYS D 230 -11.27 13.99 -23.50
CA LYS D 230 -12.54 13.33 -23.79
C LYS D 230 -13.71 14.30 -23.71
N GLU D 231 -13.70 15.19 -22.72
CA GLU D 231 -14.75 16.18 -22.60
C GLU D 231 -14.79 17.06 -23.84
N GLU D 232 -13.61 17.45 -24.33
CA GLU D 232 -13.56 18.41 -25.42
C GLU D 232 -14.10 17.75 -26.68
N ILE D 233 -13.80 16.45 -26.87
CA ILE D 233 -14.33 15.71 -28.00
C ILE D 233 -15.83 15.53 -27.85
N ASP D 234 -16.28 15.18 -26.65
CA ASP D 234 -17.71 15.04 -26.40
C ASP D 234 -18.47 16.34 -26.67
N ASN D 235 -17.85 17.49 -26.41
CA ASN D 235 -18.51 18.77 -26.67
C ASN D 235 -18.52 19.20 -28.13
N LEU D 236 -17.77 18.53 -29.00
CA LEU D 236 -17.74 18.90 -30.42
C LEU D 236 -19.12 18.79 -31.05
N GLU D 237 -19.88 17.75 -30.70
CA GLU D 237 -21.23 17.66 -31.27
C GLU D 237 -22.14 18.72 -30.67
N LYS D 238 -22.17 18.83 -29.34
CA LYS D 238 -23.05 19.83 -28.75
C LYS D 238 -22.72 21.25 -29.18
N ASN D 239 -21.59 21.45 -29.86
CA ASN D 239 -21.36 22.69 -30.60
C ASN D 239 -21.54 22.43 -32.12
N PHE D 276 -22.37 14.68 -41.38
CA PHE D 276 -21.94 16.08 -41.52
C PHE D 276 -20.83 16.39 -40.48
N LEU D 277 -21.11 16.23 -39.18
CA LEU D 277 -20.12 16.56 -38.16
C LEU D 277 -18.84 15.74 -38.32
N TRP D 278 -18.95 14.41 -38.38
CA TRP D 278 -17.75 13.56 -38.41
C TRP D 278 -17.36 13.34 -39.86
N PHE D 279 -16.39 14.13 -40.36
CA PHE D 279 -15.90 14.00 -41.74
C PHE D 279 -14.65 13.14 -41.70
N ASN D 280 -14.88 11.86 -41.41
CA ASN D 280 -13.80 10.87 -41.23
C ASN D 280 -14.27 9.55 -41.81
N THR D 281 -13.53 8.48 -41.53
CA THR D 281 -13.89 7.19 -42.11
C THR D 281 -15.08 6.56 -41.42
N THR D 282 -15.10 6.62 -40.09
CA THR D 282 -16.06 5.95 -39.25
C THR D 282 -17.40 6.65 -39.24
N LYS D 283 -17.43 7.95 -39.54
CA LYS D 283 -18.59 8.81 -39.31
C LYS D 283 -19.02 8.81 -37.85
N LYS D 284 -18.06 8.68 -36.94
CA LYS D 284 -18.31 8.66 -35.51
C LYS D 284 -17.25 9.50 -34.85
N LYS D 285 -17.55 9.88 -33.59
CA LYS D 285 -16.59 10.61 -32.77
C LYS D 285 -15.26 9.87 -32.73
N PRO D 286 -14.13 10.58 -32.73
CA PRO D 286 -12.83 9.91 -32.64
C PRO D 286 -12.64 9.23 -31.30
N LEU D 287 -12.08 8.03 -31.38
CA LEU D 287 -11.58 7.33 -30.21
C LEU D 287 -10.38 8.10 -29.64
N VAL D 288 -10.04 7.81 -28.39
CA VAL D 288 -8.90 8.48 -27.71
C VAL D 288 -7.89 7.43 -27.29
N PHE D 289 -6.67 7.57 -27.78
CA PHE D 289 -5.56 6.71 -27.35
C PHE D 289 -4.53 7.57 -26.59
N VAL D 290 -3.71 6.93 -25.76
CA VAL D 290 -2.55 7.62 -25.21
C VAL D 290 -1.29 6.91 -25.68
N LYS D 291 -0.23 7.67 -25.97
CA LYS D 291 1.04 7.07 -26.35
C LYS D 291 2.02 7.19 -25.18
N LEU D 292 2.55 6.06 -24.76
CA LEU D 292 3.45 6.01 -23.60
C LEU D 292 4.90 5.78 -23.97
N ALA D 293 5.81 6.24 -23.08
CA ALA D 293 7.25 6.07 -23.15
C ALA D 293 7.61 4.76 -22.49
N PRO D 294 8.63 4.06 -23.01
CA PRO D 294 9.05 2.80 -22.38
C PRO D 294 9.85 3.02 -21.13
N ASP D 295 10.33 4.24 -20.88
CA ASP D 295 11.28 4.51 -19.80
C ASP D 295 10.53 4.90 -18.53
N LEU D 296 9.95 3.88 -17.91
CA LEU D 296 9.18 4.01 -16.69
C LEU D 296 9.48 2.82 -15.81
N ASN D 297 9.29 2.98 -14.49
CA ASN D 297 9.46 1.87 -13.58
C ASN D 297 8.11 1.19 -13.34
N GLN D 298 8.14 0.03 -12.67
CA GLN D 298 6.94 -0.79 -12.52
C GLN D 298 5.81 -0.03 -11.82
N GLU D 299 6.14 0.76 -10.80
CA GLU D 299 5.09 1.46 -10.07
C GLU D 299 4.45 2.52 -10.93
N GLN D 300 5.27 3.23 -11.72
CA GLN D 300 4.69 4.19 -12.67
C GLN D 300 3.75 3.48 -13.63
N LYS D 301 4.13 2.30 -14.12
CA LYS D 301 3.29 1.62 -15.11
C LYS D 301 1.98 1.15 -14.50
N LYS D 302 2.00 0.67 -13.24
CA LYS D 302 0.77 0.26 -12.54
C LYS D 302 -0.16 1.47 -12.34
N GLU D 303 0.38 2.59 -11.88
CA GLU D 303 -0.50 3.71 -11.62
C GLU D 303 -1.08 4.27 -12.91
N ILE D 304 -0.31 4.22 -14.01
CA ILE D 304 -0.88 4.63 -15.31
C ILE D 304 -1.97 3.66 -15.71
N ALA D 305 -1.69 2.36 -15.62
CA ALA D 305 -2.71 1.37 -15.98
C ALA D 305 -4.02 1.67 -15.25
N ASP D 306 -3.94 1.94 -13.94
CA ASP D 306 -5.13 2.27 -13.14
C ASP D 306 -5.86 3.49 -13.70
N VAL D 307 -5.12 4.50 -14.16
CA VAL D 307 -5.74 5.72 -14.68
C VAL D 307 -6.41 5.44 -16.03
N LEU D 308 -5.76 4.64 -16.87
CA LEU D 308 -6.34 4.31 -18.16
C LEU D 308 -7.64 3.53 -17.98
N LEU D 309 -7.69 2.65 -16.98
CA LEU D 309 -8.93 1.94 -16.67
C LEU D 309 -10.01 2.90 -16.14
N GLU D 310 -9.63 3.75 -15.16
CA GLU D 310 -10.59 4.67 -14.57
C GLU D 310 -11.21 5.60 -15.61
N THR D 311 -10.39 6.08 -16.55
CA THR D 311 -10.83 7.07 -17.54
C THR D 311 -11.49 6.44 -18.75
N ASN D 312 -11.51 5.12 -18.84
CA ASN D 312 -12.12 4.42 -19.97
CA ASN D 312 -12.13 4.43 -19.96
C ASN D 312 -11.46 4.84 -21.29
N ILE D 313 -10.14 4.99 -21.29
CA ILE D 313 -9.48 5.29 -22.55
C ILE D 313 -9.73 4.14 -23.51
N ASP D 314 -9.77 4.43 -24.83
CA ASP D 314 -10.05 3.44 -25.87
C ASP D 314 -8.84 2.61 -26.33
N GLY D 315 -7.63 3.10 -26.11
CA GLY D 315 -6.44 2.32 -26.43
C GLY D 315 -5.19 2.99 -25.90
N MET D 316 -4.13 2.21 -25.91
CA MET D 316 -2.82 2.71 -25.53
C MET D 316 -1.82 2.29 -26.62
N ILE D 317 -0.97 3.23 -27.00
CA ILE D 317 0.07 3.02 -27.99
C ILE D 317 1.34 2.75 -27.19
N ILE D 318 1.89 1.56 -27.35
CA ILE D 318 3.06 1.09 -26.60
C ILE D 318 4.06 0.68 -27.66
N SER D 319 5.07 1.50 -27.96
CA SER D 319 5.42 2.66 -27.22
C SER D 319 6.22 3.67 -28.07
N ASN D 320 6.65 4.74 -27.42
CA ASN D 320 7.46 5.77 -28.05
C ASN D 320 8.91 5.35 -27.96
N THR D 321 9.81 6.27 -28.30
CA THR D 321 11.24 6.00 -28.35
C THR D 321 11.84 5.90 -26.94
N THR D 322 13.02 5.31 -26.85
CA THR D 322 13.63 5.14 -25.53
C THR D 322 14.87 6.01 -25.40
N THR D 323 15.16 6.45 -24.15
CA THR D 323 16.36 7.19 -23.78
C THR D 323 17.44 6.27 -23.22
N GLN D 324 17.17 4.98 -23.09
CA GLN D 324 17.99 4.12 -22.26
C GLN D 324 18.94 3.23 -23.03
N ILE D 325 19.02 3.37 -24.33
CA ILE D 325 19.97 2.60 -25.12
C ILE D 325 21.23 3.44 -25.28
N ASN D 326 22.28 3.04 -24.59
CA ASN D 326 23.61 3.64 -24.73
C ASN D 326 24.59 2.60 -25.26
N ASP D 327 24.06 1.68 -26.04
CA ASP D 327 24.75 0.52 -26.55
C ASP D 327 25.33 0.75 -27.93
N ILE D 328 25.04 1.90 -28.56
CA ILE D 328 25.21 2.12 -30.00
C ILE D 328 26.33 3.12 -30.21
N LYS D 329 27.44 2.67 -30.80
CA LYS D 329 28.66 3.47 -30.81
C LYS D 329 28.43 4.76 -31.58
N SER D 330 27.82 4.68 -32.75
CA SER D 330 27.65 5.88 -33.57
C SER D 330 26.66 6.87 -32.98
N PHE D 331 25.92 6.52 -31.92
CA PHE D 331 25.00 7.42 -31.23
C PHE D 331 25.59 8.01 -29.94
N GLU D 332 26.83 7.70 -29.59
CA GLU D 332 27.35 8.20 -28.31
C GLU D 332 27.35 9.74 -28.24
N ASN D 333 27.64 10.41 -29.36
CA ASN D 333 27.60 11.86 -29.45
C ASN D 333 26.19 12.48 -29.50
N LYS D 334 25.14 11.70 -29.72
CA LYS D 334 23.87 12.23 -30.16
C LYS D 334 22.83 12.19 -29.06
N LYS D 335 21.84 13.06 -29.16
CA LYS D 335 20.79 13.22 -28.18
C LYS D 335 19.47 12.73 -28.80
N GLY D 336 18.51 12.36 -27.95
CA GLY D 336 17.16 12.04 -28.40
C GLY D 336 16.71 10.64 -28.03
N GLY D 337 15.69 10.18 -28.71
CA GLY D 337 15.10 8.87 -28.44
C GLY D 337 15.45 7.89 -29.55
N VAL D 338 15.64 6.62 -29.16
CA VAL D 338 16.08 5.59 -30.08
C VAL D 338 14.87 4.77 -30.50
N SER D 339 14.82 4.46 -31.79
CA SER D 339 13.82 3.64 -32.43
C SER D 339 14.51 2.42 -33.00
N GLY D 340 13.68 1.46 -33.40
CA GLY D 340 14.19 0.41 -34.25
C GLY D 340 14.46 -0.87 -33.50
N ALA D 341 15.42 -1.65 -34.01
CA ALA D 341 15.56 -3.05 -33.58
C ALA D 341 15.92 -3.14 -32.12
N LYS D 342 16.74 -2.21 -31.62
CA LYS D 342 17.13 -2.32 -30.20
C LYS D 342 16.02 -1.85 -29.24
N LEU D 343 14.93 -1.33 -29.78
CA LEU D 343 13.77 -1.03 -28.98
C LEU D 343 12.75 -2.17 -28.92
N LYS D 344 12.92 -3.20 -29.74
CA LYS D 344 11.84 -4.18 -29.86
C LYS D 344 11.56 -4.89 -28.53
N ASP D 345 12.60 -5.53 -27.95
CA ASP D 345 12.43 -6.30 -26.72
C ASP D 345 11.85 -5.43 -25.60
N ILE D 346 12.35 -4.19 -25.48
CA ILE D 346 11.91 -3.28 -24.42
C ILE D 346 10.40 -3.03 -24.56
N SER D 347 9.97 -2.70 -25.75
CA SER D 347 8.58 -2.35 -25.95
C SER D 347 7.65 -3.57 -25.94
N THR D 348 8.11 -4.72 -26.41
CA THR D 348 7.26 -5.90 -26.27
C THR D 348 7.02 -6.24 -24.80
N LYS D 349 8.07 -6.24 -23.99
CA LYS D 349 7.88 -6.52 -22.58
C LYS D 349 6.88 -5.54 -21.95
N PHE D 350 6.93 -4.29 -22.38
CA PHE D 350 6.03 -3.24 -21.89
C PHE D 350 4.60 -3.52 -22.31
N ILE D 351 4.42 -4.03 -23.53
CA ILE D 351 3.11 -4.50 -23.91
C ILE D 351 2.61 -5.56 -22.94
N CYS D 352 3.41 -6.61 -22.69
CA CYS D 352 3.05 -7.65 -21.73
C CYS D 352 2.61 -7.06 -20.41
N GLU D 353 3.40 -6.13 -19.88
CA GLU D 353 3.14 -5.63 -18.51
C GLU D 353 1.83 -4.85 -18.49
N MET D 354 1.63 -3.96 -19.47
CA MET D 354 0.41 -3.13 -19.49
C MET D 354 -0.82 -3.96 -19.81
N TYR D 355 -0.69 -4.98 -20.66
CA TYR D 355 -1.84 -5.87 -20.90
C TYR D 355 -2.30 -6.52 -19.60
N ASN D 356 -1.36 -6.90 -18.75
CA ASN D 356 -1.74 -7.52 -17.49
C ASN D 356 -2.21 -6.47 -16.51
N TYR D 357 -1.48 -5.35 -16.39
CA TYR D 357 -1.87 -4.34 -15.40
C TYR D 357 -3.27 -3.78 -15.66
N THR D 358 -3.72 -3.74 -16.90
CA THR D 358 -5.07 -3.30 -17.27
C THR D 358 -6.05 -4.48 -17.41
N ASN D 359 -5.67 -5.66 -16.97
CA ASN D 359 -6.60 -6.79 -16.98
CA ASN D 359 -6.58 -6.81 -16.98
C ASN D 359 -7.14 -7.05 -18.38
N LYS D 360 -6.31 -6.86 -19.40
CA LYS D 360 -6.71 -7.13 -20.78
C LYS D 360 -7.90 -6.28 -21.26
N GLN D 361 -8.24 -5.18 -20.59
CA GLN D 361 -9.43 -4.39 -20.97
C GLN D 361 -9.18 -3.19 -21.89
N ILE D 362 -7.93 -2.79 -22.09
CA ILE D 362 -7.59 -1.66 -22.95
C ILE D 362 -6.83 -2.13 -24.19
N PRO D 363 -7.38 -1.95 -25.38
CA PRO D 363 -6.68 -2.38 -26.60
C PRO D 363 -5.32 -1.71 -26.77
N ILE D 364 -4.39 -2.46 -27.34
CA ILE D 364 -3.01 -2.01 -27.48
C ILE D 364 -2.68 -1.84 -28.95
N ILE D 365 -2.01 -0.74 -29.26
CA ILE D 365 -1.44 -0.44 -30.58
C ILE D 365 0.06 -0.57 -30.40
N ALA D 366 0.69 -1.55 -31.07
CA ALA D 366 2.13 -1.74 -30.89
C ALA D 366 3.01 -0.83 -31.75
N SER D 367 4.07 -0.31 -31.15
CA SER D 367 5.08 0.47 -31.85
C SER D 367 6.45 0.16 -31.22
N GLY D 368 7.39 -0.24 -32.05
CA GLY D 368 8.75 -0.37 -31.56
C GLY D 368 9.45 -1.58 -32.12
N GLY D 369 10.31 -1.32 -33.08
CA GLY D 369 11.18 -2.39 -33.50
C GLY D 369 10.49 -3.49 -34.31
N ILE D 370 9.39 -3.18 -34.99
CA ILE D 370 8.71 -4.18 -35.81
C ILE D 370 9.24 -4.10 -37.25
N PHE D 371 9.96 -5.16 -37.67
CA PHE D 371 10.44 -5.27 -39.04
C PHE D 371 9.87 -6.44 -39.83
N SER D 372 9.54 -7.54 -39.19
CA SER D 372 9.15 -8.78 -39.87
C SER D 372 7.80 -9.28 -39.39
N GLY D 373 7.27 -10.29 -40.09
CA GLY D 373 6.03 -10.83 -39.63
C GLY D 373 6.20 -11.43 -38.24
N LEU D 374 7.38 -12.03 -38.00
CA LEU D 374 7.69 -12.61 -36.69
C LEU D 374 7.65 -11.57 -35.60
N ASP D 375 8.22 -10.38 -35.84
CA ASP D 375 8.11 -9.31 -34.86
C ASP D 375 6.66 -8.91 -34.63
N ALA D 376 5.89 -8.79 -35.71
CA ALA D 376 4.48 -8.41 -35.59
C ALA D 376 3.72 -9.44 -34.75
N LEU D 377 3.95 -10.72 -35.01
CA LEU D 377 3.26 -11.78 -34.30
C LEU D 377 3.59 -11.73 -32.81
N GLU D 378 4.85 -11.45 -32.47
CA GLU D 378 5.29 -11.32 -31.08
C GLU D 378 4.52 -10.21 -30.37
N LYS D 379 4.36 -9.04 -31.02
CA LYS D 379 3.57 -7.95 -30.47
C LYS D 379 2.11 -8.34 -30.27
N ILE D 380 1.53 -9.04 -31.25
CA ILE D 380 0.10 -9.39 -31.19
C ILE D 380 -0.12 -10.42 -30.07
N GLU D 381 0.77 -11.42 -29.99
CA GLU D 381 0.62 -12.48 -28.96
C GLU D 381 0.89 -11.90 -27.59
N ALA D 382 1.71 -10.86 -27.53
CA ALA D 382 1.94 -10.15 -26.28
C ALA D 382 0.72 -9.38 -25.83
N GLY D 383 -0.18 -9.05 -26.76
CA GLY D 383 -1.39 -8.31 -26.42
C GLY D 383 -1.85 -7.18 -27.34
N ALA D 384 -1.11 -6.94 -28.40
CA ALA D 384 -1.48 -5.87 -29.32
C ALA D 384 -2.57 -6.33 -30.32
N SER D 385 -3.47 -5.41 -30.65
CA SER D 385 -4.47 -5.63 -31.68
C SER D 385 -4.01 -5.23 -33.07
N VAL D 386 -3.08 -4.27 -33.17
CA VAL D 386 -2.62 -3.70 -34.42
C VAL D 386 -1.19 -3.17 -34.24
N CYS D 387 -0.44 -3.11 -35.35
CA CYS D 387 0.98 -2.72 -35.34
C CYS D 387 1.23 -1.44 -36.14
N GLN D 388 2.12 -0.60 -35.65
CA GLN D 388 2.61 0.59 -36.36
C GLN D 388 4.06 0.40 -36.75
N LEU D 389 4.41 0.79 -37.97
CA LEU D 389 5.78 0.75 -38.45
C LEU D 389 6.32 2.15 -38.58
N TYR D 390 7.64 2.26 -38.53
CA TYR D 390 8.38 3.48 -38.81
C TYR D 390 9.76 3.04 -39.29
N SER D 391 10.60 2.54 -38.37
CA SER D 391 11.94 2.15 -38.77
C SER D 391 11.95 1.12 -39.92
N CYS D 392 10.96 0.24 -39.96
CA CYS D 392 10.84 -0.73 -41.06
C CYS D 392 10.80 -0.04 -42.43
N LEU D 393 10.07 1.08 -42.53
CA LEU D 393 10.02 1.82 -43.78
C LEU D 393 11.36 2.44 -44.10
N VAL D 394 12.08 2.85 -43.07
CA VAL D 394 13.40 3.45 -43.28
C VAL D 394 14.37 2.41 -43.83
N PHE D 395 14.37 1.23 -43.25
CA PHE D 395 15.44 0.30 -43.57
C PHE D 395 15.06 -0.73 -44.60
N ASN D 396 13.75 -1.01 -44.76
CA ASN D 396 13.25 -1.85 -45.83
C ASN D 396 12.55 -1.11 -46.97
N GLY D 397 12.21 0.18 -46.83
CA GLY D 397 11.72 0.94 -47.96
C GLY D 397 10.31 0.58 -48.43
N MET D 398 10.14 0.71 -49.73
CA MET D 398 8.80 0.75 -50.35
C MET D 398 8.04 -0.55 -50.16
N LYS D 399 8.75 -1.67 -50.12
CA LYS D 399 8.13 -2.99 -50.03
C LYS D 399 7.64 -3.36 -48.63
N SER D 400 7.82 -2.47 -47.64
CA SER D 400 7.64 -2.85 -46.24
C SER D 400 6.27 -3.48 -45.95
N ALA D 401 5.19 -2.83 -46.38
CA ALA D 401 3.83 -3.31 -46.06
C ALA D 401 3.52 -4.61 -46.79
N VAL D 402 3.81 -4.68 -48.09
CA VAL D 402 3.55 -5.91 -48.82
C VAL D 402 4.26 -7.08 -48.17
N GLN D 403 5.55 -6.89 -47.88
CA GLN D 403 6.37 -7.99 -47.35
C GLN D 403 5.89 -8.43 -45.96
N ILE D 404 5.63 -7.48 -45.05
CA ILE D 404 5.29 -7.86 -43.70
C ILE D 404 3.90 -8.47 -43.60
N LYS D 405 2.96 -8.05 -44.42
CA LYS D 405 1.63 -8.69 -44.43
C LYS D 405 1.72 -10.12 -44.89
N ARG D 406 2.54 -10.39 -45.91
CA ARG D 406 2.72 -11.77 -46.37
C ARG D 406 3.36 -12.62 -45.28
N GLU D 407 4.42 -12.11 -44.68
CA GLU D 407 5.10 -12.87 -43.65
C GLU D 407 4.15 -13.17 -42.50
N LEU D 408 3.38 -12.18 -42.03
CA LEU D 408 2.46 -12.42 -40.94
C LEU D 408 1.43 -13.45 -41.34
N ASN D 409 0.87 -13.35 -42.54
CA ASN D 409 -0.13 -14.37 -42.91
C ASN D 409 0.45 -15.77 -42.84
N HIS D 410 1.65 -15.96 -43.34
CA HIS D 410 2.27 -17.27 -43.28
C HIS D 410 2.40 -17.78 -41.85
N LEU D 411 2.70 -16.89 -40.88
CA LEU D 411 2.91 -17.31 -39.50
C LEU D 411 1.58 -17.60 -38.79
N LEU D 412 0.56 -16.85 -39.10
CA LEU D 412 -0.76 -17.19 -38.57
C LEU D 412 -1.16 -18.58 -39.01
N TYR D 413 -0.87 -18.92 -40.25
CA TYR D 413 -1.15 -20.25 -40.75
C TYR D 413 -0.30 -21.32 -40.05
N GLN D 414 1.01 -21.06 -39.92
CA GLN D 414 1.92 -21.98 -39.25
C GLN D 414 1.50 -22.26 -37.82
N ARG D 415 1.03 -21.23 -37.09
CA ARG D 415 0.49 -21.34 -35.75
C ARG D 415 -0.86 -22.11 -35.71
N GLY D 416 -1.60 -22.22 -36.83
CA GLY D 416 -2.93 -22.84 -36.78
C GLY D 416 -4.06 -21.90 -36.39
N TYR D 417 -3.81 -20.60 -36.38
CA TYR D 417 -4.87 -19.70 -36.01
C TYR D 417 -5.87 -19.61 -37.13
N TYR D 418 -7.14 -19.49 -36.77
CA TYR D 418 -8.14 -19.21 -37.80
C TYR D 418 -8.03 -17.77 -38.31
N ASN D 419 -7.80 -16.81 -37.41
CA ASN D 419 -7.59 -15.42 -37.84
C ASN D 419 -6.75 -14.69 -36.82
N LEU D 420 -6.40 -13.46 -37.17
CA LEU D 420 -5.48 -12.74 -36.30
C LEU D 420 -6.10 -12.51 -34.93
N LYS D 421 -7.37 -12.21 -34.87
CA LYS D 421 -7.99 -11.91 -33.57
C LYS D 421 -7.73 -13.02 -32.56
N GLU D 422 -7.71 -14.29 -33.02
CA GLU D 422 -7.43 -15.43 -32.13
C GLU D 422 -6.06 -15.29 -31.46
N ALA D 423 -5.10 -14.65 -32.11
CA ALA D 423 -3.72 -14.60 -31.60
C ALA D 423 -3.51 -13.50 -30.55
N ILE D 424 -4.43 -12.54 -30.47
CA ILE D 424 -4.25 -11.40 -29.58
C ILE D 424 -4.13 -11.85 -28.13
N GLY D 425 -2.98 -11.57 -27.52
CA GLY D 425 -2.78 -11.92 -26.12
C GLY D 425 -2.54 -13.37 -25.82
N ARG D 426 -2.34 -14.20 -26.83
CA ARG D 426 -2.26 -15.63 -26.57
C ARG D 426 -1.01 -16.02 -25.80
N LYS D 427 -0.01 -15.16 -25.70
CA LYS D 427 1.10 -15.47 -24.80
C LYS D 427 0.66 -15.53 -23.33
N HIS D 428 -0.52 -15.06 -22.99
CA HIS D 428 -0.96 -15.08 -21.59
C HIS D 428 -2.02 -16.12 -21.27
#